data_4F8G
# 
_entry.id   4F8G 
# 
_audit_conform.dict_name       mmcif_pdbx.dic 
_audit_conform.dict_version    5.387 
_audit_conform.dict_location   http://mmcif.pdb.org/dictionaries/ascii/mmcif_pdbx.dic 
# 
loop_
_database_2.database_id 
_database_2.database_code 
_database_2.pdbx_database_accession 
_database_2.pdbx_DOI 
PDB   4F8G         pdb_00004f8g 10.2210/pdb4f8g/pdb 
NDB   NA1789       ?            ?                   
RCSB  RCSB072586   ?            ?                   
WWPDB D_1000072586 ?            ?                   
# 
loop_
_pdbx_audit_revision_history.ordinal 
_pdbx_audit_revision_history.data_content_type 
_pdbx_audit_revision_history.major_revision 
_pdbx_audit_revision_history.minor_revision 
_pdbx_audit_revision_history.revision_date 
1 'Structure model' 1 0 2012-07-25 
2 'Structure model' 1 1 2012-08-15 
3 'Structure model' 1 2 2024-02-28 
# 
_pdbx_audit_revision_details.ordinal             1 
_pdbx_audit_revision_details.revision_ordinal    1 
_pdbx_audit_revision_details.data_content_type   'Structure model' 
_pdbx_audit_revision_details.provider            repository 
_pdbx_audit_revision_details.type                'Initial release' 
_pdbx_audit_revision_details.description         ? 
_pdbx_audit_revision_details.details             ? 
# 
loop_
_pdbx_audit_revision_group.ordinal 
_pdbx_audit_revision_group.revision_ordinal 
_pdbx_audit_revision_group.data_content_type 
_pdbx_audit_revision_group.group 
1 2 'Structure model' 'Database references'  
2 3 'Structure model' 'Data collection'      
3 3 'Structure model' 'Database references'  
4 3 'Structure model' 'Derived calculations' 
# 
loop_
_pdbx_audit_revision_category.ordinal 
_pdbx_audit_revision_category.revision_ordinal 
_pdbx_audit_revision_category.data_content_type 
_pdbx_audit_revision_category.category 
1 3 'Structure model' chem_comp_atom 
2 3 'Structure model' chem_comp_bond 
3 3 'Structure model' database_2     
4 3 'Structure model' struct_site    
# 
loop_
_pdbx_audit_revision_item.ordinal 
_pdbx_audit_revision_item.revision_ordinal 
_pdbx_audit_revision_item.data_content_type 
_pdbx_audit_revision_item.item 
1 3 'Structure model' '_database_2.pdbx_DOI'                
2 3 'Structure model' '_database_2.pdbx_database_accession' 
3 3 'Structure model' '_struct_site.pdbx_auth_asym_id'      
4 3 'Structure model' '_struct_site.pdbx_auth_comp_id'      
5 3 'Structure model' '_struct_site.pdbx_auth_seq_id'       
# 
_pdbx_database_status.status_code                     REL 
_pdbx_database_status.entry_id                        4F8G 
_pdbx_database_status.recvd_initial_deposition_date   2012-05-17 
_pdbx_database_status.deposit_site                    RCSB 
_pdbx_database_status.process_site                    RCSB 
_pdbx_database_status.status_code_sf                  REL 
_pdbx_database_status.status_code_mr                  ? 
_pdbx_database_status.SG_entry                        ? 
_pdbx_database_status.status_code_cs                  ? 
_pdbx_database_status.methods_development_category    ? 
_pdbx_database_status.pdb_format_compatible           Y 
_pdbx_database_status.status_code_nmr_data            ? 
# 
_pdbx_database_related.db_name        PDB 
_pdbx_database_related.db_id          4F8I 
_pdbx_database_related.details        . 
_pdbx_database_related.content_type   unspecified 
# 
loop_
_audit_author.name 
_audit_author.pdbx_ordinal 
'Paukstelis, P.J.' 1 
'Muser, S.E.'      2 
# 
_citation.id                        primary 
_citation.title                     'Three-Dimensional DNA Crystals with pH-Responsive Noncanonical Junctions.' 
_citation.journal_abbrev            J.Am.Chem.Soc. 
_citation.journal_volume            134 
_citation.page_first                12557 
_citation.page_last                 12564 
_citation.year                      2012 
_citation.journal_id_ASTM           JACSAT 
_citation.country                   US 
_citation.journal_id_ISSN           0002-7863 
_citation.journal_id_CSD            0004 
_citation.book_publisher            ? 
_citation.pdbx_database_id_PubMed   22768973 
_citation.pdbx_database_id_DOI      10.1021/ja3025033 
# 
loop_
_citation_author.citation_id 
_citation_author.name 
_citation_author.ordinal 
_citation_author.identifier_ORCID 
primary 'Muser, S.E.'      1 ? 
primary 'Paukstelis, P.J.' 2 ? 
# 
loop_
_entity.id 
_entity.type 
_entity.src_method 
_entity.pdbx_description 
_entity.formula_weight 
_entity.pdbx_number_of_molecules 
_entity.pdbx_ec 
_entity.pdbx_mutation 
_entity.pdbx_fragment 
_entity.details 
1 polymer     syn 
;DNA (5'-D(*G*CP*GP*AP*AP*AP*GP*GP*GP*CP*AP*CP*GP*TP*GP*CP*CP*CP*T)-3')
;
5855.787 1  ? ? ? ? 
2 non-polymer syn 'COBALT HEXAMMINE(III)'                                                  161.116  2  ? ? ? ? 
3 water       nat water                                                                    18.015   75 ? ? ? ? 
# 
_entity_poly.entity_id                      1 
_entity_poly.type                           polydeoxyribonucleotide 
_entity_poly.nstd_linkage                   no 
_entity_poly.nstd_monomer                   no 
_entity_poly.pdbx_seq_one_letter_code       '(DG)(DC)(DG)(DA)(DA)(DA)(DG)(DG)(DG)(DC)(DA)(DC)(DG)(DT)(DG)(DC)(DC)(DC)(DT)' 
_entity_poly.pdbx_seq_one_letter_code_can   GCGAAAGGGCACGTGCCCT 
_entity_poly.pdbx_strand_id                 A 
_entity_poly.pdbx_target_identifier         ? 
# 
loop_
_pdbx_entity_nonpoly.entity_id 
_pdbx_entity_nonpoly.name 
_pdbx_entity_nonpoly.comp_id 
2 'COBALT HEXAMMINE(III)' NCO 
3 water                   HOH 
# 
loop_
_entity_poly_seq.entity_id 
_entity_poly_seq.num 
_entity_poly_seq.mon_id 
_entity_poly_seq.hetero 
1 1  DG n 
1 2  DC n 
1 3  DG n 
1 4  DA n 
1 5  DA n 
1 6  DA n 
1 7  DG n 
1 8  DG n 
1 9  DG n 
1 10 DC n 
1 11 DA n 
1 12 DC n 
1 13 DG n 
1 14 DT n 
1 15 DG n 
1 16 DC n 
1 17 DC n 
1 18 DC n 
1 19 DT n 
# 
loop_
_chem_comp.id 
_chem_comp.type 
_chem_comp.mon_nstd_flag 
_chem_comp.name 
_chem_comp.pdbx_synonyms 
_chem_comp.formula 
_chem_comp.formula_weight 
DA  'DNA linking' y "2'-DEOXYADENOSINE-5'-MONOPHOSPHATE" ? 'C10 H14 N5 O6 P' 331.222 
DC  'DNA linking' y "2'-DEOXYCYTIDINE-5'-MONOPHOSPHATE"  ? 'C9 H14 N3 O7 P'  307.197 
DG  'DNA linking' y "2'-DEOXYGUANOSINE-5'-MONOPHOSPHATE" ? 'C10 H14 N5 O7 P' 347.221 
DT  'DNA linking' y "THYMIDINE-5'-MONOPHOSPHATE"         ? 'C10 H15 N2 O8 P' 322.208 
HOH non-polymer   . WATER                                ? 'H2 O'            18.015  
NCO non-polymer   . 'COBALT HEXAMMINE(III)'              ? 'Co H18 N6 3'     161.116 
# 
loop_
_pdbx_poly_seq_scheme.asym_id 
_pdbx_poly_seq_scheme.entity_id 
_pdbx_poly_seq_scheme.seq_id 
_pdbx_poly_seq_scheme.mon_id 
_pdbx_poly_seq_scheme.ndb_seq_num 
_pdbx_poly_seq_scheme.pdb_seq_num 
_pdbx_poly_seq_scheme.auth_seq_num 
_pdbx_poly_seq_scheme.pdb_mon_id 
_pdbx_poly_seq_scheme.auth_mon_id 
_pdbx_poly_seq_scheme.pdb_strand_id 
_pdbx_poly_seq_scheme.pdb_ins_code 
_pdbx_poly_seq_scheme.hetero 
A 1 1  DG 1  1  ?  ?  ? A . n 
A 1 2  DC 2  2  2  DC C A . n 
A 1 3  DG 3  3  3  DG G A . n 
A 1 4  DA 4  4  4  DA A A . n 
A 1 5  DA 5  5  5  DA A A . n 
A 1 6  DA 6  6  6  DA A A . n 
A 1 7  DG 7  7  7  DG G A . n 
A 1 8  DG 8  8  8  DG G A . n 
A 1 9  DG 9  9  9  DG G A . n 
A 1 10 DC 10 10 10 DC C A . n 
A 1 11 DA 11 11 11 DA A A . n 
A 1 12 DC 12 12 12 DC C A . n 
A 1 13 DG 13 13 13 DG G A . n 
A 1 14 DT 14 14 14 DT T A . n 
A 1 15 DG 15 15 15 DG G A . n 
A 1 16 DC 16 16 16 DC C A . n 
A 1 17 DC 17 17 17 DC C A . n 
A 1 18 DC 18 18 18 DC C A . n 
A 1 19 DT 19 19 19 DT T A . n 
# 
loop_
_pdbx_nonpoly_scheme.asym_id 
_pdbx_nonpoly_scheme.entity_id 
_pdbx_nonpoly_scheme.mon_id 
_pdbx_nonpoly_scheme.ndb_seq_num 
_pdbx_nonpoly_scheme.pdb_seq_num 
_pdbx_nonpoly_scheme.auth_seq_num 
_pdbx_nonpoly_scheme.pdb_mon_id 
_pdbx_nonpoly_scheme.auth_mon_id 
_pdbx_nonpoly_scheme.pdb_strand_id 
_pdbx_nonpoly_scheme.pdb_ins_code 
B 2 NCO 1  101 1  NCO NCO A . 
C 2 NCO 1  102 2  NCO NCO A . 
D 3 HOH 1  201 1  HOH HOH A . 
D 3 HOH 2  202 2  HOH HOH A . 
D 3 HOH 3  203 3  HOH HOH A . 
D 3 HOH 4  204 4  HOH HOH A . 
D 3 HOH 5  205 5  HOH HOH A . 
D 3 HOH 6  206 6  HOH HOH A . 
D 3 HOH 7  207 7  HOH HOH A . 
D 3 HOH 8  208 8  HOH HOH A . 
D 3 HOH 9  209 9  HOH HOH A . 
D 3 HOH 10 210 10 HOH HOH A . 
D 3 HOH 11 211 11 HOH HOH A . 
D 3 HOH 12 212 12 HOH HOH A . 
D 3 HOH 13 213 13 HOH HOH A . 
D 3 HOH 14 214 14 HOH HOH A . 
D 3 HOH 15 215 15 HOH HOH A . 
D 3 HOH 16 216 16 HOH HOH A . 
D 3 HOH 17 217 17 HOH HOH A . 
D 3 HOH 18 218 18 HOH HOH A . 
D 3 HOH 19 219 19 HOH HOH A . 
D 3 HOH 20 220 20 HOH HOH A . 
D 3 HOH 21 221 21 HOH HOH A . 
D 3 HOH 22 222 22 HOH HOH A . 
D 3 HOH 23 223 23 HOH HOH A . 
D 3 HOH 24 224 24 HOH HOH A . 
D 3 HOH 25 225 25 HOH HOH A . 
D 3 HOH 26 226 26 HOH HOH A . 
D 3 HOH 27 227 27 HOH HOH A . 
D 3 HOH 28 228 28 HOH HOH A . 
D 3 HOH 29 229 29 HOH HOH A . 
D 3 HOH 30 230 30 HOH HOH A . 
D 3 HOH 31 231 31 HOH HOH A . 
D 3 HOH 32 232 32 HOH HOH A . 
D 3 HOH 33 233 33 HOH HOH A . 
D 3 HOH 34 234 34 HOH HOH A . 
D 3 HOH 35 235 35 HOH HOH A . 
D 3 HOH 36 236 36 HOH HOH A . 
D 3 HOH 37 237 37 HOH HOH A . 
D 3 HOH 38 238 38 HOH HOH A . 
D 3 HOH 39 239 39 HOH HOH A . 
D 3 HOH 40 240 40 HOH HOH A . 
D 3 HOH 41 241 41 HOH HOH A . 
D 3 HOH 42 242 42 HOH HOH A . 
D 3 HOH 43 243 43 HOH HOH A . 
D 3 HOH 44 244 44 HOH HOH A . 
D 3 HOH 45 245 45 HOH HOH A . 
D 3 HOH 46 246 46 HOH HOH A . 
D 3 HOH 47 247 47 HOH HOH A . 
D 3 HOH 48 248 48 HOH HOH A . 
D 3 HOH 49 249 49 HOH HOH A . 
D 3 HOH 50 250 50 HOH HOH A . 
D 3 HOH 51 251 51 HOH HOH A . 
D 3 HOH 52 252 52 HOH HOH A . 
D 3 HOH 53 253 53 HOH HOH A . 
D 3 HOH 54 254 54 HOH HOH A . 
D 3 HOH 55 255 55 HOH HOH A . 
D 3 HOH 56 256 56 HOH HOH A . 
D 3 HOH 57 257 57 HOH HOH A . 
D 3 HOH 58 258 58 HOH HOH A . 
D 3 HOH 59 259 59 HOH HOH A . 
D 3 HOH 60 260 60 HOH HOH A . 
D 3 HOH 61 261 61 HOH HOH A . 
D 3 HOH 62 262 62 HOH HOH A . 
D 3 HOH 63 263 63 HOH HOH A . 
D 3 HOH 64 264 64 HOH HOH A . 
D 3 HOH 65 265 65 HOH HOH A . 
D 3 HOH 66 266 66 HOH HOH A . 
D 3 HOH 67 267 67 HOH HOH A . 
D 3 HOH 68 268 68 HOH HOH A . 
D 3 HOH 69 269 69 HOH HOH A . 
D 3 HOH 70 270 71 HOH HOH A . 
D 3 HOH 71 271 72 HOH HOH A . 
D 3 HOH 72 272 73 HOH HOH A . 
D 3 HOH 73 273 75 HOH HOH A . 
D 3 HOH 74 274 76 HOH HOH A . 
D 3 HOH 75 275 77 HOH HOH A . 
# 
loop_
_pdbx_unobs_or_zero_occ_atoms.id 
_pdbx_unobs_or_zero_occ_atoms.PDB_model_num 
_pdbx_unobs_or_zero_occ_atoms.polymer_flag 
_pdbx_unobs_or_zero_occ_atoms.occupancy_flag 
_pdbx_unobs_or_zero_occ_atoms.auth_asym_id 
_pdbx_unobs_or_zero_occ_atoms.auth_comp_id 
_pdbx_unobs_or_zero_occ_atoms.auth_seq_id 
_pdbx_unobs_or_zero_occ_atoms.PDB_ins_code 
_pdbx_unobs_or_zero_occ_atoms.auth_atom_id 
_pdbx_unobs_or_zero_occ_atoms.label_alt_id 
_pdbx_unobs_or_zero_occ_atoms.label_asym_id 
_pdbx_unobs_or_zero_occ_atoms.label_comp_id 
_pdbx_unobs_or_zero_occ_atoms.label_seq_id 
_pdbx_unobs_or_zero_occ_atoms.label_atom_id 
1 1 Y 1 A DC 2 ? P   ? A DC 2 P   
2 1 Y 1 A DC 2 ? OP1 ? A DC 2 OP1 
3 1 Y 1 A DC 2 ? OP2 ? A DC 2 OP2 
# 
loop_
_software.name 
_software.classification 
_software.version 
_software.citation_id 
_software.pdbx_ordinal 
'PROTEUM PLUS' 'data collection' PLUS     ? 1 
PHENIX         'model building'  .        ? 2 
REFMAC         refinement        5.5.0102 ? 3 
HKL-2000       'data reduction'  .        ? 4 
HKL-2000       'data scaling'    .        ? 5 
PHENIX         phasing           .        ? 6 
# 
_cell.entry_id           4F8G 
_cell.length_a           31.655 
_cell.length_b           44.820 
_cell.length_c           73.157 
_cell.angle_alpha        90.00 
_cell.angle_beta         90.00 
_cell.angle_gamma        90.00 
_cell.Z_PDB              8 
_cell.pdbx_unique_axis   ? 
_cell.length_a_esd       ? 
_cell.length_b_esd       ? 
_cell.length_c_esd       ? 
_cell.angle_alpha_esd    ? 
_cell.angle_beta_esd     ? 
_cell.angle_gamma_esd    ? 
# 
_symmetry.entry_id                         4F8G 
_symmetry.space_group_name_H-M             'I 2 2 2' 
_symmetry.pdbx_full_space_group_name_H-M   ? 
_symmetry.cell_setting                     ? 
_symmetry.Int_Tables_number                23 
_symmetry.space_group_name_Hall            ? 
# 
_exptl.entry_id          4F8G 
_exptl.method            'X-RAY DIFFRACTION' 
_exptl.crystals_number   ? 
# 
_exptl_crystal.id                    1 
_exptl_crystal.density_meas          ? 
_exptl_crystal.density_Matthews      2.22 
_exptl_crystal.density_percent_sol   44.48 
_exptl_crystal.description           ? 
_exptl_crystal.F_000                 ? 
_exptl_crystal.preparation           ? 
# 
_exptl_crystal_grow.crystal_id      1 
_exptl_crystal_grow.method          ? 
_exptl_crystal_grow.temp            ? 
_exptl_crystal_grow.temp_details    ? 
_exptl_crystal_grow.pH              7.0 
_exptl_crystal_grow.pdbx_details    'pH 7.0' 
_exptl_crystal_grow.pdbx_pH_range   ? 
# 
_diffrn.id                     1 
_diffrn.ambient_temp           100 
_diffrn.ambient_temp_details   ? 
_diffrn.crystal_id             1 
# 
_diffrn_detector.diffrn_id              1 
_diffrn_detector.detector               CCD 
_diffrn_detector.type                   'Bruker Platinum 135' 
_diffrn_detector.pdbx_collection_date   2012-02-13 
_diffrn_detector.details                ? 
# 
_diffrn_radiation.diffrn_id                        1 
_diffrn_radiation.wavelength_id                    1 
_diffrn_radiation.pdbx_monochromatic_or_laue_m_l   M 
_diffrn_radiation.monochromator                    Mirrors 
_diffrn_radiation.pdbx_diffrn_protocol             'SINGLE WAVELENGTH' 
_diffrn_radiation.pdbx_scattering_type             x-ray 
# 
_diffrn_radiation_wavelength.id           1 
_diffrn_radiation_wavelength.wavelength   1.5418 
_diffrn_radiation_wavelength.wt           1.0 
# 
_diffrn_source.diffrn_id                   1 
_diffrn_source.source                      'ROTATING ANODE' 
_diffrn_source.type                        'BRUKER AXS MICROSTAR' 
_diffrn_source.pdbx_synchrotron_site       ? 
_diffrn_source.pdbx_synchrotron_beamline   ? 
_diffrn_source.pdbx_wavelength             ? 
_diffrn_source.pdbx_wavelength_list        1.5418 
# 
_reflns.entry_id                     4F8G 
_reflns.observed_criterion_sigma_I   0 
_reflns.observed_criterion_sigma_F   0 
_reflns.d_resolution_low             20.0 
_reflns.d_resolution_high            1.93 
_reflns.number_obs                   3985 
_reflns.number_all                   4059 
_reflns.percent_possible_obs         98.2 
_reflns.pdbx_Rmerge_I_obs            0.11 
_reflns.pdbx_Rsym_value              ? 
_reflns.pdbx_netI_over_sigmaI        79.1 
_reflns.B_iso_Wilson_estimate        ? 
_reflns.pdbx_redundancy              11 
_reflns.R_free_details               ? 
_reflns.limit_h_max                  ? 
_reflns.limit_h_min                  ? 
_reflns.limit_k_max                  ? 
_reflns.limit_k_min                  ? 
_reflns.limit_l_max                  ? 
_reflns.limit_l_min                  ? 
_reflns.observed_criterion_F_max     ? 
_reflns.observed_criterion_F_min     ? 
_reflns.pdbx_chi_squared             ? 
_reflns.pdbx_scaling_rejects         ? 
_reflns.pdbx_ordinal                 1 
_reflns.pdbx_diffrn_id               1 
# 
_refine.entry_id                                 4F8G 
_refine.ls_number_reflns_obs                     3875 
_refine.ls_number_reflns_all                     3875 
_refine.pdbx_ls_sigma_I                          ? 
_refine.pdbx_ls_sigma_F                          1.0 
_refine.pdbx_data_cutoff_high_absF               ? 
_refine.pdbx_data_cutoff_low_absF                ? 
_refine.pdbx_data_cutoff_high_rms_absF           ? 
_refine.ls_d_res_low                             19.11 
_refine.ls_d_res_high                            1.93 
_refine.ls_percent_reflns_obs                    97.83 
_refine.ls_R_factor_obs                          0.17698 
_refine.ls_R_factor_all                          ? 
_refine.ls_R_factor_R_work                       0.17433 
_refine.ls_R_factor_R_free                       0.24136 
_refine.ls_R_factor_R_free_error                 ? 
_refine.ls_R_factor_R_free_error_details         ? 
_refine.ls_percent_reflns_R_free                 4.5 
_refine.ls_number_reflns_R_free                  182 
_refine.ls_number_parameters                     ? 
_refine.ls_number_restraints                     ? 
_refine.occupancy_min                            ? 
_refine.occupancy_max                            ? 
_refine.correlation_coeff_Fo_to_Fc               0.958 
_refine.correlation_coeff_Fo_to_Fc_free          0.922 
_refine.B_iso_mean                               21.402 
_refine.aniso_B[1][1]                            0.03 
_refine.aniso_B[2][2]                            0.06 
_refine.aniso_B[3][3]                            -0.09 
_refine.aniso_B[1][2]                            0.00 
_refine.aniso_B[1][3]                            0.00 
_refine.aniso_B[2][3]                            0.00 
_refine.solvent_model_details                    'BABINET MODEL WITH MASK' 
_refine.solvent_model_param_ksol                 ? 
_refine.solvent_model_param_bsol                 ? 
_refine.pdbx_solvent_vdw_probe_radii             1.40 
_refine.pdbx_solvent_ion_probe_radii             0.80 
_refine.pdbx_solvent_shrinkage_radii             0.80 
_refine.pdbx_ls_cross_valid_method               THROUGHOUT 
_refine.details                                  'HYDROGENS HAVE BEEN ADDED IN THE RIDING POSITIONS' 
_refine.pdbx_starting_model                      ? 
_refine.pdbx_method_to_determine_struct          SAD 
_refine.pdbx_isotropic_thermal_model             ? 
_refine.pdbx_stereochemistry_target_values       'MAXIMUM LIKELIHOOD' 
_refine.pdbx_stereochem_target_val_spec_case     ? 
_refine.pdbx_R_Free_selection_details            RANDOM 
_refine.pdbx_overall_ESU_R                       0.170 
_refine.pdbx_overall_ESU_R_Free                  0.167 
_refine.overall_SU_ML                            0.094 
_refine.pdbx_overall_phase_error                 ? 
_refine.overall_SU_B                             6.029 
_refine.overall_SU_R_Cruickshank_DPI             ? 
_refine.ls_redundancy_reflns_obs                 ? 
_refine.B_iso_min                                ? 
_refine.B_iso_max                                ? 
_refine.overall_SU_R_free                        ? 
_refine.ls_wR_factor_R_free                      ? 
_refine.ls_wR_factor_R_work                      ? 
_refine.overall_FOM_free_R_set                   ? 
_refine.overall_FOM_work_R_set                   ? 
_refine.pdbx_diffrn_id                           1 
_refine.pdbx_refine_id                           'X-RAY DIFFRACTION' 
_refine.pdbx_TLS_residual_ADP_flag               ? 
_refine.pdbx_overall_SU_R_free_Cruickshank_DPI   ? 
_refine.pdbx_overall_SU_R_Blow_DPI               ? 
_refine.pdbx_overall_SU_R_free_Blow_DPI          ? 
# 
_refine_hist.pdbx_refine_id                   'X-RAY DIFFRACTION' 
_refine_hist.cycle_id                         LAST 
_refine_hist.pdbx_number_atoms_protein        0 
_refine_hist.pdbx_number_atoms_nucleic_acid   367 
_refine_hist.pdbx_number_atoms_ligand         14 
_refine_hist.number_atoms_solvent             75 
_refine_hist.number_atoms_total               456 
_refine_hist.d_res_high                       1.93 
_refine_hist.d_res_low                        19.11 
# 
loop_
_refine_ls_restr.type 
_refine_ls_restr.dev_ideal 
_refine_ls_restr.dev_ideal_target 
_refine_ls_restr.weight 
_refine_ls_restr.number 
_refine_ls_restr.pdbx_restraint_function 
_refine_ls_restr.pdbx_refine_id 
r_bond_refined_d     0.004 0.021 ? 449 ? 'X-RAY DIFFRACTION' 
r_bond_other_d       0.002 0.020 ? 172 ? 'X-RAY DIFFRACTION' 
r_angle_refined_deg  0.989 3.000 ? 705 ? 'X-RAY DIFFRACTION' 
r_angle_other_deg    1.107 3.000 ? 438 ? 'X-RAY DIFFRACTION' 
r_chiral_restr       0.042 0.200 ? 75  ? 'X-RAY DIFFRACTION' 
r_gen_planes_refined 0.004 0.020 ? 201 ? 'X-RAY DIFFRACTION' 
r_gen_planes_other   0.001 0.020 ? 38  ? 'X-RAY DIFFRACTION' 
r_scbond_it          0.611 3.000 ? 449 ? 'X-RAY DIFFRACTION' 
r_scangle_it         0.943 4.500 ? 705 ? 'X-RAY DIFFRACTION' 
# 
_refine_ls_shell.pdbx_total_number_of_bins_used   20 
_refine_ls_shell.d_res_high                       1.93 
_refine_ls_shell.d_res_low                        1.982 
_refine_ls_shell.number_reflns_R_work             238 
_refine_ls_shell.R_factor_R_work                  0.198 
_refine_ls_shell.percent_reflns_obs               80.13 
_refine_ls_shell.R_factor_R_free                  0.512 
_refine_ls_shell.R_factor_R_free_error            ? 
_refine_ls_shell.percent_reflns_R_free            ? 
_refine_ls_shell.number_reflns_R_free             8 
_refine_ls_shell.number_reflns_all                ? 
_refine_ls_shell.R_factor_all                     ? 
_refine_ls_shell.number_reflns_obs                ? 
_refine_ls_shell.redundancy_reflns_obs            ? 
_refine_ls_shell.pdbx_refine_id                   'X-RAY DIFFRACTION' 
# 
_struct.entry_id                  4F8G 
_struct.title                     'Three-dimensional DNA lattices with non-canonical base pairs' 
_struct.pdbx_model_details        ? 
_struct.pdbx_CASP_flag            ? 
_struct.pdbx_model_type_details   ? 
# 
_struct_keywords.entry_id        4F8G 
_struct_keywords.pdbx_keywords   DNA 
_struct_keywords.text            'Non-canonical DNA, DNA nanotechnology, crystal design, parallel DNA, DNA' 
# 
loop_
_struct_asym.id 
_struct_asym.pdbx_blank_PDB_chainid_flag 
_struct_asym.pdbx_modified 
_struct_asym.entity_id 
_struct_asym.details 
A N N 1 ? 
B N N 2 ? 
C N N 2 ? 
D N N 3 ? 
# 
_struct_ref.id                         1 
_struct_ref.db_name                    PDB 
_struct_ref.db_code                    4F8G 
_struct_ref.pdbx_db_accession          4F8G 
_struct_ref.entity_id                  1 
_struct_ref.pdbx_align_begin           ? 
_struct_ref.pdbx_seq_one_letter_code   ? 
_struct_ref.pdbx_db_isoform            ? 
# 
_struct_ref_seq.align_id                      1 
_struct_ref_seq.ref_id                        1 
_struct_ref_seq.pdbx_PDB_id_code              4F8G 
_struct_ref_seq.pdbx_strand_id                A 
_struct_ref_seq.seq_align_beg                 1 
_struct_ref_seq.pdbx_seq_align_beg_ins_code   ? 
_struct_ref_seq.seq_align_end                 19 
_struct_ref_seq.pdbx_seq_align_end_ins_code   ? 
_struct_ref_seq.pdbx_db_accession             4F8G 
_struct_ref_seq.db_align_beg                  1 
_struct_ref_seq.pdbx_db_align_beg_ins_code    ? 
_struct_ref_seq.db_align_end                  19 
_struct_ref_seq.pdbx_db_align_end_ins_code    ? 
_struct_ref_seq.pdbx_auth_seq_align_beg       1 
_struct_ref_seq.pdbx_auth_seq_align_end       19 
# 
_pdbx_struct_assembly.id                   1 
_pdbx_struct_assembly.details              author_and_software_defined_assembly 
_pdbx_struct_assembly.method_details       PISA 
_pdbx_struct_assembly.oligomeric_details   dimeric 
_pdbx_struct_assembly.oligomeric_count     2 
# 
loop_
_pdbx_struct_assembly_prop.biol_id 
_pdbx_struct_assembly_prop.type 
_pdbx_struct_assembly_prop.value 
_pdbx_struct_assembly_prop.details 
1 'ABSA (A^2)' 2390 ? 
1 MORE         -17  ? 
1 'SSA (A^2)'  7480 ? 
# 
_pdbx_struct_assembly_gen.assembly_id       1 
_pdbx_struct_assembly_gen.oper_expression   1,2 
_pdbx_struct_assembly_gen.asym_id_list      A,B,C,D 
# 
loop_
_pdbx_struct_oper_list.id 
_pdbx_struct_oper_list.type 
_pdbx_struct_oper_list.name 
_pdbx_struct_oper_list.symmetry_operation 
_pdbx_struct_oper_list.matrix[1][1] 
_pdbx_struct_oper_list.matrix[1][2] 
_pdbx_struct_oper_list.matrix[1][3] 
_pdbx_struct_oper_list.vector[1] 
_pdbx_struct_oper_list.matrix[2][1] 
_pdbx_struct_oper_list.matrix[2][2] 
_pdbx_struct_oper_list.matrix[2][3] 
_pdbx_struct_oper_list.vector[2] 
_pdbx_struct_oper_list.matrix[3][1] 
_pdbx_struct_oper_list.matrix[3][2] 
_pdbx_struct_oper_list.matrix[3][3] 
_pdbx_struct_oper_list.vector[3] 
1 'identity operation'         1_555 x,y,z       1.0000000000  0.0000000000 0.0000000000  0.0000000000  0.0000000000 1.0000000000 0.0000000000  0.0000000000 0.0000000000  0.0000000000  1.0000000000  0.0000000000  
2 'crystal symmetry operation' 2_765 -x+2,-y+1,z -0.1460390744 0.9884522785 -0.0404311994 -5.6754452169 0.9884522785 0.1441248394 -0.0467987586 4.6442456624 -0.0404311994 -0.0467987586 -0.9980857650 -6.3315767848 
# 
_struct_biol.id        1 
_struct_biol.details   ? 
# 
loop_
_struct_conn.id 
_struct_conn.conn_type_id 
_struct_conn.pdbx_leaving_atom_flag 
_struct_conn.pdbx_PDB_id 
_struct_conn.ptnr1_label_asym_id 
_struct_conn.ptnr1_label_comp_id 
_struct_conn.ptnr1_label_seq_id 
_struct_conn.ptnr1_label_atom_id 
_struct_conn.pdbx_ptnr1_label_alt_id 
_struct_conn.pdbx_ptnr1_PDB_ins_code 
_struct_conn.pdbx_ptnr1_standard_comp_id 
_struct_conn.ptnr1_symmetry 
_struct_conn.ptnr2_label_asym_id 
_struct_conn.ptnr2_label_comp_id 
_struct_conn.ptnr2_label_seq_id 
_struct_conn.ptnr2_label_atom_id 
_struct_conn.pdbx_ptnr2_label_alt_id 
_struct_conn.pdbx_ptnr2_PDB_ins_code 
_struct_conn.ptnr1_auth_asym_id 
_struct_conn.ptnr1_auth_comp_id 
_struct_conn.ptnr1_auth_seq_id 
_struct_conn.ptnr2_auth_asym_id 
_struct_conn.ptnr2_auth_comp_id 
_struct_conn.ptnr2_auth_seq_id 
_struct_conn.ptnr2_symmetry 
_struct_conn.pdbx_ptnr3_label_atom_id 
_struct_conn.pdbx_ptnr3_label_seq_id 
_struct_conn.pdbx_ptnr3_label_comp_id 
_struct_conn.pdbx_ptnr3_label_asym_id 
_struct_conn.pdbx_ptnr3_label_alt_id 
_struct_conn.pdbx_ptnr3_PDB_ins_code 
_struct_conn.details 
_struct_conn.pdbx_dist_value 
_struct_conn.pdbx_value_order 
_struct_conn.pdbx_role 
hydrog1  hydrog ? ? A DG 7  N1 ? ? ? 1_555 A DC 18 N3 ? ? A DG 7  A DC 18 2_765 ? ? ? ? ? ? WATSON-CRICK ? ? ? 
hydrog2  hydrog ? ? A DG 7  N2 ? ? ? 1_555 A DC 18 O2 ? ? A DG 7  A DC 18 2_765 ? ? ? ? ? ? WATSON-CRICK ? ? ? 
hydrog3  hydrog ? ? A DG 7  O6 ? ? ? 1_555 A DC 18 N4 ? ? A DG 7  A DC 18 2_765 ? ? ? ? ? ? WATSON-CRICK ? ? ? 
hydrog4  hydrog ? ? A DG 8  N1 ? ? ? 1_555 A DC 17 N3 ? ? A DG 8  A DC 17 2_765 ? ? ? ? ? ? WATSON-CRICK ? ? ? 
hydrog5  hydrog ? ? A DG 8  N2 ? ? ? 1_555 A DC 17 O2 ? ? A DG 8  A DC 17 2_765 ? ? ? ? ? ? WATSON-CRICK ? ? ? 
hydrog6  hydrog ? ? A DG 8  O6 ? ? ? 1_555 A DC 17 N4 ? ? A DG 8  A DC 17 2_765 ? ? ? ? ? ? WATSON-CRICK ? ? ? 
hydrog7  hydrog ? ? A DG 9  N1 ? ? ? 1_555 A DC 16 N3 ? ? A DG 9  A DC 16 2_765 ? ? ? ? ? ? WATSON-CRICK ? ? ? 
hydrog8  hydrog ? ? A DG 9  N2 ? ? ? 1_555 A DC 16 O2 ? ? A DG 9  A DC 16 2_765 ? ? ? ? ? ? WATSON-CRICK ? ? ? 
hydrog9  hydrog ? ? A DG 9  O6 ? ? ? 1_555 A DC 16 N4 ? ? A DG 9  A DC 16 2_765 ? ? ? ? ? ? WATSON-CRICK ? ? ? 
hydrog10 hydrog ? ? A DC 10 N3 ? ? ? 1_555 A DG 15 N1 ? ? A DC 10 A DG 15 2_765 ? ? ? ? ? ? WATSON-CRICK ? ? ? 
hydrog11 hydrog ? ? A DC 10 N4 ? ? ? 1_555 A DG 15 O6 ? ? A DC 10 A DG 15 2_765 ? ? ? ? ? ? WATSON-CRICK ? ? ? 
hydrog12 hydrog ? ? A DC 10 O2 ? ? ? 1_555 A DG 15 N2 ? ? A DC 10 A DG 15 2_765 ? ? ? ? ? ? WATSON-CRICK ? ? ? 
hydrog13 hydrog ? ? A DA 11 N1 ? ? ? 1_555 A DT 14 N3 ? ? A DA 11 A DT 14 2_765 ? ? ? ? ? ? WATSON-CRICK ? ? ? 
hydrog14 hydrog ? ? A DA 11 N6 ? ? ? 1_555 A DT 14 O4 ? ? A DA 11 A DT 14 2_765 ? ? ? ? ? ? WATSON-CRICK ? ? ? 
hydrog15 hydrog ? ? A DC 12 N3 ? ? ? 1_555 A DG 13 N1 ? ? A DC 12 A DG 13 2_765 ? ? ? ? ? ? WATSON-CRICK ? ? ? 
hydrog16 hydrog ? ? A DC 12 N4 ? ? ? 1_555 A DG 13 O6 ? ? A DC 12 A DG 13 2_765 ? ? ? ? ? ? WATSON-CRICK ? ? ? 
hydrog17 hydrog ? ? A DC 12 O2 ? ? ? 1_555 A DG 13 N2 ? ? A DC 12 A DG 13 2_765 ? ? ? ? ? ? WATSON-CRICK ? ? ? 
hydrog18 hydrog ? ? A DG 13 N1 ? ? ? 1_555 A DC 12 N3 ? ? A DG 13 A DC 12 2_765 ? ? ? ? ? ? WATSON-CRICK ? ? ? 
hydrog19 hydrog ? ? A DG 13 N2 ? ? ? 1_555 A DC 12 O2 ? ? A DG 13 A DC 12 2_765 ? ? ? ? ? ? WATSON-CRICK ? ? ? 
hydrog20 hydrog ? ? A DG 13 O6 ? ? ? 1_555 A DC 12 N4 ? ? A DG 13 A DC 12 2_765 ? ? ? ? ? ? WATSON-CRICK ? ? ? 
hydrog21 hydrog ? ? A DT 14 N3 ? ? ? 1_555 A DA 11 N1 ? ? A DT 14 A DA 11 2_765 ? ? ? ? ? ? WATSON-CRICK ? ? ? 
hydrog22 hydrog ? ? A DT 14 O4 ? ? ? 1_555 A DA 11 N6 ? ? A DT 14 A DA 11 2_765 ? ? ? ? ? ? WATSON-CRICK ? ? ? 
hydrog23 hydrog ? ? A DG 15 N1 ? ? ? 1_555 A DC 10 N3 ? ? A DG 15 A DC 10 2_765 ? ? ? ? ? ? WATSON-CRICK ? ? ? 
hydrog24 hydrog ? ? A DG 15 N2 ? ? ? 1_555 A DC 10 O2 ? ? A DG 15 A DC 10 2_765 ? ? ? ? ? ? WATSON-CRICK ? ? ? 
hydrog25 hydrog ? ? A DG 15 O6 ? ? ? 1_555 A DC 10 N4 ? ? A DG 15 A DC 10 2_765 ? ? ? ? ? ? WATSON-CRICK ? ? ? 
hydrog26 hydrog ? ? A DC 16 N3 ? ? ? 1_555 A DG 9  N1 ? ? A DC 16 A DG 9  2_765 ? ? ? ? ? ? WATSON-CRICK ? ? ? 
hydrog27 hydrog ? ? A DC 16 N4 ? ? ? 1_555 A DG 9  O6 ? ? A DC 16 A DG 9  2_765 ? ? ? ? ? ? WATSON-CRICK ? ? ? 
hydrog28 hydrog ? ? A DC 16 O2 ? ? ? 1_555 A DG 9  N2 ? ? A DC 16 A DG 9  2_765 ? ? ? ? ? ? WATSON-CRICK ? ? ? 
hydrog29 hydrog ? ? A DC 17 N3 ? ? ? 1_555 A DG 8  N1 ? ? A DC 17 A DG 8  2_765 ? ? ? ? ? ? WATSON-CRICK ? ? ? 
hydrog30 hydrog ? ? A DC 17 N4 ? ? ? 1_555 A DG 8  O6 ? ? A DC 17 A DG 8  2_765 ? ? ? ? ? ? WATSON-CRICK ? ? ? 
hydrog31 hydrog ? ? A DC 17 O2 ? ? ? 1_555 A DG 8  N2 ? ? A DC 17 A DG 8  2_765 ? ? ? ? ? ? WATSON-CRICK ? ? ? 
hydrog32 hydrog ? ? A DC 18 N3 ? ? ? 1_555 A DG 7  N1 ? ? A DC 18 A DG 7  2_765 ? ? ? ? ? ? WATSON-CRICK ? ? ? 
hydrog33 hydrog ? ? A DC 18 N4 ? ? ? 1_555 A DG 7  O6 ? ? A DC 18 A DG 7  2_765 ? ? ? ? ? ? WATSON-CRICK ? ? ? 
hydrog34 hydrog ? ? A DC 18 O2 ? ? ? 1_555 A DG 7  N2 ? ? A DC 18 A DG 7  2_765 ? ? ? ? ? ? WATSON-CRICK ? ? ? 
# 
_struct_conn_type.id          hydrog 
_struct_conn_type.criteria    ? 
_struct_conn_type.reference   ? 
# 
loop_
_struct_site.id 
_struct_site.pdbx_evidence_code 
_struct_site.pdbx_auth_asym_id 
_struct_site.pdbx_auth_comp_id 
_struct_site.pdbx_auth_seq_id 
_struct_site.pdbx_auth_ins_code 
_struct_site.pdbx_num_residues 
_struct_site.details 
AC1 Software A NCO 101 ? 10 'BINDING SITE FOR RESIDUE NCO A 101' 
AC2 Software A NCO 102 ? 8  'BINDING SITE FOR RESIDUE NCO A 102' 
# 
loop_
_struct_site_gen.id 
_struct_site_gen.site_id 
_struct_site_gen.pdbx_num_res 
_struct_site_gen.label_comp_id 
_struct_site_gen.label_asym_id 
_struct_site_gen.label_seq_id 
_struct_site_gen.pdbx_auth_ins_code 
_struct_site_gen.auth_comp_id 
_struct_site_gen.auth_asym_id 
_struct_site_gen.auth_seq_id 
_struct_site_gen.label_atom_id 
_struct_site_gen.label_alt_id 
_struct_site_gen.symmetry 
_struct_site_gen.details 
1  AC1 10 DG  A 7  ? DG  A 7   . ? 1_555 ? 
2  AC1 10 DG  A 8  ? DG  A 8   . ? 1_555 ? 
3  AC1 10 DC  A 12 ? DC  A 12  . ? 2_765 ? 
4  AC1 10 DC  A 17 ? DC  A 17  . ? 7_745 ? 
5  AC1 10 DC  A 18 ? DC  A 18  . ? 7_745 ? 
6  AC1 10 NCO C .  ? NCO A 102 . ? 1_555 ? 
7  AC1 10 HOH D .  ? HOH A 201 . ? 1_555 ? 
8  AC1 10 HOH D .  ? HOH A 217 . ? 1_555 ? 
9  AC1 10 HOH D .  ? HOH A 223 . ? 8_565 ? 
10 AC1 10 HOH D .  ? HOH A 253 . ? 7_745 ? 
11 AC2 8  DA  A 6  ? DA  A 6   . ? 1_555 ? 
12 AC2 8  DG  A 7  ? DG  A 7   . ? 1_555 ? 
13 AC2 8  DG  A 8  ? DG  A 8   . ? 1_555 ? 
14 AC2 8  DG  A 9  ? DG  A 9   . ? 1_555 ? 
15 AC2 8  NCO B .  ? NCO A 101 . ? 1_555 ? 
16 AC2 8  HOH D .  ? HOH A 209 . ? 1_555 ? 
17 AC2 8  HOH D .  ? HOH A 215 . ? 1_555 ? 
18 AC2 8  HOH D .  ? HOH A 260 . ? 2_765 ? 
# 
loop_
_pdbx_validate_rmsd_angle.id 
_pdbx_validate_rmsd_angle.PDB_model_num 
_pdbx_validate_rmsd_angle.auth_atom_id_1 
_pdbx_validate_rmsd_angle.auth_asym_id_1 
_pdbx_validate_rmsd_angle.auth_comp_id_1 
_pdbx_validate_rmsd_angle.auth_seq_id_1 
_pdbx_validate_rmsd_angle.PDB_ins_code_1 
_pdbx_validate_rmsd_angle.label_alt_id_1 
_pdbx_validate_rmsd_angle.auth_atom_id_2 
_pdbx_validate_rmsd_angle.auth_asym_id_2 
_pdbx_validate_rmsd_angle.auth_comp_id_2 
_pdbx_validate_rmsd_angle.auth_seq_id_2 
_pdbx_validate_rmsd_angle.PDB_ins_code_2 
_pdbx_validate_rmsd_angle.label_alt_id_2 
_pdbx_validate_rmsd_angle.auth_atom_id_3 
_pdbx_validate_rmsd_angle.auth_asym_id_3 
_pdbx_validate_rmsd_angle.auth_comp_id_3 
_pdbx_validate_rmsd_angle.auth_seq_id_3 
_pdbx_validate_rmsd_angle.PDB_ins_code_3 
_pdbx_validate_rmsd_angle.label_alt_id_3 
_pdbx_validate_rmsd_angle.angle_value 
_pdbx_validate_rmsd_angle.angle_target_value 
_pdbx_validate_rmsd_angle.angle_deviation 
_pdbx_validate_rmsd_angle.angle_standard_deviation 
_pdbx_validate_rmsd_angle.linker_flag 
1 1 "C3'" A DA 4  ? ? "O3'" A DA 4  ? ? P  A DA 5  ? A 128.20 119.70 8.50 1.20 Y 
2 1 "O4'" A DC 10 ? ? "C1'" A DC 10 ? ? N1 A DC 10 ? ? 110.40 108.30 2.10 0.30 N 
3 1 "O4'" A DC 12 ? ? "C1'" A DC 12 ? ? N1 A DC 12 ? ? 110.76 108.30 2.46 0.30 N 
4 1 "O4'" A DT 14 ? ? "C1'" A DT 14 ? ? N1 A DT 14 ? ? 110.80 108.30 2.50 0.30 N 
5 1 "O4'" A DC 17 ? ? "C1'" A DC 17 ? ? N1 A DC 17 ? ? 111.23 108.30 2.93 0.30 N 
# 
loop_
_pdbx_refine_tls.pdbx_refine_id 
_pdbx_refine_tls.id 
_pdbx_refine_tls.details 
_pdbx_refine_tls.method 
_pdbx_refine_tls.origin_x 
_pdbx_refine_tls.origin_y 
_pdbx_refine_tls.origin_z 
_pdbx_refine_tls.T[1][1] 
_pdbx_refine_tls.T[2][2] 
_pdbx_refine_tls.T[3][3] 
_pdbx_refine_tls.T[1][2] 
_pdbx_refine_tls.T[1][3] 
_pdbx_refine_tls.T[2][3] 
_pdbx_refine_tls.L[1][1] 
_pdbx_refine_tls.L[2][2] 
_pdbx_refine_tls.L[3][3] 
_pdbx_refine_tls.L[1][2] 
_pdbx_refine_tls.L[1][3] 
_pdbx_refine_tls.L[2][3] 
_pdbx_refine_tls.S[1][1] 
_pdbx_refine_tls.S[1][2] 
_pdbx_refine_tls.S[1][3] 
_pdbx_refine_tls.S[2][1] 
_pdbx_refine_tls.S[2][2] 
_pdbx_refine_tls.S[2][3] 
_pdbx_refine_tls.S[3][1] 
_pdbx_refine_tls.S[3][2] 
_pdbx_refine_tls.S[3][3] 
'X-RAY DIFFRACTION' 1 ? refined 9.0262  -26.4858 2.9434  1.1799 0.0555 0.4367 0.0492  0.1408  0.0241 84.2832 32.9746 -8.8410 38.2360 -24.4023 2.5851  1.0515 3.8521  1.7604  -5.0349 1.0205  -0.8023 -1.6436 -0.8501 -2.0719 
'X-RAY DIFFRACTION' 2 ? refined 8.4151  -19.5141 6.5401  0.3501 0.0427 0.1586 -0.0314 -0.0312 0.0006 16.8917 15.2325 3.0993  3.4755  11.5731  0.2312  0.7884 0.4277  -0.3380 -1.4204 -0.6799 0.2704  0.1509  0.1003  -0.1085 
'X-RAY DIFFRACTION' 3 ? refined -1.7029 2.8157   -1.3093 0.0754 0.0755 0.0687 0.0049  0.0028  0.0000 0.3163  0.2286  0.0732  -0.1107 0.1503   -0.0313 0.0179 0.0028  -0.0469 0.0174  -0.0081 0.0399  0.0088  -0.0120 -0.0097 
'X-RAY DIFFRACTION' 4 ? refined -5.5654 22.3795  -4.3591 0.0845 0.0516 0.1379 -0.0166 0.0065  0.0105 15.1363 0.8262  15.5491 2.4776  -8.3086  -4.1158 0.1999 -0.3806 0.6513  0.1024  -0.1521 -0.0438 -0.3928 0.2811  -0.0478 
# 
loop_
_pdbx_refine_tls_group.pdbx_refine_id 
_pdbx_refine_tls_group.id 
_pdbx_refine_tls_group.refine_tls_id 
_pdbx_refine_tls_group.beg_auth_asym_id 
_pdbx_refine_tls_group.beg_auth_seq_id 
_pdbx_refine_tls_group.beg_label_asym_id 
_pdbx_refine_tls_group.beg_label_seq_id 
_pdbx_refine_tls_group.end_auth_asym_id 
_pdbx_refine_tls_group.end_auth_seq_id 
_pdbx_refine_tls_group.end_label_asym_id 
_pdbx_refine_tls_group.end_label_seq_id 
_pdbx_refine_tls_group.selection 
_pdbx_refine_tls_group.selection_details 
'X-RAY DIFFRACTION' 1 1 A 2  ? ? A 2  ? ? ? ? 
'X-RAY DIFFRACTION' 2 2 A 3  ? ? A 4  ? ? ? ? 
'X-RAY DIFFRACTION' 3 3 A 5  ? ? A 18 ? ? ? ? 
'X-RAY DIFFRACTION' 4 4 A 19 ? ? A 19 ? ? ? ? 
# 
_pdbx_unobs_or_zero_occ_residues.id               1 
_pdbx_unobs_or_zero_occ_residues.PDB_model_num    1 
_pdbx_unobs_or_zero_occ_residues.polymer_flag     Y 
_pdbx_unobs_or_zero_occ_residues.occupancy_flag   1 
_pdbx_unobs_or_zero_occ_residues.auth_asym_id     A 
_pdbx_unobs_or_zero_occ_residues.auth_comp_id     DG 
_pdbx_unobs_or_zero_occ_residues.auth_seq_id      1 
_pdbx_unobs_or_zero_occ_residues.PDB_ins_code     ? 
_pdbx_unobs_or_zero_occ_residues.label_asym_id    A 
_pdbx_unobs_or_zero_occ_residues.label_comp_id    DG 
_pdbx_unobs_or_zero_occ_residues.label_seq_id     1 
# 
loop_
_chem_comp_atom.comp_id 
_chem_comp_atom.atom_id 
_chem_comp_atom.type_symbol 
_chem_comp_atom.pdbx_aromatic_flag 
_chem_comp_atom.pdbx_stereo_config 
_chem_comp_atom.pdbx_ordinal 
DA  OP3    O  N N 1   
DA  P      P  N N 2   
DA  OP1    O  N N 3   
DA  OP2    O  N N 4   
DA  "O5'"  O  N N 5   
DA  "C5'"  C  N N 6   
DA  "C4'"  C  N R 7   
DA  "O4'"  O  N N 8   
DA  "C3'"  C  N S 9   
DA  "O3'"  O  N N 10  
DA  "C2'"  C  N N 11  
DA  "C1'"  C  N R 12  
DA  N9     N  Y N 13  
DA  C8     C  Y N 14  
DA  N7     N  Y N 15  
DA  C5     C  Y N 16  
DA  C6     C  Y N 17  
DA  N6     N  N N 18  
DA  N1     N  Y N 19  
DA  C2     C  Y N 20  
DA  N3     N  Y N 21  
DA  C4     C  Y N 22  
DA  HOP3   H  N N 23  
DA  HOP2   H  N N 24  
DA  "H5'"  H  N N 25  
DA  "H5''" H  N N 26  
DA  "H4'"  H  N N 27  
DA  "H3'"  H  N N 28  
DA  "HO3'" H  N N 29  
DA  "H2'"  H  N N 30  
DA  "H2''" H  N N 31  
DA  "H1'"  H  N N 32  
DA  H8     H  N N 33  
DA  H61    H  N N 34  
DA  H62    H  N N 35  
DA  H2     H  N N 36  
DC  OP3    O  N N 37  
DC  P      P  N N 38  
DC  OP1    O  N N 39  
DC  OP2    O  N N 40  
DC  "O5'"  O  N N 41  
DC  "C5'"  C  N N 42  
DC  "C4'"  C  N R 43  
DC  "O4'"  O  N N 44  
DC  "C3'"  C  N S 45  
DC  "O3'"  O  N N 46  
DC  "C2'"  C  N N 47  
DC  "C1'"  C  N R 48  
DC  N1     N  N N 49  
DC  C2     C  N N 50  
DC  O2     O  N N 51  
DC  N3     N  N N 52  
DC  C4     C  N N 53  
DC  N4     N  N N 54  
DC  C5     C  N N 55  
DC  C6     C  N N 56  
DC  HOP3   H  N N 57  
DC  HOP2   H  N N 58  
DC  "H5'"  H  N N 59  
DC  "H5''" H  N N 60  
DC  "H4'"  H  N N 61  
DC  "H3'"  H  N N 62  
DC  "HO3'" H  N N 63  
DC  "H2'"  H  N N 64  
DC  "H2''" H  N N 65  
DC  "H1'"  H  N N 66  
DC  H41    H  N N 67  
DC  H42    H  N N 68  
DC  H5     H  N N 69  
DC  H6     H  N N 70  
DG  OP3    O  N N 71  
DG  P      P  N N 72  
DG  OP1    O  N N 73  
DG  OP2    O  N N 74  
DG  "O5'"  O  N N 75  
DG  "C5'"  C  N N 76  
DG  "C4'"  C  N R 77  
DG  "O4'"  O  N N 78  
DG  "C3'"  C  N S 79  
DG  "O3'"  O  N N 80  
DG  "C2'"  C  N N 81  
DG  "C1'"  C  N R 82  
DG  N9     N  Y N 83  
DG  C8     C  Y N 84  
DG  N7     N  Y N 85  
DG  C5     C  Y N 86  
DG  C6     C  N N 87  
DG  O6     O  N N 88  
DG  N1     N  N N 89  
DG  C2     C  N N 90  
DG  N2     N  N N 91  
DG  N3     N  N N 92  
DG  C4     C  Y N 93  
DG  HOP3   H  N N 94  
DG  HOP2   H  N N 95  
DG  "H5'"  H  N N 96  
DG  "H5''" H  N N 97  
DG  "H4'"  H  N N 98  
DG  "H3'"  H  N N 99  
DG  "HO3'" H  N N 100 
DG  "H2'"  H  N N 101 
DG  "H2''" H  N N 102 
DG  "H1'"  H  N N 103 
DG  H8     H  N N 104 
DG  H1     H  N N 105 
DG  H21    H  N N 106 
DG  H22    H  N N 107 
DT  OP3    O  N N 108 
DT  P      P  N N 109 
DT  OP1    O  N N 110 
DT  OP2    O  N N 111 
DT  "O5'"  O  N N 112 
DT  "C5'"  C  N N 113 
DT  "C4'"  C  N R 114 
DT  "O4'"  O  N N 115 
DT  "C3'"  C  N S 116 
DT  "O3'"  O  N N 117 
DT  "C2'"  C  N N 118 
DT  "C1'"  C  N R 119 
DT  N1     N  N N 120 
DT  C2     C  N N 121 
DT  O2     O  N N 122 
DT  N3     N  N N 123 
DT  C4     C  N N 124 
DT  O4     O  N N 125 
DT  C5     C  N N 126 
DT  C7     C  N N 127 
DT  C6     C  N N 128 
DT  HOP3   H  N N 129 
DT  HOP2   H  N N 130 
DT  "H5'"  H  N N 131 
DT  "H5''" H  N N 132 
DT  "H4'"  H  N N 133 
DT  "H3'"  H  N N 134 
DT  "HO3'" H  N N 135 
DT  "H2'"  H  N N 136 
DT  "H2''" H  N N 137 
DT  "H1'"  H  N N 138 
DT  H3     H  N N 139 
DT  H71    H  N N 140 
DT  H72    H  N N 141 
DT  H73    H  N N 142 
DT  H6     H  N N 143 
HOH O      O  N N 144 
HOH H1     H  N N 145 
HOH H2     H  N N 146 
NCO CO     CO N N 147 
NCO N1     N  N N 148 
NCO N2     N  N N 149 
NCO N3     N  N N 150 
NCO N4     N  N N 151 
NCO N5     N  N N 152 
NCO N6     N  N N 153 
NCO HN11   H  N N 154 
NCO HN12   H  N N 155 
NCO HN13   H  N N 156 
NCO HN21   H  N N 157 
NCO HN22   H  N N 158 
NCO HN23   H  N N 159 
NCO HN31   H  N N 160 
NCO HN32   H  N N 161 
NCO HN33   H  N N 162 
NCO HN41   H  N N 163 
NCO HN42   H  N N 164 
NCO HN43   H  N N 165 
NCO HN51   H  N N 166 
NCO HN52   H  N N 167 
NCO HN53   H  N N 168 
NCO HN61   H  N N 169 
NCO HN62   H  N N 170 
NCO HN63   H  N N 171 
# 
loop_
_chem_comp_bond.comp_id 
_chem_comp_bond.atom_id_1 
_chem_comp_bond.atom_id_2 
_chem_comp_bond.value_order 
_chem_comp_bond.pdbx_aromatic_flag 
_chem_comp_bond.pdbx_stereo_config 
_chem_comp_bond.pdbx_ordinal 
DA  OP3   P      sing N N 1   
DA  OP3   HOP3   sing N N 2   
DA  P     OP1    doub N N 3   
DA  P     OP2    sing N N 4   
DA  P     "O5'"  sing N N 5   
DA  OP2   HOP2   sing N N 6   
DA  "O5'" "C5'"  sing N N 7   
DA  "C5'" "C4'"  sing N N 8   
DA  "C5'" "H5'"  sing N N 9   
DA  "C5'" "H5''" sing N N 10  
DA  "C4'" "O4'"  sing N N 11  
DA  "C4'" "C3'"  sing N N 12  
DA  "C4'" "H4'"  sing N N 13  
DA  "O4'" "C1'"  sing N N 14  
DA  "C3'" "O3'"  sing N N 15  
DA  "C3'" "C2'"  sing N N 16  
DA  "C3'" "H3'"  sing N N 17  
DA  "O3'" "HO3'" sing N N 18  
DA  "C2'" "C1'"  sing N N 19  
DA  "C2'" "H2'"  sing N N 20  
DA  "C2'" "H2''" sing N N 21  
DA  "C1'" N9     sing N N 22  
DA  "C1'" "H1'"  sing N N 23  
DA  N9    C8     sing Y N 24  
DA  N9    C4     sing Y N 25  
DA  C8    N7     doub Y N 26  
DA  C8    H8     sing N N 27  
DA  N7    C5     sing Y N 28  
DA  C5    C6     sing Y N 29  
DA  C5    C4     doub Y N 30  
DA  C6    N6     sing N N 31  
DA  C6    N1     doub Y N 32  
DA  N6    H61    sing N N 33  
DA  N6    H62    sing N N 34  
DA  N1    C2     sing Y N 35  
DA  C2    N3     doub Y N 36  
DA  C2    H2     sing N N 37  
DA  N3    C4     sing Y N 38  
DC  OP3   P      sing N N 39  
DC  OP3   HOP3   sing N N 40  
DC  P     OP1    doub N N 41  
DC  P     OP2    sing N N 42  
DC  P     "O5'"  sing N N 43  
DC  OP2   HOP2   sing N N 44  
DC  "O5'" "C5'"  sing N N 45  
DC  "C5'" "C4'"  sing N N 46  
DC  "C5'" "H5'"  sing N N 47  
DC  "C5'" "H5''" sing N N 48  
DC  "C4'" "O4'"  sing N N 49  
DC  "C4'" "C3'"  sing N N 50  
DC  "C4'" "H4'"  sing N N 51  
DC  "O4'" "C1'"  sing N N 52  
DC  "C3'" "O3'"  sing N N 53  
DC  "C3'" "C2'"  sing N N 54  
DC  "C3'" "H3'"  sing N N 55  
DC  "O3'" "HO3'" sing N N 56  
DC  "C2'" "C1'"  sing N N 57  
DC  "C2'" "H2'"  sing N N 58  
DC  "C2'" "H2''" sing N N 59  
DC  "C1'" N1     sing N N 60  
DC  "C1'" "H1'"  sing N N 61  
DC  N1    C2     sing N N 62  
DC  N1    C6     sing N N 63  
DC  C2    O2     doub N N 64  
DC  C2    N3     sing N N 65  
DC  N3    C4     doub N N 66  
DC  C4    N4     sing N N 67  
DC  C4    C5     sing N N 68  
DC  N4    H41    sing N N 69  
DC  N4    H42    sing N N 70  
DC  C5    C6     doub N N 71  
DC  C5    H5     sing N N 72  
DC  C6    H6     sing N N 73  
DG  OP3   P      sing N N 74  
DG  OP3   HOP3   sing N N 75  
DG  P     OP1    doub N N 76  
DG  P     OP2    sing N N 77  
DG  P     "O5'"  sing N N 78  
DG  OP2   HOP2   sing N N 79  
DG  "O5'" "C5'"  sing N N 80  
DG  "C5'" "C4'"  sing N N 81  
DG  "C5'" "H5'"  sing N N 82  
DG  "C5'" "H5''" sing N N 83  
DG  "C4'" "O4'"  sing N N 84  
DG  "C4'" "C3'"  sing N N 85  
DG  "C4'" "H4'"  sing N N 86  
DG  "O4'" "C1'"  sing N N 87  
DG  "C3'" "O3'"  sing N N 88  
DG  "C3'" "C2'"  sing N N 89  
DG  "C3'" "H3'"  sing N N 90  
DG  "O3'" "HO3'" sing N N 91  
DG  "C2'" "C1'"  sing N N 92  
DG  "C2'" "H2'"  sing N N 93  
DG  "C2'" "H2''" sing N N 94  
DG  "C1'" N9     sing N N 95  
DG  "C1'" "H1'"  sing N N 96  
DG  N9    C8     sing Y N 97  
DG  N9    C4     sing Y N 98  
DG  C8    N7     doub Y N 99  
DG  C8    H8     sing N N 100 
DG  N7    C5     sing Y N 101 
DG  C5    C6     sing N N 102 
DG  C5    C4     doub Y N 103 
DG  C6    O6     doub N N 104 
DG  C6    N1     sing N N 105 
DG  N1    C2     sing N N 106 
DG  N1    H1     sing N N 107 
DG  C2    N2     sing N N 108 
DG  C2    N3     doub N N 109 
DG  N2    H21    sing N N 110 
DG  N2    H22    sing N N 111 
DG  N3    C4     sing N N 112 
DT  OP3   P      sing N N 113 
DT  OP3   HOP3   sing N N 114 
DT  P     OP1    doub N N 115 
DT  P     OP2    sing N N 116 
DT  P     "O5'"  sing N N 117 
DT  OP2   HOP2   sing N N 118 
DT  "O5'" "C5'"  sing N N 119 
DT  "C5'" "C4'"  sing N N 120 
DT  "C5'" "H5'"  sing N N 121 
DT  "C5'" "H5''" sing N N 122 
DT  "C4'" "O4'"  sing N N 123 
DT  "C4'" "C3'"  sing N N 124 
DT  "C4'" "H4'"  sing N N 125 
DT  "O4'" "C1'"  sing N N 126 
DT  "C3'" "O3'"  sing N N 127 
DT  "C3'" "C2'"  sing N N 128 
DT  "C3'" "H3'"  sing N N 129 
DT  "O3'" "HO3'" sing N N 130 
DT  "C2'" "C1'"  sing N N 131 
DT  "C2'" "H2'"  sing N N 132 
DT  "C2'" "H2''" sing N N 133 
DT  "C1'" N1     sing N N 134 
DT  "C1'" "H1'"  sing N N 135 
DT  N1    C2     sing N N 136 
DT  N1    C6     sing N N 137 
DT  C2    O2     doub N N 138 
DT  C2    N3     sing N N 139 
DT  N3    C4     sing N N 140 
DT  N3    H3     sing N N 141 
DT  C4    O4     doub N N 142 
DT  C4    C5     sing N N 143 
DT  C5    C7     sing N N 144 
DT  C5    C6     doub N N 145 
DT  C7    H71    sing N N 146 
DT  C7    H72    sing N N 147 
DT  C7    H73    sing N N 148 
DT  C6    H6     sing N N 149 
HOH O     H1     sing N N 150 
HOH O     H2     sing N N 151 
NCO CO    N1     sing N N 152 
NCO CO    N2     sing N N 153 
NCO CO    N3     sing N N 154 
NCO CO    N4     sing N N 155 
NCO CO    N5     sing N N 156 
NCO CO    N6     sing N N 157 
NCO N1    HN11   sing N N 158 
NCO N1    HN12   sing N N 159 
NCO N1    HN13   sing N N 160 
NCO N2    HN21   sing N N 161 
NCO N2    HN22   sing N N 162 
NCO N2    HN23   sing N N 163 
NCO N3    HN31   sing N N 164 
NCO N3    HN32   sing N N 165 
NCO N3    HN33   sing N N 166 
NCO N4    HN41   sing N N 167 
NCO N4    HN42   sing N N 168 
NCO N4    HN43   sing N N 169 
NCO N5    HN51   sing N N 170 
NCO N5    HN52   sing N N 171 
NCO N5    HN53   sing N N 172 
NCO N6    HN61   sing N N 173 
NCO N6    HN62   sing N N 174 
NCO N6    HN63   sing N N 175 
# 
_ndb_struct_conf_na.entry_id   4F8G 
_ndb_struct_conf_na.feature    'a-form double helix' 
# 
loop_
_ndb_struct_na_base_pair.model_number 
_ndb_struct_na_base_pair.i_label_asym_id 
_ndb_struct_na_base_pair.i_label_comp_id 
_ndb_struct_na_base_pair.i_label_seq_id 
_ndb_struct_na_base_pair.i_symmetry 
_ndb_struct_na_base_pair.j_label_asym_id 
_ndb_struct_na_base_pair.j_label_comp_id 
_ndb_struct_na_base_pair.j_label_seq_id 
_ndb_struct_na_base_pair.j_symmetry 
_ndb_struct_na_base_pair.shear 
_ndb_struct_na_base_pair.stretch 
_ndb_struct_na_base_pair.stagger 
_ndb_struct_na_base_pair.buckle 
_ndb_struct_na_base_pair.propeller 
_ndb_struct_na_base_pair.opening 
_ndb_struct_na_base_pair.pair_number 
_ndb_struct_na_base_pair.pair_name 
_ndb_struct_na_base_pair.i_auth_asym_id 
_ndb_struct_na_base_pair.i_auth_seq_id 
_ndb_struct_na_base_pair.i_PDB_ins_code 
_ndb_struct_na_base_pair.j_auth_asym_id 
_ndb_struct_na_base_pair.j_auth_seq_id 
_ndb_struct_na_base_pair.j_PDB_ins_code 
_ndb_struct_na_base_pair.hbond_type_28 
_ndb_struct_na_base_pair.hbond_type_12 
1 A DG 7  1_555 A DC 18 2_765 -0.245 -0.167 0.119  -1.184  -5.373  -2.348 1  A_DG7:DC18_A  A 7  ? A 18 ? 19 1 
1 A DG 8  1_555 A DC 17 2_765 -0.235 -0.169 -0.507 -22.172 -10.131 -2.941 2  A_DG8:DC17_A  A 8  ? A 17 ? 19 1 
1 A DG 9  1_555 A DC 16 2_765 -0.219 -0.134 -0.031 -7.497  -14.954 3.515  3  A_DG9:DC16_A  A 9  ? A 16 ? 19 1 
1 A DC 10 1_555 A DG 15 2_765 0.164  -0.152 0.149  5.205   -10.658 -0.200 4  A_DC10:DG15_A A 10 ? A 15 ? 19 1 
1 A DA 11 1_555 A DT 14 2_765 0.103  -0.199 0.101  7.069   -16.462 -4.687 5  A_DA11:DT14_A A 11 ? A 14 ? 20 1 
1 A DC 12 1_555 A DG 13 2_765 0.314  -0.236 0.018  8.395   -17.993 -0.588 6  A_DC12:DG13_A A 12 ? A 13 ? 19 1 
1 A DG 13 1_555 A DC 12 2_765 -0.314 -0.236 0.018  -8.395  -17.993 -0.588 7  A_DG13:DC12_A A 13 ? A 12 ? 19 1 
1 A DT 14 1_555 A DA 11 2_765 -0.103 -0.199 0.101  -7.069  -16.462 -4.687 8  A_DT14:DA11_A A 14 ? A 11 ? 20 1 
1 A DG 15 1_555 A DC 10 2_765 -0.164 -0.152 0.149  -5.205  -10.658 -0.200 9  A_DG15:DC10_A A 15 ? A 10 ? 19 1 
1 A DC 16 1_555 A DG 9  2_765 0.219  -0.134 -0.031 7.497   -14.954 3.515  10 A_DC16:DG9_A  A 16 ? A 9  ? 19 1 
1 A DC 17 1_555 A DG 8  2_765 0.235  -0.169 -0.507 22.172  -10.131 -2.941 11 A_DC17:DG8_A  A 17 ? A 8  ? 19 1 
1 A DC 18 1_555 A DG 7  2_765 0.245  -0.167 0.119  1.184   -5.373  -2.348 12 A_DC18:DG7_A  A 18 ? A 7  ? 19 1 
# 
loop_
_ndb_struct_na_base_pair_step.model_number 
_ndb_struct_na_base_pair_step.i_label_asym_id_1 
_ndb_struct_na_base_pair_step.i_label_comp_id_1 
_ndb_struct_na_base_pair_step.i_label_seq_id_1 
_ndb_struct_na_base_pair_step.i_symmetry_1 
_ndb_struct_na_base_pair_step.j_label_asym_id_1 
_ndb_struct_na_base_pair_step.j_label_comp_id_1 
_ndb_struct_na_base_pair_step.j_label_seq_id_1 
_ndb_struct_na_base_pair_step.j_symmetry_1 
_ndb_struct_na_base_pair_step.i_label_asym_id_2 
_ndb_struct_na_base_pair_step.i_label_comp_id_2 
_ndb_struct_na_base_pair_step.i_label_seq_id_2 
_ndb_struct_na_base_pair_step.i_symmetry_2 
_ndb_struct_na_base_pair_step.j_label_asym_id_2 
_ndb_struct_na_base_pair_step.j_label_comp_id_2 
_ndb_struct_na_base_pair_step.j_label_seq_id_2 
_ndb_struct_na_base_pair_step.j_symmetry_2 
_ndb_struct_na_base_pair_step.shift 
_ndb_struct_na_base_pair_step.slide 
_ndb_struct_na_base_pair_step.rise 
_ndb_struct_na_base_pair_step.tilt 
_ndb_struct_na_base_pair_step.roll 
_ndb_struct_na_base_pair_step.twist 
_ndb_struct_na_base_pair_step.x_displacement 
_ndb_struct_na_base_pair_step.y_displacement 
_ndb_struct_na_base_pair_step.helical_rise 
_ndb_struct_na_base_pair_step.inclination 
_ndb_struct_na_base_pair_step.tip 
_ndb_struct_na_base_pair_step.helical_twist 
_ndb_struct_na_base_pair_step.step_number 
_ndb_struct_na_base_pair_step.step_name 
_ndb_struct_na_base_pair_step.i_auth_asym_id_1 
_ndb_struct_na_base_pair_step.i_auth_seq_id_1 
_ndb_struct_na_base_pair_step.i_PDB_ins_code_1 
_ndb_struct_na_base_pair_step.j_auth_asym_id_1 
_ndb_struct_na_base_pair_step.j_auth_seq_id_1 
_ndb_struct_na_base_pair_step.j_PDB_ins_code_1 
_ndb_struct_na_base_pair_step.i_auth_asym_id_2 
_ndb_struct_na_base_pair_step.i_auth_seq_id_2 
_ndb_struct_na_base_pair_step.i_PDB_ins_code_2 
_ndb_struct_na_base_pair_step.j_auth_asym_id_2 
_ndb_struct_na_base_pair_step.j_auth_seq_id_2 
_ndb_struct_na_base_pair_step.j_PDB_ins_code_2 
1 A DG 7  1_555 A DC 18 2_765 A DG 8  1_555 A DC 17 2_765 0.517  -1.570 3.852 11.087  3.877  38.945 -2.771 0.709  3.692 5.660  
-16.186 40.612 1  AA_DG7DG8:DC17DC18_AA   A 7  ? A 18 ? A 8  ? A 17 ? 
1 A DG 8  1_555 A DC 17 2_765 A DG 9  1_555 A DC 16 2_765 0.276  -0.553 3.038 -3.878  8.999  30.003 -2.527 -1.160 2.707 16.828 
7.252   31.528 2  AA_DG8DG9:DC16DC17_AA   A 8  ? A 17 ? A 9  ? A 16 ? 
1 A DG 9  1_555 A DC 16 2_765 A DC 10 1_555 A DG 15 2_765 -0.474 -0.961 2.988 -1.957  7.501  33.193 -2.699 0.533  2.735 12.913 
3.368   34.062 3  AA_DG9DC10:DG15DC16_AA  A 9  ? A 16 ? A 10 ? A 15 ? 
1 A DC 10 1_555 A DG 15 2_765 A DA 11 1_555 A DT 14 2_765 -0.429 -1.124 3.126 0.162   11.010 31.616 -3.594 0.770  2.598 19.482 
-0.286  33.432 4  AA_DC10DA11:DT14DG15_AA A 10 ? A 15 ? A 11 ? A 14 ? 
1 A DA 11 1_555 A DT 14 2_765 A DC 12 1_555 A DG 13 2_765 0.594  -1.238 3.217 1.001   3.757  34.906 -2.595 -0.840 3.086 6.238  
-1.662  35.116 5  AA_DA11DC12:DG13DT14_AA A 11 ? A 14 ? A 12 ? A 13 ? 
1 A DC 12 1_555 A DG 13 2_765 A DG 13 1_555 A DC 12 2_765 0.000  -1.701 3.382 0.000   15.746 31.632 -4.960 0.000  2.304 26.901 
0.000   35.244 6  AA_DC12DG13:DC12DG13_AA A 12 ? A 13 ? A 13 ? A 12 ? 
1 A DG 13 1_555 A DC 12 2_765 A DT 14 1_555 A DA 11 2_765 -0.594 -1.238 3.217 -1.001  3.757  34.906 -2.595 0.840  3.086 6.238  
1.662   35.116 7  AA_DG13DT14:DA11DC12_AA A 13 ? A 12 ? A 14 ? A 11 ? 
1 A DT 14 1_555 A DA 11 2_765 A DG 15 1_555 A DC 10 2_765 0.429  -1.124 3.126 -0.162  11.010 31.616 -3.594 -0.770 2.598 19.482 
0.286   33.432 8  AA_DT14DG15:DC10DA11_AA A 14 ? A 11 ? A 15 ? A 10 ? 
1 A DG 15 1_555 A DC 10 2_765 A DC 16 1_555 A DG 9  2_765 0.474  -0.961 2.988 1.957   7.501  33.193 -2.699 -0.533 2.735 12.913 
-3.368  34.062 9  AA_DG15DC16:DG9DC10_AA  A 15 ? A 10 ? A 16 ? A 9  ? 
1 A DC 16 1_555 A DG 9  2_765 A DC 17 1_555 A DG 8  2_765 -0.276 -0.553 3.038 3.878   8.999  30.003 -2.527 1.160  2.707 16.828 
-7.252  31.528 10 AA_DC16DC17:DG8DG9_AA   A 16 ? A 9  ? A 17 ? A 8  ? 
1 A DC 17 1_555 A DG 8  2_765 A DC 18 1_555 A DG 7  2_765 -0.517 -1.570 3.852 -11.087 3.877  38.945 -2.771 -0.709 3.692 5.660  
16.186  40.612 11 AA_DC17DC18:DG7DG8_AA   A 17 ? A 8  ? A 18 ? A 7  ? 
# 
_atom_sites.entry_id                    4F8G 
_atom_sites.fract_transf_matrix[1][1]   0.00399443 
_atom_sites.fract_transf_matrix[1][2]   -0.00217221 
_atom_sites.fract_transf_matrix[1][3]   0.03126207 
_atom_sites.fract_transf_matrix[2][1]   -0.01665172 
_atom_sites.fract_transf_matrix[2][2]   0.01451432 
_atom_sites.fract_transf_matrix[2][3]   0.00313614 
_atom_sites.fract_transf_matrix[3][1]   -0.00893184 
_atom_sites.fract_transf_matrix[3][2]   -0.01033852 
_atom_sites.fract_transf_matrix[3][3]   0.00042288 
_atom_sites.fract_transf_vector[1]      1.115361 
_atom_sites.fract_transf_vector[2]      0.428961 
_atom_sites.fract_transf_vector[3]      0.314698 
# 
loop_
_atom_type.symbol 
C  
CO 
N  
O  
P  
# 
loop_
_atom_site.group_PDB 
_atom_site.id 
_atom_site.type_symbol 
_atom_site.label_atom_id 
_atom_site.label_alt_id 
_atom_site.label_comp_id 
_atom_site.label_asym_id 
_atom_site.label_entity_id 
_atom_site.label_seq_id 
_atom_site.pdbx_PDB_ins_code 
_atom_site.Cartn_x 
_atom_site.Cartn_y 
_atom_site.Cartn_z 
_atom_site.occupancy 
_atom_site.B_iso_or_equiv 
_atom_site.pdbx_formal_charge 
_atom_site.auth_seq_id 
_atom_site.auth_comp_id 
_atom_site.auth_asym_id 
_atom_site.auth_atom_id 
_atom_site.pdbx_PDB_model_num 
ATOM   1   O  "O5'" . DC  A 1 2  ? 8.370   -28.111 0.086   1.00 103.81 ? 2   DC  A "O5'" 1 
ATOM   2   C  "C5'" . DC  A 1 2  ? 7.358   -27.108 0.125   1.00 106.79 ? 2   DC  A "C5'" 1 
ATOM   3   C  "C4'" . DC  A 1 2  ? 7.650   -26.064 1.191   1.00 96.62  ? 2   DC  A "C4'" 1 
ATOM   4   O  "O4'" . DC  A 1 2  ? 7.924   -26.714 2.454   1.00 79.90  ? 2   DC  A "O4'" 1 
ATOM   5   C  "C3'" . DC  A 1 2  ? 8.864   -25.174 0.925   1.00 102.14 ? 2   DC  A "C3'" 1 
ATOM   6   O  "O3'" . DC  A 1 2  ? 8.415   -23.922 0.400   1.00 117.78 ? 2   DC  A "O3'" 1 
ATOM   7   C  "C2'" . DC  A 1 2  ? 9.576   -25.074 2.281   1.00 86.86  ? 2   DC  A "C2'" 1 
ATOM   8   C  "C1'" . DC  A 1 2  ? 8.660   -25.815 3.249   1.00 75.63  ? 2   DC  A "C1'" 1 
ATOM   9   N  N1    . DC  A 1 2  ? 9.372   -26.591 4.317   1.00 65.44  ? 2   DC  A N1    1 
ATOM   10  C  C2    . DC  A 1 2  ? 9.052   -26.409 5.676   1.00 59.38  ? 2   DC  A C2    1 
ATOM   11  O  O2    . DC  A 1 2  ? 8.178   -25.600 6.013   1.00 60.25  ? 2   DC  A O2    1 
ATOM   12  N  N3    . DC  A 1 2  ? 9.721   -27.141 6.608   1.00 56.58  ? 2   DC  A N3    1 
ATOM   13  C  C4    . DC  A 1 2  ? 10.664  -28.014 6.237   1.00 58.44  ? 2   DC  A C4    1 
ATOM   14  N  N4    . DC  A 1 2  ? 11.293  -28.709 7.189   1.00 60.61  ? 2   DC  A N4    1 
ATOM   15  C  C5    . DC  A 1 2  ? 11.001  -28.215 4.866   1.00 62.87  ? 2   DC  A C5    1 
ATOM   16  C  C6    . DC  A 1 2  ? 10.338  -27.494 3.955   1.00 66.38  ? 2   DC  A C6    1 
ATOM   17  P  P     . DG  A 1 3  ? 9.344   -22.617 0.351   1.00 72.62  ? 3   DG  A P     1 
ATOM   18  O  OP1   . DG  A 1 3  ? 8.771   -21.700 -0.661  1.00 76.14  ? 3   DG  A OP1   1 
ATOM   19  O  OP2   . DG  A 1 3  ? 10.756  -23.052 0.243   1.00 76.23  ? 3   DG  A OP2   1 
ATOM   20  O  "O5'" . DG  A 1 3  ? 9.129   -21.975 1.802   1.00 64.22  ? 3   DG  A "O5'" 1 
ATOM   21  C  "C5'" . DG  A 1 3  ? 7.836   -21.975 2.411   1.00 60.45  ? 3   DG  A "C5'" 1 
ATOM   22  C  "C4'" . DG  A 1 3  ? 7.847   -21.256 3.748   1.00 54.90  ? 3   DG  A "C4'" 1 
ATOM   23  O  "O4'" . DG  A 1 3  ? 8.253   -22.180 4.792   1.00 53.09  ? 3   DG  A "O4'" 1 
ATOM   24  C  "C3'" . DG  A 1 3  ? 8.805   -20.072 3.834   1.00 53.95  ? 3   DG  A "C3'" 1 
ATOM   25  O  "O3'" . DG  A 1 3  ? 8.225   -19.009 4.561   1.00 51.17  ? 3   DG  A "O3'" 1 
ATOM   26  C  "C2'" . DG  A 1 3  ? 10.014  -20.639 4.562   1.00 52.68  ? 3   DG  A "C2'" 1 
ATOM   27  C  "C1'" . DG  A 1 3  ? 9.361   -21.652 5.496   1.00 50.46  ? 3   DG  A "C1'" 1 
ATOM   28  N  N9    . DG  A 1 3  ? 10.246  -22.743 5.896   1.00 50.62  ? 3   DG  A N9    1 
ATOM   29  C  C8    . DG  A 1 3  ? 11.141  -23.431 5.106   1.00 54.39  ? 3   DG  A C8    1 
ATOM   30  N  N7    . DG  A 1 3  ? 11.799  -24.357 5.747   1.00 54.72  ? 3   DG  A N7    1 
ATOM   31  C  C5    . DG  A 1 3  ? 11.309  -24.278 7.043   1.00 50.74  ? 3   DG  A C5    1 
ATOM   32  C  C6    . DG  A 1 3  ? 11.644  -25.036 8.190   1.00 50.41  ? 3   DG  A C6    1 
ATOM   33  O  O6    . DG  A 1 3  ? 12.471  -25.953 8.279   1.00 53.79  ? 3   DG  A O6    1 
ATOM   34  N  N1    . DG  A 1 3  ? 10.913  -24.641 9.311   1.00 47.47  ? 3   DG  A N1    1 
ATOM   35  C  C2    . DG  A 1 3  ? 9.970   -23.636 9.325   1.00 45.16  ? 3   DG  A C2    1 
ATOM   36  N  N2    . DG  A 1 3  ? 9.368   -23.395 10.498  1.00 44.15  ? 3   DG  A N2    1 
ATOM   37  N  N3    . DG  A 1 3  ? 9.645   -22.918 8.254   1.00 45.09  ? 3   DG  A N3    1 
ATOM   38  C  C4    . DG  A 1 3  ? 10.350  -23.291 7.153   1.00 48.25  ? 3   DG  A C4    1 
ATOM   39  P  P     . DA  A 1 4  ? 8.608   -17.504 4.191   1.00 52.20  ? 4   DA  A P     1 
ATOM   40  O  OP1   . DA  A 1 4  ? 8.370   -17.299 2.742   1.00 56.81  ? 4   DA  A OP1   1 
ATOM   41  O  OP2   . DA  A 1 4  ? 9.935   -17.215 4.784   1.00 51.36  ? 4   DA  A OP2   1 
ATOM   42  O  "O5'" . DA  A 1 4  ? 7.519   -16.679 5.017   1.00 49.17  ? 4   DA  A "O5'" 1 
ATOM   43  C  "C5'" . DA  A 1 4  ? 6.124   -16.867 4.799   1.00 49.12  ? 4   DA  A "C5'" 1 
ATOM   44  C  "C4'" . DA  A 1 4  ? 5.347   -16.408 6.017   1.00 47.25  ? 4   DA  A "C4'" 1 
ATOM   45  O  "O4'" . DA  A 1 4  ? 5.483   -17.422 7.041   1.00 45.04  ? 4   DA  A "O4'" 1 
ATOM   46  C  "C3'" . DA  A 1 4  ? 5.865   -15.120 6.645   1.00 46.25  ? 4   DA  A "C3'" 1 
ATOM   47  O  "O3'" . DA  A 1 4  ? 5.259   -13.968 5.987   1.00 48.89  ? 4   DA  A "O3'" 1 
ATOM   48  C  "C2'" . DA  A 1 4  ? 5.591   -15.325 8.135   1.00 45.33  ? 4   DA  A "C2'" 1 
ATOM   49  C  "C1'" . DA  A 1 4  ? 5.715   -16.834 8.308   1.00 43.95  ? 4   DA  A "C1'" 1 
ATOM   50  N  N9    . DA  A 1 4  ? 7.005   -17.288 8.839   1.00 41.58  ? 4   DA  A N9    1 
ATOM   51  C  C8    . DA  A 1 4  ? 7.956   -18.056 8.220   1.00 40.83  ? 4   DA  A C8    1 
ATOM   52  N  N7    . DA  A 1 4  ? 9.007   -18.312 8.966   1.00 39.77  ? 4   DA  A N7    1 
ATOM   53  C  C5    . DA  A 1 4  ? 8.728   -17.669 10.161  1.00 39.73  ? 4   DA  A C5    1 
ATOM   54  C  C6    . DA  A 1 4  ? 9.443   -17.554 11.374  1.00 39.82  ? 4   DA  A C6    1 
ATOM   55  N  N6    . DA  A 1 4  ? 10.643  -18.112 11.580  1.00 39.21  ? 4   DA  A N6    1 
ATOM   56  N  N1    . DA  A 1 4  ? 8.877   -16.835 12.372  1.00 41.31  ? 4   DA  A N1    1 
ATOM   57  C  C2    . DA  A 1 4  ? 7.675   -16.277 12.168  1.00 42.75  ? 4   DA  A C2    1 
ATOM   58  N  N3    . DA  A 1 4  ? 6.910   -16.317 11.075  1.00 42.85  ? 4   DA  A N3    1 
ATOM   59  C  C4    . DA  A 1 4  ? 7.497   -17.036 10.099  1.00 41.12  ? 4   DA  A C4    1 
ATOM   60  P  P     A DA  A 1 5  ? 4.107   -12.993 6.547   0.50 34.98  ? 5   DA  A P     1 
ATOM   61  P  P     B DA  A 1 5  ? 6.087   -12.597 5.832   0.50 34.89  ? 5   DA  A P     1 
ATOM   62  O  OP1   A DA  A 1 5  ? 3.111   -13.745 7.343   0.50 35.06  ? 5   DA  A OP1   1 
ATOM   63  O  OP1   B DA  A 1 5  ? 6.042   -12.242 4.397   0.50 34.71  ? 5   DA  A OP1   1 
ATOM   64  O  OP2   A DA  A 1 5  ? 3.640   -12.188 5.395   0.50 35.01  ? 5   DA  A OP2   1 
ATOM   65  O  OP2   B DA  A 1 5  ? 7.392   -12.728 6.518   0.50 34.96  ? 5   DA  A OP2   1 
ATOM   66  O  "O5'" A DA  A 1 5  ? 4.945   -12.017 7.498   0.50 33.84  ? 5   DA  A "O5'" 1 
ATOM   67  O  "O5'" B DA  A 1 5  ? 5.233   -11.528 6.667   0.50 33.75  ? 5   DA  A "O5'" 1 
ATOM   68  C  "C5'" A DA  A 1 5  ? 4.664   -11.922 8.888   0.50 32.71  ? 5   DA  A "C5'" 1 
ATOM   69  C  "C5'" B DA  A 1 5  ? 4.725   -11.806 7.979   0.50 32.72  ? 5   DA  A "C5'" 1 
ATOM   70  C  "C4'" A DA  A 1 5  ? 5.856   -11.337 9.621   0.50 31.73  ? 5   DA  A "C4'" 1 
ATOM   71  C  "C4'" B DA  A 1 5  ? 5.717   -11.439 9.071   0.50 31.67  ? 5   DA  A "C4'" 1 
ATOM   72  O  "O4'" A DA  A 1 5  ? 6.687   -12.418 10.115  0.50 31.73  ? 5   DA  A "O4'" 1 
ATOM   73  O  "O4'" B DA  A 1 5  ? 6.410   -12.620 9.544   0.50 31.61  ? 5   DA  A "O4'" 1 
ATOM   74  C  "C3'" A DA  A 1 5  ? 6.783   -10.479 8.766   0.50 30.70  ? 5   DA  A "C3'" 1 
ATOM   75  C  "C3'" B DA  A 1 5  ? 6.827   -10.491 8.645   0.50 30.61  ? 5   DA  A "C3'" 1 
ATOM   76  O  "O3'" A DA  A 1 5  ? 6.351   -9.118  8.744   0.50 28.59  ? 5   DA  A "O3'" 1 
ATOM   77  O  "O3'" B DA  A 1 5  ? 6.387   -9.141  8.720   0.50 28.54  ? 5   DA  A "O3'" 1 
ATOM   78  C  "C2'" A DA  A 1 5  ? 8.122   -10.638 9.479   0.50 31.01  ? 5   DA  A "C2'" 1 
ATOM   79  C  "C2'" B DA  A 1 5  ? 7.924   -10.804 9.657   0.50 30.93  ? 5   DA  A "C2'" 1 
ATOM   80  C  "C1'" A DA  A 1 5  ? 8.047   -12.026 10.114  0.50 31.70  ? 5   DA  A "C1'" 1 
ATOM   81  C  "C1'" B DA  A 1 5  ? 7.728   -12.291 9.940   0.50 31.54  ? 5   DA  A "C1'" 1 
ATOM   82  N  N9    A DA  A 1 5  ? 8.821   -13.032 9.393   0.50 32.17  ? 5   DA  A N9    1 
ATOM   83  N  N9    B DA  A 1 5  ? 8.662   -13.137 9.203   0.50 31.92  ? 5   DA  A N9    1 
ATOM   84  C  C8    A DA  A 1 5  ? 8.678   -13.389 8.082   0.50 32.23  ? 5   DA  A C8    1 
ATOM   85  C  C8    B DA  A 1 5  ? 8.659   -13.377 7.858   0.50 32.01  ? 5   DA  A C8    1 
ATOM   86  N  N7    A DA  A 1 5  ? 9.515   -14.322 7.693   0.50 32.63  ? 5   DA  A N7    1 
ATOM   87  N  N7    B DA  A 1 5  ? 9.620   -14.177 7.459   0.50 32.36  ? 5   DA  A N7    1 
ATOM   88  C  C5    A DA  A 1 5  ? 10.258  -14.596 8.828   0.50 32.61  ? 5   DA  A C5    1 
ATOM   89  C  C5    B DA  A 1 5  ? 10.305  -14.478 8.624   0.50 32.30  ? 5   DA  A C5    1 
ATOM   90  C  C6    A DA  A 1 5  ? 11.313  -15.497 9.073   0.50 32.95  ? 5   DA  A C6    1 
ATOM   91  C  C6    B DA  A 1 5  ? 11.433  -15.283 8.875   0.50 32.61  ? 5   DA  A C6    1 
ATOM   92  N  N6    A DA  A 1 5  ? 11.809  -16.315 8.139   0.50 33.17  ? 5   DA  A N6    1 
ATOM   93  N  N6    B DA  A 1 5  ? 12.083  -15.950 7.915   0.50 32.74  ? 5   DA  A N6    1 
ATOM   94  N  N1    A DA  A 1 5  ? 11.837  -15.522 10.317  0.50 33.03  ? 5   DA  A N1    1 
ATOM   95  N  N1    B DA  A 1 5  ? 11.864  -15.373 10.151  0.50 32.70  ? 5   DA  A N1    1 
ATOM   96  C  C2    A DA  A 1 5  ? 11.333  -14.698 11.243  0.50 32.95  ? 5   DA  A C2    1 
ATOM   97  C  C2    B DA  A 1 5  ? 11.203  -14.699 11.101  0.50 32.62  ? 5   DA  A C2    1 
ATOM   98  N  N3    A DA  A 1 5  ? 10.346  -13.810 11.128  0.50 32.86  ? 5   DA  A N3    1 
ATOM   99  N  N3    B DA  A 1 5  ? 10.134  -13.913 10.984  0.50 32.50  ? 5   DA  A N3    1 
ATOM   100 C  C4    A DA  A 1 5  ? 9.845   -13.810 9.884   0.50 32.47  ? 5   DA  A C4    1 
ATOM   101 C  C4    B DA  A 1 5  ? 9.729   -13.845 9.708   0.50 32.18  ? 5   DA  A C4    1 
ATOM   102 P  P     . DA  A 1 6  ? 6.330   -8.232  7.405   1.00 27.42  ? 6   DA  A P     1 
ATOM   103 O  OP1   . DA  A 1 6  ? 5.305   -8.782  6.496   1.00 26.66  ? 6   DA  A OP1   1 
ATOM   104 O  OP2   . DA  A 1 6  ? 7.718   -8.030  6.934   1.00 26.18  ? 6   DA  A OP2   1 
ATOM   105 O  "O5'" . DA  A 1 6  ? 5.779   -6.840  7.959   1.00 25.17  ? 6   DA  A "O5'" 1 
ATOM   106 C  "C5'" . DA  A 1 6  ? 6.639   -5.927  8.613   1.00 22.95  ? 6   DA  A "C5'" 1 
ATOM   107 C  "C4'" . DA  A 1 6  ? 5.791   -4.833  9.227   1.00 21.55  ? 6   DA  A "C4'" 1 
ATOM   108 O  "O4'" . DA  A 1 6  ? 5.087   -5.350  10.379  1.00 21.33  ? 6   DA  A "O4'" 1 
ATOM   109 C  "C3'" . DA  A 1 6  ? 6.553   -3.632  9.755   1.00 20.56  ? 6   DA  A "C3'" 1 
ATOM   110 O  "O3'" . DA  A 1 6  ? 5.716   -2.483  9.698   1.00 19.68  ? 6   DA  A "O3'" 1 
ATOM   111 C  "C2'" . DA  A 1 6  ? 6.910   -4.053  11.183  1.00 20.78  ? 6   DA  A "C2'" 1 
ATOM   112 C  "C1'" . DA  A 1 6  ? 5.752   -4.967  11.570  1.00 20.75  ? 6   DA  A "C1'" 1 
ATOM   113 N  N9    . DA  A 1 6  ? 6.107   -6.194  12.284  1.00 20.51  ? 6   DA  A N9    1 
ATOM   114 C  C8    . DA  A 1 6  ? 6.150   -7.471  11.787  1.00 20.60  ? 6   DA  A C8    1 
ATOM   115 N  N7    . DA  A 1 6  ? 6.471   -8.382  12.671  1.00 20.21  ? 6   DA  A N7    1 
ATOM   116 C  C5    . DA  A 1 6  ? 6.645   -7.653  13.832  1.00 20.18  ? 6   DA  A C5    1 
ATOM   117 C  C6    . DA  A 1 6  ? 6.993   -8.035  15.143  1.00 20.02  ? 6   DA  A C6    1 
ATOM   118 N  N6    . DA  A 1 6  ? 7.243   -9.298  15.499  1.00 19.57  ? 6   DA  A N6    1 
ATOM   119 N  N1    . DA  A 1 6  ? 7.072   -7.060  16.074  1.00 20.85  ? 6   DA  A N1    1 
ATOM   120 C  C2    . DA  A 1 6  ? 6.828   -5.790  15.716  1.00 20.78  ? 6   DA  A C2    1 
ATOM   121 N  N3    . DA  A 1 6  ? 6.490   -5.307  14.517  1.00 20.31  ? 6   DA  A N3    1 
ATOM   122 C  C4    . DA  A 1 6  ? 6.417   -6.303  13.614  1.00 20.24  ? 6   DA  A C4    1 
ATOM   123 P  P     . DG  A 1 7  ? 5.622   -1.616  8.350   1.00 18.73  ? 7   DG  A P     1 
ATOM   124 O  OP1   . DG  A 1 7  ? 4.687   -0.499  8.632   1.00 19.56  ? 7   DG  A OP1   1 
ATOM   125 O  OP2   . DG  A 1 7  ? 5.360   -2.503  7.193   1.00 19.60  ? 7   DG  A OP2   1 
ATOM   126 O  "O5'" . DG  A 1 7  ? 7.104   -1.047  8.202   1.00 18.90  ? 7   DG  A "O5'" 1 
ATOM   127 C  "C5'" . DG  A 1 7  ? 7.649   -0.127  9.136   1.00 18.63  ? 7   DG  A "C5'" 1 
ATOM   128 C  "C4'" . DG  A 1 7  ? 8.981   0.385   8.626   1.00 18.72  ? 7   DG  A "C4'" 1 
ATOM   129 O  "O4'" . DG  A 1 7  ? 9.928   -0.706  8.506   1.00 18.80  ? 7   DG  A "O4'" 1 
ATOM   130 C  "C3'" . DG  A 1 7  ? 8.930   1.020   7.244   1.00 18.59  ? 7   DG  A "C3'" 1 
ATOM   131 O  "O3'" . DG  A 1 7  ? 8.547   2.392   7.347   1.00 19.69  ? 7   DG  A "O3'" 1 
ATOM   132 C  "C2'" . DG  A 1 7  ? 10.367  0.844   6.772   1.00 18.61  ? 7   DG  A "C2'" 1 
ATOM   133 C  "C1'" . DG  A 1 7  ? 10.711  -0.532  7.337   1.00 18.46  ? 7   DG  A "C1'" 1 
ATOM   134 N  N9    . DG  A 1 7  ? 10.413  -1.630  6.424   1.00 18.47  ? 7   DG  A N9    1 
ATOM   135 C  C8    . DG  A 1 7  ? 9.517   -2.667  6.621   1.00 18.65  ? 7   DG  A C8    1 
ATOM   136 N  N7    . DG  A 1 7  ? 9.465   -3.506  5.624   1.00 17.30  ? 7   DG  A N7    1 
ATOM   137 C  C5    . DG  A 1 7  ? 10.379  -3.003  4.708   1.00 16.80  ? 7   DG  A C5    1 
ATOM   138 C  C6    . DG  A 1 7  ? 10.750  -3.499  3.437   1.00 16.95  ? 7   DG  A C6    1 
ATOM   139 O  O6    . DG  A 1 7  ? 10.320  -4.515  2.868   1.00 17.24  ? 7   DG  A O6    1 
ATOM   140 N  N1    . DG  A 1 7  ? 11.712  -2.689  2.819   1.00 16.64  ? 7   DG  A N1    1 
ATOM   141 C  C2    . DG  A 1 7  ? 12.253  -1.546  3.372   1.00 16.69  ? 7   DG  A C2    1 
ATOM   142 N  N2    . DG  A 1 7  ? 13.174  -0.890  2.645   1.00 16.50  ? 7   DG  A N2    1 
ATOM   143 N  N3    . DG  A 1 7  ? 11.909  -1.079  4.572   1.00 17.24  ? 7   DG  A N3    1 
ATOM   144 C  C4    . DG  A 1 7  ? 10.971  -1.851  5.180   1.00 17.33  ? 7   DG  A C4    1 
ATOM   145 P  P     . DG  A 1 8  ? 7.553   3.044   6.275   1.00 19.71  ? 8   DG  A P     1 
ATOM   146 O  OP1   . DG  A 1 8  ? 7.351   4.450   6.698   1.00 18.98  ? 8   DG  A OP1   1 
ATOM   147 O  OP2   . DG  A 1 8  ? 6.380   2.159   6.082   1.00 19.02  ? 8   DG  A OP2   1 
ATOM   148 O  "O5'" . DG  A 1 8  ? 8.419   3.037   4.930   1.00 18.72  ? 8   DG  A "O5'" 1 
ATOM   149 C  "C5'" . DG  A 1 8  ? 9.594   3.839   4.863   1.00 18.93  ? 8   DG  A "C5'" 1 
ATOM   150 C  "C4'" . DG  A 1 8  ? 10.351  3.588   3.576   1.00 18.93  ? 8   DG  A "C4'" 1 
ATOM   151 O  "O4'" . DG  A 1 8  ? 10.803  2.213   3.519   1.00 19.20  ? 8   DG  A "O4'" 1 
ATOM   152 C  "C3'" . DG  A 1 8  ? 9.530   3.747   2.305   1.00 19.09  ? 8   DG  A "C3'" 1 
ATOM   153 O  "O3'" . DG  A 1 8  ? 9.395   5.117   1.962   1.00 19.82  ? 8   DG  A "O3'" 1 
ATOM   154 C  "C2'" . DG  A 1 8  ? 10.386  2.967   1.321   1.00 18.44  ? 8   DG  A "C2'" 1 
ATOM   155 C  "C1'" . DG  A 1 8  ? 10.798  1.772   2.172   1.00 18.37  ? 8   DG  A "C1'" 1 
ATOM   156 N  N9    . DG  A 1 8  ? 9.927   0.600   2.051   1.00 17.75  ? 8   DG  A N9    1 
ATOM   157 C  C8    . DG  A 1 8  ? 8.959   0.165   2.929   1.00 17.65  ? 8   DG  A C8    1 
ATOM   158 N  N7    . DG  A 1 8  ? 8.360   -0.931  2.549   1.00 17.61  ? 8   DG  A N7    1 
ATOM   159 C  C5    . DG  A 1 8  ? 8.964   -1.244  1.338   1.00 17.61  ? 8   DG  A C5    1 
ATOM   160 C  C6    . DG  A 1 8  ? 8.738   -2.326  0.443   1.00 17.58  ? 8   DG  A C6    1 
ATOM   161 O  O6    . DG  A 1 8  ? 7.922   -3.251  0.545   1.00 17.24  ? 8   DG  A O6    1 
ATOM   162 N  N1    . DG  A 1 8  ? 9.587   -2.267  -0.670  1.00 17.35  ? 8   DG  A N1    1 
ATOM   163 C  C2    . DG  A 1 8  ? 10.526  -1.281  -0.899  1.00 16.85  ? 8   DG  A C2    1 
ATOM   164 N  N2    . DG  A 1 8  ? 11.246  -1.376  -2.029  1.00 16.59  ? 8   DG  A N2    1 
ATOM   165 N  N3    . DG  A 1 8  ? 10.743  -0.267  -0.066  1.00 17.51  ? 8   DG  A N3    1 
ATOM   166 C  C4    . DG  A 1 8  ? 9.935   -0.311  1.024   1.00 17.26  ? 8   DG  A C4    1 
ATOM   167 P  P     . DG  A 1 9  ? 8.125   5.651   1.151   1.00 20.61  ? 9   DG  A P     1 
ATOM   168 O  OP1   . DG  A 1 9  ? 8.199   7.129   1.182   1.00 21.06  ? 9   DG  A OP1   1 
ATOM   169 O  OP2   . DG  A 1 9  ? 6.913   4.942   1.622   1.00 20.56  ? 9   DG  A OP2   1 
ATOM   170 O  "O5'" . DG  A 1 9  ? 8.405   5.176   -0.347  1.00 19.82  ? 9   DG  A "O5'" 1 
ATOM   171 C  "C5'" . DG  A 1 9  ? 9.493   5.684   -1.098  1.00 19.93  ? 9   DG  A "C5'" 1 
ATOM   172 C  "C4'" . DG  A 1 9  ? 9.726   4.806   -2.314  1.00 19.66  ? 9   DG  A "C4'" 1 
ATOM   173 O  "O4'" . DG  A 1 9  ? 9.996   3.449   -1.880  1.00 19.53  ? 9   DG  A "O4'" 1 
ATOM   174 C  "C3'" . DG  A 1 9  ? 8.538   4.666   -3.255  1.00 19.48  ? 9   DG  A "C3'" 1 
ATOM   175 O  "O3'" . DG  A 1 9  ? 8.430   5.782   -4.135  1.00 19.70  ? 9   DG  A "O3'" 1 
ATOM   176 C  "C2'" . DG  A 1 9  ? 8.898   3.376   -3.976  1.00 19.60  ? 9   DG  A "C2'" 1 
ATOM   177 C  "C1'" . DG  A 1 9  ? 9.436   2.543   -2.817  1.00 19.68  ? 9   DG  A "C1'" 1 
ATOM   178 N  N9    . DG  A 1 9  ? 8.442   1.706   -2.148  1.00 19.00  ? 9   DG  A N9    1 
ATOM   179 C  C8    . DG  A 1 9  ? 7.758   1.952   -0.977  1.00 18.90  ? 9   DG  A C8    1 
ATOM   180 N  N7    . DG  A 1 9  ? 6.944   0.993   -0.634  1.00 18.89  ? 9   DG  A N7    1 
ATOM   181 C  C5    . DG  A 1 9  ? 7.094   0.048   -1.640  1.00 18.68  ? 9   DG  A C5    1 
ATOM   182 C  C6    . DG  A 1 9  ? 6.467   -1.210  -1.811  1.00 18.34  ? 9   DG  A C6    1 
ATOM   183 O  O6    . DG  A 1 9  ? 5.633   -1.752  -1.078  1.00 18.31  ? 9   DG  A O6    1 
ATOM   184 N  N1    . DG  A 1 9  ? 6.900   -1.859  -2.970  1.00 18.98  ? 9   DG  A N1    1 
ATOM   185 C  C2    . DG  A 1 9  ? 7.829   -1.353  -3.859  1.00 18.19  ? 9   DG  A C2    1 
ATOM   186 N  N2    . DG  A 1 9  ? 8.122   -2.121  -4.921  1.00 17.89  ? 9   DG  A N2    1 
ATOM   187 N  N3    . DG  A 1 9  ? 8.426   -0.172  -3.705  1.00 18.30  ? 9   DG  A N3    1 
ATOM   188 C  C4    . DG  A 1 9  ? 8.012   0.472   -2.580  1.00 18.89  ? 9   DG  A C4    1 
ATOM   189 P  P     . DC  A 1 10 ? 7.011   6.286   -4.685  1.00 20.73  ? 10  DC  A P     1 
ATOM   190 O  OP1   . DC  A 1 10 ? 7.233   7.600   -5.331  1.00 20.63  ? 10  DC  A OP1   1 
ATOM   191 O  OP2   . DC  A 1 10 ? 6.005   6.141   -3.606  1.00 19.12  ? 10  DC  A OP2   1 
ATOM   192 O  "O5'" . DC  A 1 10 ? 6.666   5.222   -5.832  1.00 19.44  ? 10  DC  A "O5'" 1 
ATOM   193 C  "C5'" . DC  A 1 10 ? 7.497   5.096   -6.988  1.00 19.38  ? 10  DC  A "C5'" 1 
ATOM   194 C  "C4'" . DC  A 1 10 ? 7.094   3.913   -7.852  1.00 18.95  ? 10  DC  A "C4'" 1 
ATOM   195 O  "O4'" . DC  A 1 10 ? 7.433   2.673   -7.177  1.00 18.73  ? 10  DC  A "O4'" 1 
ATOM   196 C  "C3'" . DC  A 1 10 ? 5.607   3.770   -8.159  1.00 19.05  ? 10  DC  A "C3'" 1 
ATOM   197 O  "O3'" . DC  A 1 10 ? 5.218   4.603   -9.240  1.00 19.51  ? 10  DC  A "O3'" 1 
ATOM   198 C  "C2'" . DC  A 1 10 ? 5.535   2.295   -8.516  1.00 19.07  ? 10  DC  A "C2'" 1 
ATOM   199 C  "C1'" . DC  A 1 10 ? 6.442   1.695   -7.451  1.00 18.74  ? 10  DC  A "C1'" 1 
ATOM   200 N  N1    . DC  A 1 10 ? 5.719   1.314   -6.188  1.00 18.39  ? 10  DC  A N1    1 
ATOM   201 C  C2    . DC  A 1 10 ? 5.168   0.029   -6.071  1.00 17.75  ? 10  DC  A C2    1 
ATOM   202 O  O2    . DC  A 1 10 ? 5.277   -0.775  -7.009  1.00 17.72  ? 10  DC  A O2    1 
ATOM   203 N  N3    . DC  A 1 10 ? 4.521   -0.302  -4.923  1.00 17.41  ? 10  DC  A N3    1 
ATOM   204 C  C4    . DC  A 1 10 ? 4.410   0.578   -3.921  1.00 17.64  ? 10  DC  A C4    1 
ATOM   205 N  N4    . DC  A 1 10 ? 3.766   0.199   -2.811  1.00 16.72  ? 10  DC  A N4    1 
ATOM   206 C  C5    . DC  A 1 10 ? 4.958   1.891   -4.019  1.00 18.33  ? 10  DC  A C5    1 
ATOM   207 C  C6    . DC  A 1 10 ? 5.593   2.207   -5.156  1.00 18.34  ? 10  DC  A C6    1 
ATOM   208 P  P     . DA  A 1 11 ? 3.693   5.046   -9.453  1.00 19.72  ? 11  DA  A P     1 
ATOM   209 O  OP1   . DA  A 1 11 ? 3.702   6.059   -10.532 1.00 19.27  ? 11  DA  A OP1   1 
ATOM   210 O  OP2   . DA  A 1 11 ? 3.101   5.362   -8.131  1.00 19.07  ? 11  DA  A OP2   1 
ATOM   211 O  "O5'" . DA  A 1 11 ? 2.960   3.728   -9.981  1.00 19.58  ? 11  DA  A "O5'" 1 
ATOM   212 C  "C5'" . DA  A 1 11 ? 3.334   3.097   -11.196 1.00 19.78  ? 11  DA  A "C5'" 1 
ATOM   213 C  "C4'" . DA  A 1 11 ? 2.642   1.749   -11.355 1.00 19.50  ? 11  DA  A "C4'" 1 
ATOM   214 O  "O4'" . DA  A 1 11 ? 3.150   0.797   -10.378 1.00 19.62  ? 11  DA  A "O4'" 1 
ATOM   215 C  "C3'" . DA  A 1 11 ? 1.135   1.721   -11.158 1.00 20.02  ? 11  DA  A "C3'" 1 
ATOM   216 O  "O3'" . DA  A 1 11 ? 0.454   2.116   -12.342 1.00 20.68  ? 11  DA  A "O3'" 1 
ATOM   217 C  "C2'" . DA  A 1 11 ? 0.905   0.253   -10.831 1.00 19.44  ? 11  DA  A "C2'" 1 
ATOM   218 C  "C1'" . DA  A 1 11 ? 2.099   -0.049  -9.939  1.00 19.30  ? 11  DA  A "C1'" 1 
ATOM   219 N  N9    . DA  A 1 11 ? 1.859   0.190   -8.514  1.00 18.81  ? 11  DA  A N9    1 
ATOM   220 C  C8    . DA  A 1 11 ? 2.142   1.323   -7.799  1.00 18.34  ? 11  DA  A C8    1 
ATOM   221 N  N7    . DA  A 1 11 ? 1.828   1.252   -6.528  1.00 17.50  ? 11  DA  A N7    1 
ATOM   222 C  C5    . DA  A 1 11 ? 1.293   -0.016  -6.393  1.00 17.45  ? 11  DA  A C5    1 
ATOM   223 C  C6    . DA  A 1 11 ? 0.767   -0.703  -5.278  1.00 17.48  ? 11  DA  A C6    1 
ATOM   224 N  N6    . DA  A 1 11 ? 0.702   -0.176  -4.043  1.00 15.77  ? 11  DA  A N6    1 
ATOM   225 N  N1    . DA  A 1 11 ? 0.312   -1.963  -5.488  1.00 18.04  ? 11  DA  A N1    1 
ATOM   226 C  C2    . DA  A 1 11 ? 0.384   -2.487  -6.724  1.00 18.23  ? 11  DA  A C2    1 
ATOM   227 N  N3    . DA  A 1 11 ? 0.862   -1.933  -7.840  1.00 18.31  ? 11  DA  A N3    1 
ATOM   228 C  C4    . DA  A 1 11 ? 1.304   -0.686  -7.608  1.00 17.86  ? 11  DA  A C4    1 
ATOM   229 P  P     . DC  A 1 12 ? -0.991  2.795   -12.275 1.00 21.19  ? 12  DC  A P     1 
ATOM   230 O  OP1   . DC  A 1 12 ? -1.329  3.163   -13.669 1.00 21.22  ? 12  DC  A OP1   1 
ATOM   231 O  OP2   . DC  A 1 12 ? -0.981  3.828   -11.211 1.00 21.53  ? 12  DC  A OP2   1 
ATOM   232 O  "O5'" . DC  A 1 12 ? -1.951  1.625   -11.747 1.00 21.85  ? 12  DC  A "O5'" 1 
ATOM   233 C  "C5'" . DC  A 1 12 ? -2.299  0.499   -12.542 1.00 22.66  ? 12  DC  A "C5'" 1 
ATOM   234 C  "C4'" . DC  A 1 12 ? -2.946  -0.593  -11.701 1.00 22.68  ? 12  DC  A "C4'" 1 
ATOM   235 O  "O4'" . DC  A 1 12 ? -2.048  -1.020  -10.643 1.00 22.36  ? 12  DC  A "O4'" 1 
ATOM   236 C  "C3'" . DC  A 1 12 ? -4.208  -0.204  -10.944 1.00 23.28  ? 12  DC  A "C3'" 1 
ATOM   237 O  "O3'" . DC  A 1 12 ? -5.348  -0.184  -11.797 1.00 24.06  ? 12  DC  A "O3'" 1 
ATOM   238 C  "C2'" . DC  A 1 12 ? -4.260  -1.321  -9.909  1.00 22.93  ? 12  DC  A "C2'" 1 
ATOM   239 C  "C1'" . DC  A 1 12 ? -2.795  -1.369  -9.490  1.00 22.04  ? 12  DC  A "C1'" 1 
ATOM   240 N  N1    . DC  A 1 12 ? -2.477  -0.441  -8.347  1.00 21.17  ? 12  DC  A N1    1 
ATOM   241 C  C2    . DC  A 1 12 ? -2.744  -0.859  -7.032  1.00 20.20  ? 12  DC  A C2    1 
ATOM   242 O  O2    . DC  A 1 12 ? -3.232  -1.976  -6.828  1.00 20.19  ? 12  DC  A O2    1 
ATOM   243 N  N3    . DC  A 1 12 ? -2.454  -0.023  -6.001  1.00 19.71  ? 12  DC  A N3    1 
ATOM   244 C  C4    . DC  A 1 12 ? -1.927  1.187   -6.237  1.00 20.35  ? 12  DC  A C4    1 
ATOM   245 N  N4    . DC  A 1 12 ? -1.660  1.971   -5.191  1.00 19.86  ? 12  DC  A N4    1 
ATOM   246 C  C5    . DC  A 1 12 ? -1.647  1.637   -7.562  1.00 20.15  ? 12  DC  A C5    1 
ATOM   247 C  C6    . DC  A 1 12 ? -1.937  0.803   -8.569  1.00 20.33  ? 12  DC  A C6    1 
ATOM   248 P  P     . DG  A 1 13 ? -6.582  0.776   -11.465 1.00 25.35  ? 13  DG  A P     1 
ATOM   249 O  OP1   . DG  A 1 13 ? -7.546  0.619   -12.577 1.00 25.66  ? 13  DG  A OP1   1 
ATOM   250 O  OP2   . DG  A 1 13 ? -6.044  2.116   -11.134 1.00 25.10  ? 13  DG  A OP2   1 
ATOM   251 O  "O5'" . DG  A 1 13 ? -7.224  0.150   -10.135 1.00 23.82  ? 13  DG  A "O5'" 1 
ATOM   252 C  "C5'" . DG  A 1 13 ? -7.834  -1.134  -10.196 1.00 23.75  ? 13  DG  A "C5'" 1 
ATOM   253 C  "C4'" . DG  A 1 13 ? -8.284  -1.622  -8.830  1.00 23.41  ? 13  DG  A "C4'" 1 
ATOM   254 O  "O4'" . DG  A 1 13 ? -7.138  -1.777  -7.955  1.00 23.02  ? 13  DG  A "O4'" 1 
ATOM   255 C  "C3'" . DG  A 1 13 ? -9.231  -0.700  -8.071  1.00 23.45  ? 13  DG  A "C3'" 1 
ATOM   256 O  "O3'" . DG  A 1 13 ? -10.582 -0.908  -8.480  1.00 24.12  ? 13  DG  A "O3'" 1 
ATOM   257 C  "C2'" . DG  A 1 13 ? -8.991  -1.136  -6.633  1.00 23.21  ? 13  DG  A "C2'" 1 
ATOM   258 C  "C1'" . DG  A 1 13 ? -7.495  -1.414  -6.629  1.00 22.77  ? 13  DG  A "C1'" 1 
ATOM   259 N  N9    . DG  A 1 13 ? -6.679  -0.278  -6.197  1.00 21.67  ? 13  DG  A N9    1 
ATOM   260 C  C8    . DG  A 1 13 ? -5.889  0.543   -6.970  1.00 21.72  ? 13  DG  A C8    1 
ATOM   261 N  N7    . DG  A 1 13 ? -5.267  1.465   -6.294  1.00 20.73  ? 13  DG  A N7    1 
ATOM   262 C  C5    . DG  A 1 13 ? -5.667  1.237   -4.986  1.00 21.14  ? 13  DG  A C5    1 
ATOM   263 C  C6    . DG  A 1 13 ? -5.315  1.920   -3.795  1.00 20.51  ? 13  DG  A C6    1 
ATOM   264 O  O6    . DG  A 1 13 ? -4.558  2.890   -3.663  1.00 20.50  ? 13  DG  A O6    1 
ATOM   265 N  N1    . DG  A 1 13 ? -5.937  1.372   -2.677  1.00 20.06  ? 13  DG  A N1    1 
ATOM   266 C  C2    . DG  A 1 13 ? -6.799  0.299   -2.696  1.00 21.05  ? 13  DG  A C2    1 
ATOM   267 N  N2    . DG  A 1 13 ? -7.297  -0.079  -1.507  1.00 20.92  ? 13  DG  A N2    1 
ATOM   268 N  N3    . DG  A 1 13 ? -7.134  -0.358  -3.807  1.00 21.01  ? 13  DG  A N3    1 
ATOM   269 C  C4    . DG  A 1 13 ? -6.532  0.166   -4.907  1.00 21.37  ? 13  DG  A C4    1 
ATOM   270 P  P     . DT  A 1 14 ? -11.712 0.198   -8.240  1.00 24.96  ? 14  DT  A P     1 
ATOM   271 O  OP1   . DT  A 1 14 ? -12.952 -0.323  -8.849  1.00 25.03  ? 14  DT  A OP1   1 
ATOM   272 O  OP2   . DT  A 1 14 ? -11.203 1.527   -8.639  1.00 24.63  ? 14  DT  A OP2   1 
ATOM   273 O  "O5'" . DT  A 1 14 ? -11.867 0.232   -6.653  1.00 24.19  ? 14  DT  A "O5'" 1 
ATOM   274 C  "C5'" . DT  A 1 14 ? -12.575 -0.774  -5.944  1.00 23.76  ? 14  DT  A "C5'" 1 
ATOM   275 C  "C4'" . DT  A 1 14 ? -12.620 -0.411  -4.472  1.00 23.25  ? 14  DT  A "C4'" 1 
ATOM   276 O  "O4'" . DT  A 1 14 ? -11.273 -0.366  -3.940  1.00 22.40  ? 14  DT  A "O4'" 1 
ATOM   277 C  "C3'" . DT  A 1 14 ? -13.170 0.972   -4.155  1.00 23.18  ? 14  DT  A "C3'" 1 
ATOM   278 O  "O3'" . DT  A 1 14 ? -14.591 1.001   -4.171  1.00 24.50  ? 14  DT  A "O3'" 1 
ATOM   279 C  "C2'" . DT  A 1 14 ? -12.601 1.195   -2.766  1.00 22.42  ? 14  DT  A "C2'" 1 
ATOM   280 C  "C1'" . DT  A 1 14 ? -11.194 0.642   -2.942  1.00 22.00  ? 14  DT  A "C1'" 1 
ATOM   281 N  N1    . DT  A 1 14 ? -10.178 1.687   -3.318  1.00 20.50  ? 14  DT  A N1    1 
ATOM   282 C  C2    . DT  A 1 14 ? -9.599  2.431   -2.311  1.00 20.53  ? 14  DT  A C2    1 
ATOM   283 O  O2    . DT  A 1 14 ? -9.873  2.289   -1.130  1.00 20.52  ? 14  DT  A O2    1 
ATOM   284 N  N3    . DT  A 1 14 ? -8.676  3.359   -2.737  1.00 19.43  ? 14  DT  A N3    1 
ATOM   285 C  C4    . DT  A 1 14 ? -8.282  3.622   -4.038  1.00 19.19  ? 14  DT  A C4    1 
ATOM   286 O  O4    . DT  A 1 14 ? -7.439  4.476   -4.304  1.00 17.97  ? 14  DT  A O4    1 
ATOM   287 C  C5    . DT  A 1 14 ? -8.929  2.815   -5.046  1.00 19.53  ? 14  DT  A C5    1 
ATOM   288 C  C7    . DT  A 1 14 ? -8.597  2.993   -6.500  1.00 18.61  ? 14  DT  A C7    1 
ATOM   289 C  C6    . DT  A 1 14 ? -9.829  1.905   -4.643  1.00 20.02  ? 14  DT  A C6    1 
ATOM   290 P  P     . DG  A 1 15 ? -15.353 2.369   -4.478  1.00 25.18  ? 15  DG  A P     1 
ATOM   291 O  OP1   . DG  A 1 15 ? -16.799 2.052   -4.482  1.00 25.97  ? 15  DG  A OP1   1 
ATOM   292 O  OP2   . DG  A 1 15 ? -14.723 3.019   -5.651  1.00 25.02  ? 15  DG  A OP2   1 
ATOM   293 O  "O5'" . DG  A 1 15 ? -15.008 3.273   -3.210  1.00 24.86  ? 15  DG  A "O5'" 1 
ATOM   294 C  "C5'" . DG  A 1 15 ? -15.563 2.971   -1.941  1.00 24.55  ? 15  DG  A "C5'" 1 
ATOM   295 C  "C4'" . DG  A 1 15 ? -14.999 3.899   -0.884  1.00 23.73  ? 15  DG  A "C4'" 1 
ATOM   296 O  "O4'" . DG  A 1 15 ? -13.562 3.720   -0.782  1.00 22.72  ? 15  DG  A "O4'" 1 
ATOM   297 C  "C3'" . DG  A 1 15 ? -15.172 5.387   -1.156  1.00 23.28  ? 15  DG  A "C3'" 1 
ATOM   298 O  "O3'" . DG  A 1 15 ? -16.479 5.816   -0.799  1.00 23.87  ? 15  DG  A "O3'" 1 
ATOM   299 C  "C2'" . DG  A 1 15 ? -14.093 5.968   -0.252  1.00 22.53  ? 15  DG  A "C2'" 1 
ATOM   300 C  "C1'" . DG  A 1 15 ? -12.963 4.962   -0.437  1.00 22.30  ? 15  DG  A "C1'" 1 
ATOM   301 N  N9    . DG  A 1 15 ? -12.018 5.367   -1.477  1.00 20.63  ? 15  DG  A N9    1 
ATOM   302 C  C8    . DG  A 1 15 ? -11.996 4.968   -2.792  1.00 20.33  ? 15  DG  A C8    1 
ATOM   303 N  N7    . DG  A 1 15 ? -11.030 5.499   -3.484  1.00 20.25  ? 15  DG  A N7    1 
ATOM   304 C  C5    . DG  A 1 15 ? -10.366 6.303   -2.571  1.00 19.57  ? 15  DG  A C5    1 
ATOM   305 C  C6    . DG  A 1 15 ? -9.233  7.133   -2.748  1.00 19.12  ? 15  DG  A C6    1 
ATOM   306 O  O6    . DG  A 1 15 ? -8.578  7.313   -3.783  1.00 19.08  ? 15  DG  A O6    1 
ATOM   307 N  N1    . DG  A 1 15 ? -8.878  7.789   -1.571  1.00 19.24  ? 15  DG  A N1    1 
ATOM   308 C  C2    . DG  A 1 15 ? -9.539  7.664   -0.367  1.00 19.33  ? 15  DG  A C2    1 
ATOM   309 N  N2    . DG  A 1 15 ? -9.049  8.378   0.660   1.00 19.16  ? 15  DG  A N2    1 
ATOM   310 N  N3    . DG  A 1 15 ? -10.607 6.885   -0.190  1.00 19.31  ? 15  DG  A N3    1 
ATOM   311 C  C4    . DG  A 1 15 ? -10.964 6.238   -1.330  1.00 20.12  ? 15  DG  A C4    1 
ATOM   312 P  P     . DC  A 1 16 ? -17.172 7.082   -1.489  1.00 24.74  ? 16  DC  A P     1 
ATOM   313 O  OP1   . DC  A 1 16 ? -18.565 7.157   -0.987  1.00 24.51  ? 16  DC  A OP1   1 
ATOM   314 O  OP2   . DC  A 1 16 ? -16.917 7.005   -2.941  1.00 24.52  ? 16  DC  A OP2   1 
ATOM   315 O  "O5'" . DC  A 1 16 ? -16.359 8.337   -0.905  1.00 23.20  ? 16  DC  A "O5'" 1 
ATOM   316 C  "C5'" . DC  A 1 16 ? -16.365 8.637   0.488   1.00 22.30  ? 16  DC  A "C5'" 1 
ATOM   317 C  "C4'" . DC  A 1 16 ? -15.300 9.666   0.831   1.00 21.47  ? 16  DC  A "C4'" 1 
ATOM   318 O  "O4'" . DC  A 1 16 ? -13.988 9.142   0.510   1.00 20.48  ? 16  DC  A "O4'" 1 
ATOM   319 C  "C3'" . DC  A 1 16 ? -15.372 10.978  0.062   1.00 21.30  ? 16  DC  A "C3'" 1 
ATOM   320 O  "O3'" . DC  A 1 16 ? -16.297 11.860  0.677   1.00 20.78  ? 16  DC  A "O3'" 1 
ATOM   321 C  "C2'" . DC  A 1 16 ? -13.937 11.487  0.149   1.00 20.48  ? 16  DC  A "C2'" 1 
ATOM   322 C  "C1'" . DC  A 1 16 ? -13.134 10.192  0.097   1.00 20.48  ? 16  DC  A "C1'" 1 
ATOM   323 N  N1    . DC  A 1 16 ? -12.595 9.870   -1.262  1.00 19.40  ? 16  DC  A N1    1 
ATOM   324 C  C2    . DC  A 1 16 ? -11.326 10.348  -1.618  1.00 19.24  ? 16  DC  A C2    1 
ATOM   325 O  O2    . DC  A 1 16 ? -10.695 11.026  -0.799  1.00 19.23  ? 16  DC  A O2    1 
ATOM   326 N  N3    . DC  A 1 16 ? -10.832 10.052  -2.852  1.00 18.20  ? 16  DC  A N3    1 
ATOM   327 C  C4    . DC  A 1 16 ? -11.555 9.315   -3.708  1.00 18.41  ? 16  DC  A C4    1 
ATOM   328 N  N4    . DC  A 1 16 ? -11.037 9.039   -4.909  1.00 17.39  ? 16  DC  A N4    1 
ATOM   329 C  C5    . DC  A 1 16 ? -12.845 8.817   -3.368  1.00 18.45  ? 16  DC  A C5    1 
ATOM   330 C  C6    . DC  A 1 16 ? -13.318 9.116   -2.152  1.00 19.16  ? 16  DC  A C6    1 
ATOM   331 P  P     . DC  A 1 17 ? -17.064 12.987  -0.160  1.00 22.27  ? 17  DC  A P     1 
ATOM   332 O  OP1   . DC  A 1 17 ? -18.219 13.416  0.658   1.00 22.60  ? 17  DC  A OP1   1 
ATOM   333 O  OP2   . DC  A 1 17 ? -17.286 12.500  -1.539  1.00 22.07  ? 17  DC  A OP2   1 
ATOM   334 O  "O5'" . DC  A 1 17 ? -16.016 14.191  -0.233  1.00 21.11  ? 17  DC  A "O5'" 1 
ATOM   335 C  "C5'" . DC  A 1 17 ? -15.445 14.760  0.939   1.00 20.24  ? 17  DC  A "C5'" 1 
ATOM   336 C  "C4'" . DC  A 1 17 ? -14.250 15.616  0.570   1.00 19.36  ? 17  DC  A "C4'" 1 
ATOM   337 O  "O4'" . DC  A 1 17 ? -13.325 14.803  -0.195  1.00 19.02  ? 17  DC  A "O4'" 1 
ATOM   338 C  "C3'" . DC  A 1 17 ? -14.557 16.842  -0.293  1.00 19.28  ? 17  DC  A "C3'" 1 
ATOM   339 O  "O3'" . DC  A 1 17 ? -13.723 17.917  0.112   1.00 19.36  ? 17  DC  A "O3'" 1 
ATOM   340 C  "C2'" . DC  A 1 17 ? -14.237 16.350  -1.698  1.00 18.71  ? 17  DC  A "C2'" 1 
ATOM   341 C  "C1'" . DC  A 1 17 ? -13.053 15.424  -1.428  1.00 18.43  ? 17  DC  A "C1'" 1 
ATOM   342 N  N1    . DC  A 1 17 ? -12.851 14.408  -2.517  1.00 17.90  ? 17  DC  A N1    1 
ATOM   343 C  C2    . DC  A 1 17 ? -11.607 14.301  -3.166  1.00 17.65  ? 17  DC  A C2    1 
ATOM   344 O  O2    . DC  A 1 17 ? -10.667 15.035  -2.826  1.00 17.52  ? 17  DC  A O2    1 
ATOM   345 N  N3    . DC  A 1 17 ? -11.468 13.388  -4.169  1.00 16.86  ? 17  DC  A N3    1 
ATOM   346 C  C4    . DC  A 1 17 ? -12.493 12.607  -4.521  1.00 17.14  ? 17  DC  A C4    1 
ATOM   347 N  N4    . DC  A 1 17 ? -12.307 11.728  -5.506  1.00 17.37  ? 17  DC  A N4    1 
ATOM   348 C  C5    . DC  A 1 17 ? -13.761 12.693  -3.872  1.00 18.33  ? 17  DC  A C5    1 
ATOM   349 C  C6    . DC  A 1 17 ? -13.893 13.600  -2.893  1.00 18.17  ? 17  DC  A C6    1 
ATOM   350 P  P     . DC  A 1 18 ? -13.659 19.329  -0.637  1.00 20.19  ? 18  DC  A P     1 
ATOM   351 O  OP1   . DC  A 1 18 ? -13.384 20.320  0.423   1.00 19.69  ? 18  DC  A OP1   1 
ATOM   352 O  OP2   . DC  A 1 18 ? -14.821 19.476  -1.540  1.00 19.75  ? 18  DC  A OP2   1 
ATOM   353 O  "O5'" . DC  A 1 18 ? -12.367 19.213  -1.578  1.00 20.16  ? 18  DC  A "O5'" 1 
ATOM   354 C  "C5'" . DC  A 1 18 ? -11.051 19.167  -1.040  1.00 20.45  ? 18  DC  A "C5'" 1 
ATOM   355 C  "C4'" . DC  A 1 18 ? -10.035 19.630  -2.068  1.00 20.71  ? 18  DC  A "C4'" 1 
ATOM   356 O  "O4'" . DC  A 1 18 ? -9.878  18.622  -3.097  1.00 20.08  ? 18  DC  A "O4'" 1 
ATOM   357 C  "C3'" . DC  A 1 18 ? -10.391 20.915  -2.817  1.00 21.51  ? 18  DC  A "C3'" 1 
ATOM   358 O  "O3'" . DC  A 1 18 ? -9.210  21.673  -3.057  1.00 23.99  ? 18  DC  A "O3'" 1 
ATOM   359 C  "C2'" . DC  A 1 18 ? -11.022 20.425  -4.116  1.00 20.99  ? 18  DC  A "C2'" 1 
ATOM   360 C  "C1'" . DC  A 1 18 ? -10.228 19.152  -4.370  1.00 20.06  ? 18  DC  A "C1'" 1 
ATOM   361 N  N1    . DC  A 1 18 ? -10.959 18.063  -5.089  1.00 19.04  ? 18  DC  A N1    1 
ATOM   362 C  C2    . DC  A 1 18 ? -10.511 17.598  -6.337  1.00 18.73  ? 18  DC  A C2    1 
ATOM   363 O  O2    . DC  A 1 18 ? -9.523  18.116  -6.874  1.00 18.68  ? 18  DC  A O2    1 
ATOM   364 N  N3    . DC  A 1 18 ? -11.194 16.583  -6.937  1.00 17.90  ? 18  DC  A N3    1 
ATOM   365 C  C4    . DC  A 1 18 ? -12.270 16.044  -6.353  1.00 18.16  ? 18  DC  A C4    1 
ATOM   366 N  N4    . DC  A 1 18 ? -12.910 15.052  -6.982  1.00 17.49  ? 18  DC  A N4    1 
ATOM   367 C  C5    . DC  A 1 18 ? -12.735 16.504  -5.084  1.00 18.54  ? 18  DC  A C5    1 
ATOM   368 C  C6    . DC  A 1 18 ? -12.051 17.494  -4.496  1.00 18.51  ? 18  DC  A C6    1 
ATOM   369 P  P     . DT  A 1 19 ? -8.800  22.858  -2.055  1.00 29.51  ? 19  DT  A P     1 
ATOM   370 O  OP1   . DT  A 1 19 ? -9.285  22.493  -0.697  1.00 30.09  ? 19  DT  A OP1   1 
ATOM   371 O  OP2   . DT  A 1 19 ? -9.213  24.132  -2.677  1.00 31.14  ? 19  DT  A OP2   1 
ATOM   372 O  "O5'" . DT  A 1 19 ? -7.203  22.813  -2.072  1.00 29.84  ? 19  DT  A "O5'" 1 
ATOM   373 C  "C5'" . DT  A 1 19 ? -6.500  22.074  -1.090  1.00 31.18  ? 19  DT  A "C5'" 1 
ATOM   374 C  "C4'" . DT  A 1 19 ? -5.049  21.948  -1.498  1.00 32.03  ? 19  DT  A "C4'" 1 
ATOM   375 O  "O4'" . DT  A 1 19 ? -4.993  21.306  -2.796  1.00 30.38  ? 19  DT  A "O4'" 1 
ATOM   376 C  "C3'" . DT  A 1 19 ? -4.323  23.282  -1.647  1.00 34.64  ? 19  DT  A "C3'" 1 
ATOM   377 O  "O3'" . DT  A 1 19 ? -3.032  23.211  -1.054  1.00 37.85  ? 19  DT  A "O3'" 1 
ATOM   378 C  "C2'" . DT  A 1 19 ? -4.256  23.496  -3.157  1.00 33.19  ? 19  DT  A "C2'" 1 
ATOM   379 C  "C1'" . DT  A 1 19 ? -4.208  22.070  -3.691  1.00 30.82  ? 19  DT  A "C1'" 1 
ATOM   380 N  N1    . DT  A 1 19 ? -4.744  21.928  -5.092  1.00 29.82  ? 19  DT  A N1    1 
ATOM   381 C  C2    . DT  A 1 19 ? -3.862  21.880  -6.157  1.00 30.26  ? 19  DT  A C2    1 
ATOM   382 O  O2    . DT  A 1 19 ? -2.649  21.938  -6.037  1.00 31.44  ? 19  DT  A O2    1 
ATOM   383 N  N3    . DT  A 1 19 ? -4.459  21.757  -7.390  1.00 30.23  ? 19  DT  A N3    1 
ATOM   384 C  C4    . DT  A 1 19 ? -5.818  21.682  -7.666  1.00 30.31  ? 19  DT  A C4    1 
ATOM   385 O  O4    . DT  A 1 19 ? -6.250  21.571  -8.812  1.00 31.69  ? 19  DT  A O4    1 
ATOM   386 C  C5    . DT  A 1 19 ? -6.686  21.742  -6.512  1.00 29.59  ? 19  DT  A C5    1 
ATOM   387 C  C7    . DT  A 1 19 ? -8.177  21.667  -6.676  1.00 29.52  ? 19  DT  A C7    1 
ATOM   388 C  C6    . DT  A 1 19 ? -6.116  21.862  -5.302  1.00 29.27  ? 19  DT  A C6    1 
HETATM 389 CO CO    . NCO B 2 .  ? 2.509   2.197   6.934   1.00 21.35  ? 101 NCO A CO    1 
HETATM 390 N  N1    . NCO B 2 .  ? 1.908   3.965   7.597   1.00 20.40  ? 101 NCO A N1    1 
HETATM 391 N  N2    . NCO B 2 .  ? 1.558   1.308   8.424   1.00 20.09  ? 101 NCO A N2    1 
HETATM 392 N  N3    . NCO B 2 .  ? 3.118   0.431   6.267   1.00 20.41  ? 101 NCO A N3    1 
HETATM 393 N  N4    . NCO B 2 .  ? 3.455   3.086   5.435   1.00 20.55  ? 101 NCO A N4    1 
HETATM 394 N  N5    . NCO B 2 .  ? 0.877   2.055   5.815   1.00 20.06  ? 101 NCO A N5    1 
HETATM 395 N  N6    . NCO B 2 .  ? 4.139   2.336   8.053   1.00 19.40  ? 101 NCO A N6    1 
HETATM 396 CO CO    . NCO C 2 .  ? 5.252   -3.574  3.595   1.00 19.82  ? 102 NCO A CO    1 
HETATM 397 N  N1    . NCO C 2 .  ? 6.779   -2.584  4.397   1.00 19.04  ? 102 NCO A N1    1 
HETATM 398 N  N2    . NCO C 2 .  ? 5.180   -4.755  5.189   1.00 19.39  ? 102 NCO A N2    1 
HETATM 399 N  N3    . NCO C 2 .  ? 3.722   -4.557  2.799   1.00 19.67  ? 102 NCO A N3    1 
HETATM 400 N  N4    . NCO C 2 .  ? 5.321   -2.387  2.010   1.00 18.48  ? 102 NCO A N4    1 
HETATM 401 N  N5    . NCO C 2 .  ? 3.996   -2.330  4.497   1.00 19.07  ? 102 NCO A N5    1 
HETATM 402 N  N6    . NCO C 2 .  ? 6.506   -4.822  2.691   1.00 18.91  ? 102 NCO A N6    1 
HETATM 403 O  O     . HOH D 3 .  ? 1.332   5.446   4.977   1.00 26.76  ? 201 HOH A O     1 
HETATM 404 O  O     . HOH D 3 .  ? -13.015 8.034   -6.873  1.00 23.87  ? 202 HOH A O     1 
HETATM 405 O  O     . HOH D 3 .  ? -17.707 18.869  -1.167  0.50 21.73  ? 203 HOH A O     1 
HETATM 406 O  O     . HOH D 3 .  ? 13.471  1.005   5.455   1.00 17.78  ? 204 HOH A O     1 
HETATM 407 O  O     . HOH D 3 .  ? 5.136   8.483   -2.410  1.00 55.63  ? 205 HOH A O     1 
HETATM 408 O  O     . HOH D 3 .  ? 3.488   5.166   -3.832  1.00 33.35  ? 206 HOH A O     1 
HETATM 409 O  O     . HOH D 3 .  ? 5.553   1.474   1.750   1.00 23.37  ? 207 HOH A O     1 
HETATM 410 O  O     . HOH D 3 .  ? 3.461   2.338   -0.873  1.00 24.42  ? 208 HOH A O     1 
HETATM 411 O  O     . HOH D 3 .  ? 7.883   -5.775  5.338   1.00 20.78  ? 209 HOH A O     1 
HETATM 412 O  O     . HOH D 3 .  ? -8.735  -2.535  -3.451  1.00 25.11  ? 210 HOH A O     1 
HETATM 413 O  O     . HOH D 3 .  ? -5.986  18.886  -9.513  1.00 25.73  ? 211 HOH A O     1 
HETATM 414 O  O     . HOH D 3 .  ? 1.304   2.706   -2.945  1.00 37.38  ? 212 HOH A O     1 
HETATM 415 O  O     . HOH D 3 .  ? 0.211   4.548   -15.449 1.00 20.99  ? 213 HOH A O     1 
HETATM 416 O  O     . HOH D 3 .  ? -4.544  3.686   -7.729  1.00 37.74  ? 214 HOH A O     1 
HETATM 417 O  O     . HOH D 3 .  ? 5.541   0.312   4.324   1.00 20.55  ? 215 HOH A O     1 
HETATM 418 O  O     . HOH D 3 .  ? -0.531  24.507  -5.163  1.00 63.44  ? 216 HOH A O     1 
HETATM 419 O  O     . HOH D 3 .  ? 4.910   5.536   6.531   1.00 35.01  ? 217 HOH A O     1 
HETATM 420 O  O     . HOH D 3 .  ? -11.326 1.463   0.893   1.00 27.42  ? 218 HOH A O     1 
HETATM 421 O  O     . HOH D 3 .  ? -12.315 3.563   -7.406  1.00 28.93  ? 219 HOH A O     1 
HETATM 422 O  O     . HOH D 3 .  ? 5.231   5.895   3.505   1.00 45.88  ? 220 HOH A O     1 
HETATM 423 O  O     . HOH D 3 .  ? -11.879 6.668   2.274   1.00 34.53  ? 221 HOH A O     1 
HETATM 424 O  O     . HOH D 3 .  ? -6.011  5.490   -6.302  1.00 29.27  ? 222 HOH A O     1 
HETATM 425 O  O     . HOH D 3 .  ? -15.450 22.070  -2.349  1.00 36.02  ? 223 HOH A O     1 
HETATM 426 O  O     . HOH D 3 .  ? -3.128  21.578  -9.733  1.00 36.29  ? 224 HOH A O     1 
HETATM 427 O  O     . HOH D 3 .  ? 4.823   -7.690  4.040   1.00 29.17  ? 225 HOH A O     1 
HETATM 428 O  O     . HOH D 3 .  ? 1.658   -5.478  4.943   1.00 37.71  ? 226 HOH A O     1 
HETATM 429 O  O     . HOH D 3 .  ? -12.724 9.156   3.429   1.00 34.29  ? 227 HOH A O     1 
HETATM 430 O  O     . HOH D 3 .  ? 2.151   3.751   -5.622  1.00 30.81  ? 228 HOH A O     1 
HETATM 431 O  O     . HOH D 3 .  ? -4.353  -4.216  -7.919  1.00 37.31  ? 229 HOH A O     1 
HETATM 432 O  O     . HOH D 3 .  ? -9.236  -1.759  -0.643  1.00 29.82  ? 230 HOH A O     1 
HETATM 433 O  O     . HOH D 3 .  ? -7.978  20.983  -11.067 1.00 34.80  ? 231 HOH A O     1 
HETATM 434 O  O     . HOH D 3 .  ? -16.392 9.266   -4.358  1.00 39.85  ? 232 HOH A O     1 
HETATM 435 O  O     . HOH D 3 .  ? -9.061  6.980   -6.369  1.00 19.43  ? 233 HOH A O     1 
HETATM 436 O  O     . HOH D 3 .  ? -6.269  -4.773  -9.766  1.00 47.49  ? 234 HOH A O     1 
HETATM 437 O  O     . HOH D 3 .  ? 8.785   -9.380  5.084   1.00 29.28  ? 235 HOH A O     1 
HETATM 438 O  O     . HOH D 3 .  ? -17.517 3.695   -8.582  1.00 53.70  ? 236 HOH A O     1 
HETATM 439 O  O     . HOH D 3 .  ? 8.719   6.679   6.582   1.00 30.53  ? 237 HOH A O     1 
HETATM 440 O  O     . HOH D 3 .  ? 9.339   0.978   -6.070  1.00 13.07  ? 238 HOH A O     1 
HETATM 441 O  O     . HOH D 3 .  ? 1.427   7.540   -5.547  1.00 36.20  ? 239 HOH A O     1 
HETATM 442 O  O     . HOH D 3 .  ? 5.863   6.221   -12.108 1.00 22.11  ? 240 HOH A O     1 
HETATM 443 O  O     . HOH D 3 .  ? 5.030   5.978   -14.875 1.00 24.15  ? 241 HOH A O     1 
HETATM 444 O  O     . HOH D 3 .  ? -1.092  4.769   -6.282  1.00 35.00  ? 242 HOH A O     1 
HETATM 445 O  O     . HOH D 3 .  ? 3.867   9.211   1.346   1.00 39.73  ? 243 HOH A O     1 
HETATM 446 O  O     . HOH D 3 .  ? 3.676   -0.024  0.374   1.00 29.93  ? 244 HOH A O     1 
HETATM 447 O  O     . HOH D 3 .  ? 2.308   0.892   3.301   1.00 39.23  ? 245 HOH A O     1 
HETATM 448 O  O     . HOH D 3 .  ? 5.311   4.513   -1.059  1.00 36.69  ? 246 HOH A O     1 
HETATM 449 O  O     . HOH D 3 .  ? 6.616   8.864   -0.085  1.00 54.50  ? 247 HOH A O     1 
HETATM 450 O  O     . HOH D 3 .  ? 7.015   -11.244 13.482  1.00 35.15  ? 248 HOH A O     1 
HETATM 451 O  O     . HOH D 3 .  ? 0.171   4.631   -8.604  1.00 32.32  ? 249 HOH A O     1 
HETATM 452 O  O     . HOH D 3 .  ? -15.201 6.259   -5.125  1.00 40.50  ? 250 HOH A O     1 
HETATM 453 O  O     . HOH D 3 .  ? -19.914 18.611  2.836   1.00 41.27  ? 251 HOH A O     1 
HETATM 454 O  O     . HOH D 3 .  ? -19.170 20.551  5.099   1.00 28.82  ? 252 HOH A O     1 
HETATM 455 O  O     . HOH D 3 .  ? -16.058 17.924  2.632   1.00 32.01  ? 253 HOH A O     1 
HETATM 456 O  O     . HOH D 3 .  ? -9.673  24.246  -5.112  1.00 38.97  ? 254 HOH A O     1 
HETATM 457 O  O     . HOH D 3 .  ? 11.245  -11.738 6.163   1.00 39.15  ? 255 HOH A O     1 
HETATM 458 O  O     . HOH D 3 .  ? -9.386  20.971  1.704   1.00 24.90  ? 256 HOH A O     1 
HETATM 459 O  O     . HOH D 3 .  ? 5.197   9.369   -5.102  1.00 46.76  ? 257 HOH A O     1 
HETATM 460 O  O     . HOH D 3 .  ? -17.269 14.158  -3.658  1.00 29.11  ? 258 HOH A O     1 
HETATM 461 O  O     . HOH D 3 .  ? 2.865   -8.767  7.807   1.00 32.82  ? 259 HOH A O     1 
HETATM 462 O  O     . HOH D 3 .  ? -7.886  5.857   -8.868  1.00 28.41  ? 260 HOH A O     1 
HETATM 463 O  O     . HOH D 3 .  ? -6.815  -1.521  -14.043 1.00 45.21  ? 261 HOH A O     1 
HETATM 464 O  O     . HOH D 3 .  ? -4.172  24.985  -6.840  1.00 49.88  ? 262 HOH A O     1 
HETATM 465 O  O     . HOH D 3 .  ? -19.223 15.893  0.977   1.00 49.80  ? 263 HOH A O     1 
HETATM 466 O  O     . HOH D 3 .  ? -11.279 5.618   -6.148  1.00 26.46  ? 264 HOH A O     1 
HETATM 467 O  O     . HOH D 3 .  ? -18.527 13.775  3.150   1.00 40.80  ? 265 HOH A O     1 
HETATM 468 O  O     . HOH D 3 .  ? -11.790 25.122  -1.726  1.00 47.63  ? 266 HOH A O     1 
HETATM 469 O  O     . HOH D 3 .  ? 9.600   -7.274  2.937   1.00 22.62  ? 267 HOH A O     1 
HETATM 470 O  O     . HOH D 3 .  ? 2.002   -7.820  3.483   1.00 48.01  ? 268 HOH A O     1 
HETATM 471 O  O     . HOH D 3 .  ? -10.162 0.996   -12.499 1.00 36.61  ? 269 HOH A O     1 
HETATM 472 O  O     . HOH D 3 .  ? 3.745   7.709   -6.577  1.00 48.31  ? 270 HOH A O     1 
HETATM 473 O  O     . HOH D 3 .  ? -9.658  2.691   -10.413 1.00 37.77  ? 271 HOH A O     1 
HETATM 474 O  O     . HOH D 3 .  ? -8.464  -4.536  -7.152  1.00 50.82  ? 272 HOH A O     1 
HETATM 475 O  O     . HOH D 3 .  ? 1.899   7.091   -12.159 1.00 26.29  ? 273 HOH A O     1 
HETATM 476 O  O     . HOH D 3 .  ? 1.320   9.966   -14.418 1.00 47.47  ? 274 HOH A O     1 
HETATM 477 O  O     . HOH D 3 .  ? 9.272   -13.076 13.311  1.00 41.92  ? 275 HOH A O     1 
# 
loop_
_atom_site_anisotrop.id 
_atom_site_anisotrop.type_symbol 
_atom_site_anisotrop.pdbx_label_atom_id 
_atom_site_anisotrop.pdbx_label_alt_id 
_atom_site_anisotrop.pdbx_label_comp_id 
_atom_site_anisotrop.pdbx_label_asym_id 
_atom_site_anisotrop.pdbx_label_seq_id 
_atom_site_anisotrop.pdbx_PDB_ins_code 
_atom_site_anisotrop.U[1][1] 
_atom_site_anisotrop.U[2][2] 
_atom_site_anisotrop.U[3][3] 
_atom_site_anisotrop.U[1][2] 
_atom_site_anisotrop.U[1][3] 
_atom_site_anisotrop.U[2][3] 
_atom_site_anisotrop.pdbx_auth_seq_id 
_atom_site_anisotrop.pdbx_auth_comp_id 
_atom_site_anisotrop.pdbx_auth_asym_id 
_atom_site_anisotrop.pdbx_auth_atom_id 
1   O "O5'" . DC  A 2  ? 2.0651 1.1043 0.7749 -0.0798 0.0904  -0.0677 2   DC  A "O5'" 
2   C "C5'" . DC  A 2  ? 2.1241 1.1591 0.7742 -0.0097 -0.0232 0.1587  2   DC  A "C5'" 
3   C "C4'" . DC  A 2  ? 1.9516 0.8498 0.8694 0.0660  0.0355  0.2303  2   DC  A "C4'" 
4   O "O4'" . DC  A 2  ? 1.6602 0.5703 0.8052 0.0752  0.0348  0.0839  2   DC  A "O4'" 
5   C "C3'" . DC  A 2  ? 2.0592 0.8502 0.9712 0.0464  0.2048  0.2564  2   DC  A "C3'" 
6   O "O3'" . DC  A 2  ? 2.2492 1.0216 1.2040 0.0763  0.2187  0.5045  2   DC  A "O3'" 
7   C "C2'" . DC  A 2  ? 1.7824 0.5381 0.9798 0.0584  0.2835  0.1234  2   DC  A "C2'" 
8   C "C1'" . DC  A 2  ? 1.5630 0.4248 0.8856 0.0661  0.1477  0.0747  2   DC  A "C1'" 
9   N N1    . DC  A 2  ? 1.3435 0.3080 0.8346 0.0164  0.1398  -0.0344 2   DC  A N1    
10  C C2    . DC  A 2  ? 1.1635 0.2653 0.8274 -0.0404 0.1107  -0.0608 2   DC  A C2    
11  O O2    . DC  A 2  ? 1.1554 0.2453 0.8885 -0.0490 0.1347  -0.0600 2   DC  A O2    
12  N N3    . DC  A 2  ? 1.0182 0.3062 0.8250 -0.1202 0.0641  -0.0757 2   DC  A N3    
13  C C4    . DC  A 2  ? 1.0061 0.2979 0.9162 -0.1136 0.0578  -0.0597 2   DC  A C4    
14  N N4    . DC  A 2  ? 0.8703 0.3912 1.0412 -0.1969 -0.0144 0.0097  2   DC  A N4    
15  C C5    . DC  A 2  ? 1.1607 0.2630 0.9650 -0.0587 0.1358  -0.1059 2   DC  A C5    
16  C C6    . DC  A 2  ? 1.3403 0.3090 0.8728 -0.0108 0.1682  -0.0954 2   DC  A C6    
17  P P     . DG  A 3  ? 1.2835 0.8030 0.6723 0.1645  -0.0731 -0.1649 3   DG  A P     
18  O OP1   . DG  A 3  ? 1.3905 0.8656 0.6369 0.1590  -0.0789 -0.1411 3   DG  A OP1   
19  O OP2   . DG  A 3  ? 1.2998 0.8843 0.7119 0.1856  -0.0110 -0.1994 3   DG  A OP2   
20  O "O5'" . DG  A 3  ? 1.1261 0.6758 0.6381 0.1149  -0.0678 -0.1083 3   DG  A "O5'" 
21  C "C5'" . DG  A 3  ? 1.0674 0.5900 0.6392 0.0937  -0.1251 -0.0927 3   DG  A "C5'" 
22  C "C4'" . DG  A 3  ? 0.9489 0.5245 0.6123 0.0497  -0.0985 -0.0544 3   DG  A "C4'" 
23  O "O4'" . DG  A 3  ? 0.8832 0.4942 0.6395 0.0304  -0.1065 -0.0534 3   DG  A "O4'" 
24  C "C3'" . DG  A 3  ? 0.9326 0.5412 0.5757 0.0376  -0.0377 -0.0253 3   DG  A "C3'" 
25  O "O3'" . DG  A 3  ? 0.8756 0.5007 0.5677 0.0103  -0.0410 -0.0041 3   DG  A "O3'" 
26  C "C2'" . DG  A 3  ? 0.8819 0.5316 0.5879 0.0306  -0.0062 -0.0249 3   DG  A "C2'" 
27  C "C1'" . DG  A 3  ? 0.8264 0.4794 0.6112 0.0101  -0.0554 -0.0319 3   DG  A "C1'" 
28  N N9    . DG  A 3  ? 0.8035 0.4655 0.6542 0.0079  -0.0688 -0.0421 3   DG  A N9    
29  C C8    . DG  A 3  ? 0.8541 0.5081 0.7043 0.0467  -0.0625 -0.0811 3   DG  A C8    
30  N N7    . DG  A 3  ? 0.8221 0.4820 0.7749 0.0344  -0.0941 -0.0876 3   DG  A N7    
31  C C5    . DG  A 3  ? 0.7525 0.4236 0.7516 -0.0240 -0.1219 -0.0385 3   DG  A C5    
32  C C6    . DG  A 3  ? 0.7144 0.3901 0.8107 -0.0734 -0.1729 -0.0098 3   DG  A C6    
33  O O6    . DG  A 3  ? 0.7317 0.3915 0.9204 -0.0716 -0.2158 -0.0249 3   DG  A O6    
34  N N1    . DG  A 3  ? 0.6715 0.3760 0.7561 -0.1325 -0.1771 0.0384  3   DG  A N1    
35  C C2    . DG  A 3  ? 0.6558 0.3868 0.6733 -0.1338 -0.1365 0.0426  3   DG  A C2    
36  N N2    . DG  A 3  ? 0.6258 0.4044 0.6474 -0.1906 -0.1367 0.0743  3   DG  A N2    
37  N N3    . DG  A 3  ? 0.6813 0.3962 0.6356 -0.0858 -0.1030 0.0149  3   DG  A N3    
38  C C4    . DG  A 3  ? 0.7383 0.4207 0.6743 -0.0371 -0.0982 -0.0176 3   DG  A C4    
39  P P     . DA  A 4  ? 0.8973 0.5214 0.5645 0.0028  -0.0232 0.0287  4   DA  A P     
40  O OP1   . DA  A 4  ? 1.0088 0.5816 0.5677 0.0170  -0.0426 0.0373  4   DA  A OP1   
41  O OP2   . DA  A 4  ? 0.8607 0.5270 0.5635 -0.0075 0.0238  0.0526  4   DA  A OP2   
42  O "O5'" . DA  A 4  ? 0.8259 0.4618 0.5804 -0.0149 -0.0557 0.0184  4   DA  A "O5'" 
43  C "C5'" . DA  A 4  ? 0.8262 0.4354 0.6046 -0.0109 -0.1032 -0.0066 4   DA  A "C5'" 
44  C "C4'" . DA  A 4  ? 0.7441 0.4128 0.6384 -0.0285 -0.1048 -0.0342 4   DA  A "C4'" 
45  O "O4'" . DA  A 4  ? 0.6895 0.4148 0.6070 -0.0465 -0.0766 -0.0393 4   DA  A "O4'" 
46  C "C3'" . DA  A 4  ? 0.7041 0.4046 0.6484 -0.0364 -0.0922 -0.0341 4   DA  A "C3'" 
47  O "O3'" . DA  A 4  ? 0.7375 0.3969 0.7229 -0.0298 -0.1462 -0.0375 4   DA  A "O3'" 
48  C "C2'" . DA  A 4  ? 0.6418 0.4269 0.6536 -0.0553 -0.0628 -0.0684 4   DA  A "C2'" 
49  C "C1'" . DA  A 4  ? 0.6352 0.4298 0.6049 -0.0686 -0.0465 -0.0513 4   DA  A "C1'" 
50  N N9    . DA  A 4  ? 0.6142 0.4169 0.5485 -0.0828 -0.0177 -0.0243 4   DA  A N9    
51  C C8    . DA  A 4  ? 0.6345 0.3969 0.5197 -0.0721 -0.0133 0.0009  4   DA  A C8    
52  N N7    . DA  A 4  ? 0.6129 0.3904 0.5077 -0.0907 0.0051  0.0187  4   DA  A N7    
53  C C5    . DA  A 4  ? 0.5857 0.4112 0.5125 -0.1174 0.0123  0.0076  4   DA  A C5    
54  C C6    . DA  A 4  ? 0.5759 0.4255 0.5113 -0.1490 0.0212  0.0175  4   DA  A C6    
55  N N6    . DA  A 4  ? 0.5778 0.3979 0.5139 -0.1613 0.0184  0.0491  4   DA  A N6    
56  N N1    . DA  A 4  ? 0.5721 0.4766 0.5209 -0.1663 0.0284  -0.0137 4   DA  A N1    
57  C C2    . DA  A 4  ? 0.5677 0.5084 0.5483 -0.1506 0.0291  -0.0560 4   DA  A C2    
58  N N3    . DA  A 4  ? 0.5721 0.4867 0.5692 -0.1238 0.0136  -0.0627 4   DA  A N3    
59  C C4    . DA  A 4  ? 0.5854 0.4369 0.5398 -0.1098 0.0043  -0.0260 4   DA  A C4    
60  P P     A DA  A 5  ? 0.4441 0.4265 0.4582 -0.0030 -0.0107 0.0119  5   DA  A P     
61  P P     B DA  A 5  ? 0.4443 0.4259 0.4551 -0.0015 -0.0119 0.0087  5   DA  A P     
62  O OP1   A DA  A 5  ? 0.4442 0.4264 0.4615 -0.0044 -0.0105 0.0150  5   DA  A OP1   
63  O OP1   B DA  A 5  ? 0.4414 0.4244 0.4529 -0.0003 -0.0123 0.0057  5   DA  A OP1   
64  O OP2   A DA  A 5  ? 0.4440 0.4281 0.4578 -0.0021 -0.0101 0.0096  5   DA  A OP2   
65  O OP2   B DA  A 5  ? 0.4464 0.4265 0.4551 -0.0015 -0.0125 0.0090  5   DA  A OP2   
66  O "O5'" A DA  A 5  ? 0.4317 0.4138 0.4400 -0.0030 -0.0091 0.0127  5   DA  A "O5'" 
67  O "O5'" B DA  A 5  ? 0.4307 0.4134 0.4382 -0.0021 -0.0092 0.0106  5   DA  A "O5'" 
68  C "C5'" A DA  A 5  ? 0.4183 0.3999 0.4243 -0.0038 -0.0077 0.0157  5   DA  A "C5'" 
69  C "C5'" B DA  A 5  ? 0.4180 0.4001 0.4251 -0.0032 -0.0082 0.0137  5   DA  A "C5'" 
70  C "C4'" A DA  A 5  ? 0.4080 0.3884 0.4092 -0.0033 -0.0074 0.0157  5   DA  A "C4'" 
71  C "C4'" B DA  A 5  ? 0.4065 0.3874 0.4092 -0.0032 -0.0077 0.0148  5   DA  A "C4'" 
72  O "O4'" A DA  A 5  ? 0.4080 0.3866 0.4107 -0.0038 -0.0094 0.0166  5   DA  A "O4'" 
73  O "O4'" B DA  A 5  ? 0.4058 0.3848 0.4105 -0.0038 -0.0098 0.0159  5   DA  A "O4'" 
74  C "C3'" A DA  A 5  ? 0.3955 0.3762 0.3946 -0.0022 -0.0077 0.0128  5   DA  A "C3'" 
75  C "C3'" B DA  A 5  ? 0.3944 0.3751 0.3936 -0.0021 -0.0078 0.0125  5   DA  A "C3'" 
76  O "O3'" A DA  A 5  ? 0.3695 0.3515 0.3652 -0.0016 -0.0057 0.0123  5   DA  A "O3'" 
77  O "O3'" B DA  A 5  ? 0.3689 0.3509 0.3647 -0.0016 -0.0057 0.0123  5   DA  A "O3'" 
78  C "C2'" A DA  A 5  ? 0.4010 0.3796 0.3978 -0.0021 -0.0087 0.0131  5   DA  A "C2'" 
79  C "C2'" B DA  A 5  ? 0.3997 0.3783 0.3969 -0.0023 -0.0086 0.0136  5   DA  A "C2'" 
80  C "C1'" A DA  A 5  ? 0.4090 0.3863 0.4089 -0.0031 -0.0102 0.0151  5   DA  A "C1'" 
81  C "C1'" B DA  A 5  ? 0.4065 0.3839 0.4077 -0.0033 -0.0103 0.0152  5   DA  A "C1'" 
82  N N9    A DA  A 5  ? 0.4141 0.3903 0.4177 -0.0029 -0.0127 0.0136  5   DA  A N9    
83  N N9    B DA  A 5  ? 0.4106 0.3871 0.4149 -0.0030 -0.0127 0.0134  5   DA  A N9    
84  C C8    A DA  A 5  ? 0.4134 0.3907 0.4205 -0.0023 -0.0138 0.0112  5   DA  A C8    
85  C C8    B DA  A 5  ? 0.4104 0.3878 0.4178 -0.0022 -0.0138 0.0107  5   DA  A C8    
86  N N7    A DA  A 5  ? 0.4179 0.3940 0.4278 -0.0021 -0.0160 0.0101  5   DA  A N7    
87  N N7    B DA  A 5  ? 0.4145 0.3908 0.4241 -0.0018 -0.0160 0.0094  5   DA  A N7    
88  C C5    A DA  A 5  ? 0.4188 0.3929 0.4270 -0.0026 -0.0165 0.0118  5   DA  A C5    
89  C C5    B DA  A 5  ? 0.4148 0.3892 0.4229 -0.0025 -0.0165 0.0114  5   DA  A C5    
90  C C6    A DA  A 5  ? 0.4232 0.3954 0.4331 -0.0027 -0.0188 0.0117  5   DA  A C6    
91  C C6    B DA  A 5  ? 0.4190 0.3915 0.4283 -0.0024 -0.0186 0.0110  5   DA  A C6    
92  N N6    A DA  A 5  ? 0.4248 0.3969 0.4386 -0.0021 -0.0210 0.0094  5   DA  A N6    
93  N N6    B DA  A 5  ? 0.4195 0.3921 0.4322 -0.0016 -0.0207 0.0086  5   DA  A N6    
94  N N1    A DA  A 5  ? 0.4256 0.3963 0.4329 -0.0033 -0.0188 0.0138  5   DA  A N1    
95  N N1    B DA  A 5  ? 0.4214 0.3923 0.4285 -0.0031 -0.0186 0.0134  5   DA  A N1    
96  C C2    A DA  A 5  ? 0.4260 0.3968 0.4292 -0.0037 -0.0167 0.0158  5   DA  A C2    
97  C C2    B DA  A 5  ? 0.4216 0.3927 0.4251 -0.0036 -0.0167 0.0156  5   DA  A C2    
98  N N3    A DA  A 5  ? 0.4247 0.3975 0.4260 -0.0036 -0.0145 0.0160  5   DA  A N3    
99  N N3    B DA  A 5  ? 0.4199 0.3928 0.4220 -0.0037 -0.0145 0.0160  5   DA  A N3    
100 C C4    A DA  A 5  ? 0.4184 0.3927 0.4226 -0.0031 -0.0145 0.0139  5   DA  A C4    
101 C C4    B DA  A 5  ? 0.4145 0.3890 0.4192 -0.0031 -0.0146 0.0138  5   DA  A C4    
102 P P     . DA  A 6  ? 0.3542 0.3376 0.3497 -0.0007 -0.0053 0.0097  6   DA  A P     
103 O OP1   . DA  A 6  ? 0.3428 0.3275 0.3424 -0.0008 -0.0057 0.0092  6   DA  A OP1   
104 O OP2   . DA  A 6  ? 0.3389 0.3219 0.3336 0.0000  -0.0064 0.0080  6   DA  A OP2   
105 O "O5'" . DA  A 6  ? 0.3267 0.3112 0.3185 -0.0004 -0.0030 0.0103  6   DA  A "O5'" 
106 C "C5'" . DA  A 6  ? 0.3002 0.2839 0.2879 0.0000  -0.0027 0.0103  6   DA  A "C5'" 
107 C "C4'" . DA  A 6  ? 0.2831 0.2677 0.2679 0.0002  -0.0008 0.0109  6   DA  A "C4'" 
108 O "O4'" . DA  A 6  ? 0.2805 0.2649 0.2648 -0.0004 0.0001  0.0133  6   DA  A "O4'" 
109 C "C3'" . DA  A 6  ? 0.2722 0.2560 0.2529 0.0010  -0.0005 0.0104  6   DA  A "C3'" 
110 O "O3'" . DA  A 6  ? 0.2611 0.2463 0.2404 0.0014  0.0010  0.0100  6   DA  A "O3'" 
111 C "C2'" . DA  A 6  ? 0.2763 0.2585 0.2546 0.0007  -0.0007 0.0122  6   DA  A "C2'" 
112 C "C1'" . DA  A 6  ? 0.2749 0.2580 0.2551 -0.0001 0.0002  0.0141  6   DA  A "C1'" 
113 N N9    . DA  A 6  ? 0.2720 0.2538 0.2532 -0.0008 -0.0008 0.0159  6   DA  A N9    
114 C C8    . DA  A 6  ? 0.2720 0.2532 0.2574 -0.0016 -0.0022 0.0163  6   DA  A C8    
115 N N7    . DA  A 6  ? 0.2675 0.2474 0.2530 -0.0022 -0.0029 0.0182  6   DA  A N7    
116 C C5    . DA  A 6  ? 0.2688 0.2484 0.2493 -0.0017 -0.0019 0.0192  6   DA  A C5    
117 C C6    . DA  A 6  ? 0.2681 0.2465 0.2459 -0.0018 -0.0021 0.0214  6   DA  A C6    
118 N N6    . DA  A 6  ? 0.2621 0.2392 0.2421 -0.0027 -0.0034 0.0232  6   DA  A N6    
119 N N1    . DA  A 6  ? 0.2803 0.2586 0.2530 -0.0009 -0.0010 0.0215  6   DA  A N1    
120 C C2    . DA  A 6  ? 0.2799 0.2591 0.2506 0.0000  0.0001  0.0197  6   DA  A C2    
121 N N3    . DA  A 6  ? 0.2726 0.2532 0.2458 0.0001  0.0003  0.0178  6   DA  A N3    
122 C C4    . DA  A 6  ? 0.2701 0.2507 0.2480 -0.0008 -0.0007 0.0177  6   DA  A C4    
123 P P     . DG  A 7  ? 0.2482 0.2347 0.2286 0.0019  0.0011  0.0081  7   DG  A P     
124 O OP1   . DG  A 7  ? 0.2588 0.2465 0.2376 0.0023  0.0025  0.0081  7   DG  A OP1   
125 O OP2   . DG  A 7  ? 0.2577 0.2450 0.2419 0.0016  0.0004  0.0075  7   DG  A OP2   
126 O "O5'" . DG  A 7  ? 0.2512 0.2367 0.2302 0.0025  -0.0001 0.0071  7   DG  A "O5'" 
127 C "C5'" . DG  A 7  ? 0.2492 0.2335 0.2249 0.0029  -0.0001 0.0073  7   DG  A "C5'" 
128 C "C4'" . DG  A 7  ? 0.2505 0.2343 0.2263 0.0033  -0.0013 0.0063  7   DG  A "C4'" 
129 O "O4'" . DG  A 7  ? 0.2514 0.2342 0.2287 0.0030  -0.0026 0.0063  7   DG  A "O4'" 
130 C "C3'" . DG  A 7  ? 0.2476 0.2332 0.2254 0.0036  -0.0012 0.0051  7   DG  A "C3'" 
131 O "O3'" . DG  A 7  ? 0.2619 0.2479 0.2381 0.0040  -0.0006 0.0048  7   DG  A "O3'" 
132 C "C2'" . DG  A 7  ? 0.2477 0.2329 0.2265 0.0038  -0.0024 0.0046  7   DG  A "C2'" 
133 C "C1'" . DG  A 7  ? 0.2460 0.2299 0.2254 0.0032  -0.0032 0.0052  7   DG  A "C1'" 
134 N N9    . DG  A 7  ? 0.2449 0.2298 0.2272 0.0031  -0.0035 0.0047  7   DG  A N9    
135 C C8    . DG  A 7  ? 0.2468 0.2315 0.2302 0.0025  -0.0033 0.0053  7   DG  A C8    
136 N N7    . DG  A 7  ? 0.2283 0.2140 0.2146 0.0025  -0.0039 0.0046  7   DG  A N7    
137 C C5    . DG  A 7  ? 0.2217 0.2083 0.2083 0.0033  -0.0042 0.0033  7   DG  A C5    
138 C C6    . DG  A 7  ? 0.2223 0.2103 0.2112 0.0039  -0.0049 0.0020  7   DG  A C6    
139 O O6    . DG  A 7  ? 0.2251 0.2136 0.2163 0.0040  -0.0055 0.0013  7   DG  A O6    
140 N N1    . DG  A 7  ? 0.2182 0.2073 0.2066 0.0046  -0.0048 0.0014  7   DG  A N1    
141 C C2    . DG  A 7  ? 0.2196 0.2082 0.2061 0.0045  -0.0044 0.0020  7   DG  A C2    
142 N N2    . DG  A 7  ? 0.2166 0.2067 0.2036 0.0051  -0.0044 0.0016  7   DG  A N2    
143 N N3    . DG  A 7  ? 0.2278 0.2148 0.2122 0.0040  -0.0041 0.0029  7   DG  A N3    
144 C C4    . DG  A 7  ? 0.2293 0.2154 0.2137 0.0035  -0.0039 0.0035  7   DG  A C4    
145 P P     . DG  A 8  ? 0.2611 0.2491 0.2387 0.0042  0.0003  0.0042  8   DG  A P     
146 O OP1   . DG  A 8  ? 0.2524 0.2403 0.2283 0.0047  0.0005  0.0041  8   DG  A OP1   
147 O OP2   . DG  A 8  ? 0.2515 0.2406 0.2305 0.0038  0.0011  0.0045  8   DG  A OP2   
148 O "O5'" . DG  A 8  ? 0.2474 0.2366 0.2272 0.0044  -0.0003 0.0035  8   DG  A "O5'" 
149 C "C5'" . DG  A 8  ? 0.2503 0.2391 0.2297 0.0047  -0.0011 0.0034  8   DG  A "C5'" 
150 C "C4'" . DG  A 8  ? 0.2490 0.2395 0.2306 0.0049  -0.0015 0.0030  8   DG  A "C4'" 
151 O "O4'" . DG  A 8  ? 0.2522 0.2422 0.2349 0.0047  -0.0020 0.0028  8   DG  A "O4'" 
152 C "C3'" . DG  A 8  ? 0.2499 0.2426 0.2327 0.0051  -0.0008 0.0026  8   DG  A "C3'" 
153 O "O3'" . DG  A 8  ? 0.2589 0.2524 0.2416 0.0054  -0.0005 0.0028  8   DG  A "O3'" 
154 C "C2'" . DG  A 8  ? 0.2408 0.2346 0.2252 0.0055  -0.0012 0.0020  8   DG  A "C2'" 
155 C "C1'" . DG  A 8  ? 0.2404 0.2325 0.2249 0.0051  -0.0019 0.0021  8   DG  A "C1'" 
156 N N9    . DG  A 8  ? 0.2323 0.2244 0.2177 0.0049  -0.0020 0.0017  8   DG  A N9    
157 C C8    . DG  A 8  ? 0.2316 0.2225 0.2165 0.0043  -0.0016 0.0023  8   DG  A C8    
158 N N7    . DG  A 8  ? 0.2304 0.2216 0.2171 0.0042  -0.0019 0.0019  8   DG  A N7    
159 C C5    . DG  A 8  ? 0.2295 0.2220 0.2176 0.0049  -0.0025 0.0008  8   DG  A C5    
160 C C6    . DG  A 8  ? 0.2280 0.2215 0.2184 0.0053  -0.0032 -0.0003 8   DG  A C6    
161 O O6    . DG  A 8  ? 0.2233 0.2162 0.2153 0.0050  -0.0037 -0.0004 8   DG  A O6    
162 N N1    . DG  A 8  ? 0.2244 0.2195 0.2153 0.0063  -0.0037 -0.0015 8   DG  A N1    
163 C C2    . DG  A 8  ? 0.2182 0.2142 0.2079 0.0067  -0.0031 -0.0011 8   DG  A C2    
164 N N2    . DG  A 8  ? 0.2139 0.2120 0.2043 0.0078  -0.0033 -0.0020 8   DG  A N2    
165 N N3    . DG  A 8  ? 0.2273 0.2224 0.2154 0.0062  -0.0026 0.0000  8   DG  A N3    
166 C C4    . DG  A 8  ? 0.2250 0.2183 0.2123 0.0053  -0.0024 0.0007  8   DG  A C4    
167 P P     . DG  A 9  ? 0.2682 0.2632 0.2512 0.0055  0.0003  0.0025  9   DG  A P     
168 O OP1   . DG  A 9  ? 0.2740 0.2692 0.2568 0.0057  0.0003  0.0029  9   DG  A OP1   
169 O OP2   . DG  A 9  ? 0.2678 0.2625 0.2507 0.0052  0.0008  0.0023  9   DG  A OP2   
170 O "O5'" . DG  A 9  ? 0.2570 0.2543 0.2415 0.0060  0.0002  0.0021  9   DG  A "O5'" 
171 C "C5'" . DG  A 9  ? 0.2577 0.2563 0.2429 0.0064  0.0000  0.0025  9   DG  A "C5'" 
172 C "C4'" . DG  A 9  ? 0.2532 0.2540 0.2394 0.0070  0.0000  0.0016  9   DG  A "C4'" 
173 O "O4'" . DG  A 9  ? 0.2519 0.2515 0.2384 0.0070  -0.0005 0.0010  9   DG  A "O4'" 
174 C "C3'" . DG  A 9  ? 0.2506 0.2525 0.2369 0.0075  0.0002  0.0010  9   DG  A "C3'" 
175 O "O3'" . DG  A 9  ? 0.2528 0.2565 0.2390 0.0078  0.0006  0.0016  9   DG  A "O3'" 
176 C "C2'" . DG  A 9  ? 0.2515 0.2545 0.2387 0.0082  -0.0001 -0.0001 9   DG  A "C2'" 
177 C "C1'" . DG  A 9  ? 0.2531 0.2541 0.2405 0.0075  -0.0007 -0.0001 9   DG  A "C1'" 
178 N N9    . DG  A 9  ? 0.2450 0.2442 0.2326 0.0070  -0.0008 -0.0004 9   DG  A N9    
179 C C8    . DG  A 9  ? 0.2445 0.2420 0.2313 0.0061  -0.0006 0.0003  9   DG  A C8    
180 N N7    . DG  A 9  ? 0.2444 0.2410 0.2322 0.0058  -0.0008 0.0001  9   DG  A N7    
181 C C5    . DG  A 9  ? 0.2408 0.2386 0.2301 0.0065  -0.0014 -0.0010 9   DG  A C5    
182 C C6    . DG  A 9  ? 0.2360 0.2334 0.2271 0.0064  -0.0021 -0.0018 9   DG  A C6    
183 O O6    . DG  A 9  ? 0.2358 0.2319 0.2278 0.0057  -0.0022 -0.0012 9   DG  A O6    
184 N N1    . DG  A 9  ? 0.2433 0.2420 0.2356 0.0075  -0.0031 -0.0033 9   DG  A N1    
185 C C2    . DG  A 9  ? 0.2330 0.2336 0.2244 0.0084  -0.0030 -0.0037 9   DG  A C2    
186 N N2    . DG  A 9  ? 0.2284 0.2305 0.2209 0.0096  -0.0039 -0.0053 9   DG  A N2    
187 N N3    . DG  A 9  ? 0.2347 0.2358 0.2246 0.0084  -0.0021 -0.0027 9   DG  A N3    
188 C C4    . DG  A 9  ? 0.2430 0.2425 0.2320 0.0072  -0.0015 -0.0014 9   DG  A C4    
189 P P     . DC  A 10 ? 0.2656 0.2701 0.2518 0.0079  0.0009  0.0013  10  DC  A P     
190 O OP1   . DC  A 10 ? 0.2638 0.2698 0.2501 0.0082  0.0012  0.0024  10  DC  A OP1   
191 O OP2   . DC  A 10 ? 0.2460 0.2484 0.2319 0.0072  0.0011  0.0011  10  DC  A OP2   
192 O "O5'" . DC  A 10 ? 0.2486 0.2547 0.2353 0.0088  0.0007  0.0000  10  DC  A "O5'" 
193 C "C5'" . DC  A 10 ? 0.2469 0.2556 0.2336 0.0099  0.0007  -0.0001 10  DC  A "C5'" 
194 C "C4'" . DC  A 10 ? 0.2411 0.2507 0.2279 0.0109  0.0002  -0.0017 10  DC  A "C4'" 
195 O "O4'" . DC  A 10 ? 0.2387 0.2466 0.2262 0.0106  -0.0004 -0.0026 10  DC  A "O4'" 
196 C "C3'" . DC  A 10 ? 0.2424 0.2516 0.2295 0.0109  -0.0002 -0.0026 10  DC  A "C3'" 
197 O "O3'" . DC  A 10 ? 0.2477 0.2590 0.2341 0.0116  0.0001  -0.0024 10  DC  A "O3'" 
198 C "C2'" . DC  A 10 ? 0.2424 0.2516 0.2304 0.0116  -0.0012 -0.0044 10  DC  A "C2'" 
199 C "C1'" . DC  A 10 ? 0.2387 0.2462 0.2272 0.0110  -0.0013 -0.0040 10  DC  A "C1'" 
200 N N1    . DC  A 10 ? 0.2349 0.2397 0.2242 0.0097  -0.0014 -0.0037 10  DC  A N1    
201 C C2    . DC  A 10 ? 0.2264 0.2305 0.2175 0.0097  -0.0024 -0.0048 10  DC  A C2    
202 O O2    . DC  A 10 ? 0.2255 0.2304 0.2173 0.0108  -0.0034 -0.0063 10  DC  A O2    
203 N N3    . DC  A 10 ? 0.2225 0.2246 0.2145 0.0085  -0.0022 -0.0041 10  DC  A N3    
204 C C4    . DC  A 10 ? 0.2261 0.2273 0.2170 0.0075  -0.0012 -0.0027 10  DC  A C4    
205 N N4    . DC  A 10 ? 0.2148 0.2142 0.2062 0.0065  -0.0009 -0.0020 10  DC  A N4    
206 C C5    . DC  A 10 ? 0.2351 0.2370 0.2242 0.0076  -0.0004 -0.0019 10  DC  A C5    
207 C C6    . DC  A 10 ? 0.2348 0.2384 0.2234 0.0086  -0.0005 -0.0023 10  DC  A C6    
208 P P     . DA  A 11 ? 0.2505 0.2615 0.2371 0.0114  -0.0002 -0.0027 11  DA  A P     
209 O OP1   . DA  A 11 ? 0.2445 0.2575 0.2301 0.0122  0.0001  -0.0019 11  DA  A OP1   
210 O OP2   . DA  A 11 ? 0.2429 0.2514 0.2302 0.0101  0.0002  -0.0020 11  DA  A OP2   
211 O "O5'" . DA  A 11 ? 0.2485 0.2593 0.2361 0.0122  -0.0013 -0.0047 11  DA  A "O5'" 
212 C "C5'" . DA  A 11 ? 0.2505 0.2633 0.2375 0.0138  -0.0020 -0.0060 11  DA  A "C5'" 
213 C "C4'" . DA  A 11 ? 0.2467 0.2585 0.2353 0.0143  -0.0034 -0.0080 11  DA  A "C4'" 
214 O "O4'" . DA  A 11 ? 0.2484 0.2585 0.2383 0.0135  -0.0036 -0.0082 11  DA  A "O4'" 
215 C "C3'" . DA  A 11 ? 0.2533 0.2637 0.2434 0.0137  -0.0039 -0.0083 11  DA  A "C3'" 
216 O "O3'" . DA  A 11 ? 0.2614 0.2734 0.2509 0.0148  -0.0046 -0.0091 11  DA  A "O3'" 
217 C "C2'" . DA  A 11 ? 0.2455 0.2547 0.2381 0.0137  -0.0052 -0.0097 11  DA  A "C2'" 
218 C "C1'" . DA  A 11 ? 0.2442 0.2525 0.2364 0.0130  -0.0046 -0.0090 11  DA  A "C1'" 
219 N N9    . DA  A 11 ? 0.2384 0.2447 0.2313 0.0112  -0.0037 -0.0074 11  DA  A N9    
220 C C8    . DA  A 11 ? 0.2331 0.2391 0.2246 0.0103  -0.0023 -0.0057 11  DA  A C8    
221 N N7    . DA  A 11 ? 0.2228 0.2270 0.2150 0.0091  -0.0018 -0.0047 11  DA  A N7    
222 C C5    . DA  A 11 ? 0.2215 0.2250 0.2162 0.0089  -0.0028 -0.0055 11  DA  A C5    
223 C C6    . DA  A 11 ? 0.2219 0.2237 0.2183 0.0078  -0.0028 -0.0048 11  DA  A C6    
224 N N6    . DA  A 11 ? 0.2010 0.2017 0.1964 0.0067  -0.0015 -0.0033 11  DA  A N6    
225 N N1    . DA  A 11 ? 0.2282 0.2296 0.2273 0.0079  -0.0040 -0.0058 11  DA  A N1    
226 C C2    . DA  A 11 ? 0.2302 0.2324 0.2300 0.0092  -0.0055 -0.0076 11  DA  A C2    
227 N N3    . DA  A 11 ? 0.2313 0.2352 0.2291 0.0105  -0.0057 -0.0086 11  DA  A N3    
228 C C4    . DA  A 11 ? 0.2261 0.2308 0.2214 0.0102  -0.0042 -0.0073 11  DA  A C4    
229 P P     . DC  A 12 ? 0.2677 0.2791 0.2582 0.0141  -0.0046 -0.0088 12  DC  A P     
230 O OP1   . DC  A 12 ? 0.2679 0.2812 0.2571 0.0156  -0.0053 -0.0095 12  DC  A OP1   
231 O OP2   . DC  A 12 ? 0.2723 0.2828 0.2627 0.0126  -0.0031 -0.0068 12  DC  A OP2   
232 O "O5'" . DC  A 12 ? 0.2756 0.2851 0.2694 0.0136  -0.0057 -0.0099 12  DC  A "O5'" 
233 C "C5'" . DC  A 12 ? 0.2853 0.2950 0.2806 0.0148  -0.0076 -0.0120 12  DC  A "C5'" 
234 C "C4'" . DC  A 12 ? 0.2849 0.2927 0.2839 0.0137  -0.0084 -0.0123 12  DC  A "C4'" 
235 O "O4'" . DC  A 12 ? 0.2812 0.2880 0.2802 0.0127  -0.0076 -0.0113 12  DC  A "O4'" 
236 C "C3'" . DC  A 12 ? 0.2921 0.2990 0.2934 0.0123  -0.0077 -0.0112 12  DC  A "C3'" 
237 O "O3'" . DC  A 12 ? 0.3013 0.3085 0.3041 0.0130  -0.0091 -0.0124 12  DC  A "O3'" 
238 C "C2'" . DC  A 12 ? 0.2873 0.2924 0.2915 0.0112  -0.0080 -0.0109 12  DC  A "C2'" 
239 C "C1'" . DC  A 12 ? 0.2768 0.2819 0.2785 0.0111  -0.0072 -0.0103 12  DC  A "C1'" 
240 N N1    . DC  A 12 ? 0.2665 0.2711 0.2665 0.0099  -0.0052 -0.0082 12  DC  A N1    
241 C C2    . DC  A 12 ? 0.2542 0.2574 0.2559 0.0085  -0.0044 -0.0069 12  DC  A C2    
242 O O2    . DC  A 12 ? 0.2533 0.2556 0.2581 0.0081  -0.0055 -0.0072 12  DC  A O2    
243 N N3    . DC  A 12 ? 0.2487 0.2516 0.2487 0.0076  -0.0027 -0.0052 12  DC  A N3    
244 C C4    . DC  A 12 ? 0.2575 0.2610 0.2546 0.0079  -0.0019 -0.0049 12  DC  A C4    
245 N N4    . DC  A 12 ? 0.2521 0.2548 0.2476 0.0071  -0.0005 -0.0035 12  DC  A N4    
246 C C5    . DC  A 12 ? 0.2549 0.2598 0.2507 0.0091  -0.0025 -0.0059 12  DC  A C5    
247 C C6    . DC  A 12 ? 0.2566 0.2621 0.2537 0.0101  -0.0040 -0.0075 12  DC  A C6    
248 P P     . DG  A 13 ? 0.3172 0.3244 0.3213 0.0120  -0.0082 -0.0113 13  DG  A P     
249 O OP1   . DG  A 13 ? 0.3207 0.3280 0.3262 0.0131  -0.0100 -0.0129 13  DG  A OP1   
250 O OP2   . DG  A 13 ? 0.3150 0.3225 0.3160 0.0116  -0.0064 -0.0097 13  DG  A OP2   
251 O "O5'" . DG  A 13 ? 0.2973 0.3028 0.3048 0.0104  -0.0076 -0.0102 13  DG  A "O5'" 
252 C "C5'" . DG  A 13 ? 0.2953 0.3000 0.3070 0.0103  -0.0093 -0.0111 13  DG  A "C5'" 
253 C "C4'" . DG  A 13 ? 0.2903 0.2940 0.3050 0.0087  -0.0083 -0.0094 13  DG  A "C4'" 
254 O "O4'" . DG  A 13 ? 0.2861 0.2894 0.2988 0.0081  -0.0071 -0.0082 13  DG  A "O4'" 
255 C "C3'" . DG  A 13 ? 0.2904 0.2945 0.3059 0.0076  -0.0065 -0.0078 13  DG  A "C3'" 
256 O "O3'" . DG  A 13 ? 0.2974 0.3017 0.3170 0.0076  -0.0075 -0.0083 13  DG  A "O3'" 
257 C "C2'" . DG  A 13 ? 0.2874 0.2909 0.3037 0.0062  -0.0050 -0.0059 13  DG  A "C2'" 
258 C "C1'" . DG  A 13 ? 0.2830 0.2858 0.2960 0.0067  -0.0051 -0.0062 13  DG  A "C1'" 
259 N N9    . DG  A 13 ? 0.2704 0.2737 0.2792 0.0066  -0.0034 -0.0054 13  DG  A N9    
260 C C8    . DG  A 13 ? 0.2719 0.2760 0.2772 0.0075  -0.0033 -0.0061 13  DG  A C8    
261 N N7    . DG  A 13 ? 0.2603 0.2641 0.2629 0.0072  -0.0019 -0.0049 13  DG  A N7    
262 C C5    . DG  A 13 ? 0.2654 0.2684 0.2692 0.0060  -0.0008 -0.0035 13  DG  A C5    
263 C C6    . DG  A 13 ? 0.2583 0.2608 0.2600 0.0055  0.0009  -0.0022 13  DG  A C6    
264 O O6    . DG  A 13 ? 0.2591 0.2618 0.2579 0.0057  0.0015  -0.0020 13  DG  A O6    
265 N N1    . DG  A 13 ? 0.2522 0.2543 0.2557 0.0046  0.0017  -0.0011 13  DG  A N1    
266 C C2    . DG  A 13 ? 0.2634 0.2656 0.2708 0.0041  0.0011  -0.0009 13  DG  A C2    
267 N N2    . DG  A 13 ? 0.2613 0.2632 0.2700 0.0032  0.0023  0.0007  13  DG  A N2    
268 N N3    . DG  A 13 ? 0.2620 0.2643 0.2718 0.0046  -0.0006 -0.0023 13  DG  A N3    
269 C C4    . DG  A 13 ? 0.2672 0.2698 0.2747 0.0056  -0.0015 -0.0037 13  DG  A C4    
270 P P     . DT  A 14 ? 0.3076 0.3125 0.3280 0.0071  -0.0062 -0.0075 14  DT  A P     
271 O OP1   . DT  A 14 ? 0.3067 0.3120 0.3320 0.0073  -0.0080 -0.0084 14  DT  A OP1   
272 O OP2   . DT  A 14 ? 0.3048 0.3104 0.3206 0.0078  -0.0054 -0.0077 14  DT  A OP2   
273 O "O5'" . DT  A 14 ? 0.2977 0.3025 0.3189 0.0057  -0.0039 -0.0052 14  DT  A "O5'" 
274 C "C5'" . DT  A 14 ? 0.2906 0.2954 0.3165 0.0047  -0.0039 -0.0041 14  DT  A "C5'" 
275 C "C4'" . DT  A 14 ? 0.2844 0.2895 0.3095 0.0037  -0.0012 -0.0019 14  DT  A "C4'" 
276 O "O4'" . DT  A 14 ? 0.2752 0.2797 0.2961 0.0037  -0.0005 -0.0015 14  DT  A "O4'" 
277 C "C3'" . DT  A 14 ? 0.2835 0.2898 0.3071 0.0038  0.0006  -0.0015 14  DT  A "C3'" 
278 O "O3'" . DT  A 14 ? 0.2985 0.3057 0.3264 0.0035  0.0008  -0.0012 14  DT  A "O3'" 
279 C "C2'" . DT  A 14 ? 0.2749 0.2812 0.2958 0.0032  0.0028  0.0001  14  DT  A "C2'" 
280 C "C1'" . DT  A 14 ? 0.2709 0.2759 0.2890 0.0033  0.0018  -0.0003 14  DT  A "C1'" 
281 N N1    . DT  A 14 ? 0.2536 0.2583 0.2668 0.0041  0.0020  -0.0011 14  DT  A N1    
282 C C2    . DT  A 14 ? 0.2552 0.2598 0.2650 0.0039  0.0036  -0.0003 14  DT  A C2    
283 O O2    . DT  A 14 ? 0.2549 0.2596 0.2650 0.0034  0.0051  0.0012  14  DT  A O2    
284 N N3    . DT  A 14 ? 0.2425 0.2469 0.2486 0.0046  0.0034  -0.0010 14  DT  A N3    
285 C C4    . DT  A 14 ? 0.2398 0.2443 0.2450 0.0054  0.0021  -0.0022 14  DT  A C4    
286 O O4    . DT  A 14 ? 0.2254 0.2298 0.2276 0.0059  0.0022  -0.0024 14  DT  A O4    
287 C C5    . DT  A 14 ? 0.2429 0.2477 0.2512 0.0057  0.0004  -0.0033 14  DT  A C5    
288 C C7    . DT  A 14 ? 0.2316 0.2367 0.2387 0.0068  -0.0011 -0.0047 14  DT  A C7    
289 C C6    . DT  A 14 ? 0.2479 0.2527 0.2600 0.0050  0.0005  -0.0028 14  DT  A C6    
290 P P     . DG  A 15 ? 0.3069 0.3152 0.3343 0.0039  0.0014  -0.0018 15  DG  A P     
291 O OP1   . DG  A 15 ? 0.3149 0.3240 0.3479 0.0036  0.0013  -0.0013 15  DG  A OP1   
292 O OP2   . DG  A 15 ? 0.3063 0.3140 0.3303 0.0050  0.0000  -0.0036 15  DG  A OP2   
293 O "O5'" . DG  A 15 ? 0.3039 0.3127 0.3278 0.0038  0.0040  -0.0007 15  DG  A "O5'" 
294 C "C5'" . DG  A 15 ? 0.2989 0.3088 0.3248 0.0031  0.0060  0.0012  15  DG  A "C5'" 
295 C "C4'" . DG  A 15 ? 0.2900 0.3000 0.3114 0.0033  0.0080  0.0019  15  DG  A "C4'" 
296 O "O4'" . DG  A 15 ? 0.2791 0.2876 0.2963 0.0034  0.0076  0.0018  15  DG  A "O4'" 
297 C "C3'" . DG  A 15 ? 0.2849 0.2953 0.3042 0.0041  0.0083  0.0008  15  DG  A "C3'" 
298 O "O3'" . DG  A 15 ? 0.2907 0.3029 0.3131 0.0042  0.0095  0.0011  15  DG  A "O3'" 
299 C "C2'" . DG  A 15 ? 0.2773 0.2871 0.2916 0.0044  0.0095  0.0011  15  DG  A "C2'" 
300 C "C1'" . DG  A 15 ? 0.2752 0.2835 0.2882 0.0040  0.0084  0.0014  15  DG  A "C1'" 
301 N N9    . DG  A 15 ? 0.2554 0.2627 0.2658 0.0045  0.0068  0.0000  15  DG  A N9    
302 C C8    . DG  A 15 ? 0.2512 0.2582 0.2629 0.0047  0.0048  -0.0011 15  DG  A C8    
303 N N7    . DG  A 15 ? 0.2514 0.2578 0.2601 0.0052  0.0040  -0.0019 15  DG  A N7    
304 C C5    . DG  A 15 ? 0.2439 0.2501 0.2494 0.0053  0.0053  -0.0013 15  DG  A C5    
305 C C6    . DG  A 15 ? 0.2396 0.2452 0.2416 0.0057  0.0050  -0.0015 15  DG  A C6    
306 O O6    . DG  A 15 ? 0.2395 0.2450 0.2404 0.0061  0.0038  -0.0022 15  DG  A O6    
307 N N1    . DG  A 15 ? 0.2419 0.2471 0.2418 0.0057  0.0062  -0.0009 15  DG  A N1    
308 C C2    . DG  A 15 ? 0.2427 0.2484 0.2432 0.0054  0.0077  -0.0002 15  DG  A C2    
309 N N2    . DG  A 15 ? 0.2416 0.2468 0.2393 0.0057  0.0086  0.0001  15  DG  A N2    
310 N N3    . DG  A 15 ? 0.2411 0.2475 0.2448 0.0050  0.0083  0.0002  15  DG  A N3    
311 C C4    . DG  A 15 ? 0.2505 0.2571 0.2568 0.0049  0.0069  -0.0003 15  DG  A C4    
312 P P     . DC  A 16 ? 0.3015 0.3141 0.3242 0.0049  0.0089  -0.0003 16  DC  A P     
313 O OP1   . DC  A 16 ? 0.2965 0.3111 0.3234 0.0048  0.0103  0.0003  16  DC  A OP1   
314 O OP2   . DC  A 16 ? 0.2989 0.3105 0.3219 0.0052  0.0065  -0.0017 16  DC  A OP2   
315 O "O5'" . DC  A 16 ? 0.2838 0.2959 0.3016 0.0056  0.0098  -0.0007 16  DC  A "O5'" 
316 C "C5'" . DC  A 16 ? 0.2727 0.2857 0.2888 0.0058  0.0119  0.0001  16  DC  A "C5'" 
317 C "C4'" . DC  A 16 ? 0.2642 0.2760 0.2754 0.0064  0.0119  -0.0005 16  DC  A "C4'" 
318 O "O4'" . DC  A 16 ? 0.2530 0.2633 0.2617 0.0061  0.0108  -0.0004 16  DC  A "O4'" 
319 C "C3'" . DC  A 16 ? 0.2623 0.2738 0.2730 0.0071  0.0106  -0.0020 16  DC  A "C3'" 
320 O "O3'" . DC  A 16 ? 0.2550 0.2678 0.2666 0.0078  0.0118  -0.0023 16  DC  A "O3'" 
321 C "C2'" . DC  A 16 ? 0.2539 0.2639 0.2602 0.0074  0.0100  -0.0021 16  DC  A "C2'" 
322 C "C1'" . DC  A 16 ? 0.2544 0.2636 0.2601 0.0066  0.0098  -0.0013 16  DC  A "C1'" 
323 N N1    . DC  A 16 ? 0.2410 0.2492 0.2468 0.0064  0.0079  -0.0017 16  DC  A N1    
324 C C2    . DC  A 16 ? 0.2404 0.2476 0.2430 0.0067  0.0070  -0.0020 16  DC  A C2    
325 O O2    . DC  A 16 ? 0.2413 0.2479 0.2413 0.0069  0.0076  -0.0018 16  DC  A O2    
326 N N3    . DC  A 16 ? 0.2273 0.2342 0.2299 0.0066  0.0055  -0.0023 16  DC  A N3    
327 C C4    . DC  A 16 ? 0.2289 0.2363 0.2343 0.0065  0.0047  -0.0027 16  DC  A C4    
328 N N4    . DC  A 16 ? 0.2163 0.2234 0.2209 0.0068  0.0033  -0.0031 16  DC  A N4    
329 C C5    . DC  A 16 ? 0.2280 0.2361 0.2368 0.0062  0.0053  -0.0026 16  DC  A C5    
330 C C6    . DC  A 16 ? 0.2366 0.2454 0.2456 0.0061  0.0071  -0.0020 16  DC  A C6    
331 P P     . DC  A 17 ? 0.2730 0.2863 0.2867 0.0083  0.0106  -0.0036 17  DC  A P     
332 O OP1   . DC  A 17 ? 0.2759 0.2910 0.2917 0.0090  0.0122  -0.0038 17  DC  A OP1   
333 O OP2   . DC  A 17 ? 0.2699 0.2826 0.2858 0.0079  0.0089  -0.0038 17  DC  A OP2   
334 O "O5'" . DC  A 17 ? 0.2601 0.2719 0.2701 0.0089  0.0096  -0.0044 17  DC  A "O5'" 
335 C "C5'" . DC  A 17 ? 0.2502 0.2615 0.2571 0.0096  0.0105  -0.0046 17  DC  A "C5'" 
336 C "C4'" . DC  A 17 ? 0.2406 0.2501 0.2446 0.0098  0.0088  -0.0049 17  DC  A "C4'" 
337 O "O4'" . DC  A 17 ? 0.2369 0.2455 0.2400 0.0090  0.0079  -0.0042 17  DC  A "O4'" 
338 C "C3'" . DC  A 17 ? 0.2393 0.2485 0.2446 0.0102  0.0072  -0.0059 17  DC  A "C3'" 
339 O "O3'" . DC  A 17 ? 0.2414 0.2494 0.2446 0.0109  0.0064  -0.0062 17  DC  A "O3'" 
340 C "C2'" . DC  A 17 ? 0.2320 0.2408 0.2381 0.0095  0.0059  -0.0052 17  DC  A "C2'" 
341 C "C1'" . DC  A 17 ? 0.2296 0.2376 0.2331 0.0090  0.0062  -0.0044 17  DC  A "C1'" 
342 N N1    . DC  A 17 ? 0.2227 0.2306 0.2268 0.0083  0.0054  -0.0040 17  DC  A N1    
343 C C2    . DC  A 17 ? 0.2205 0.2275 0.2224 0.0081  0.0044  -0.0036 17  DC  A C2    
344 O O2    . DC  A 17 ? 0.2197 0.2260 0.2196 0.0083  0.0041  -0.0034 17  DC  A O2    
345 N N3    . DC  A 17 ? 0.2103 0.2175 0.2128 0.0078  0.0038  -0.0034 17  DC  A N3    
346 C C4    . DC  A 17 ? 0.2127 0.2206 0.2177 0.0077  0.0038  -0.0037 17  DC  A C4    
347 N N4    . DC  A 17 ? 0.2155 0.2234 0.2210 0.0076  0.0028  -0.0038 17  DC  A N4    
348 C C5    . DC  A 17 ? 0.2266 0.2353 0.2343 0.0077  0.0048  -0.0039 17  DC  A C5    
349 C C6    . DC  A 17 ? 0.2248 0.2336 0.2319 0.0081  0.0057  -0.0041 17  DC  A C6    
350 P P     . DC  A 18 ? 0.2518 0.2591 0.2559 0.0112  0.0044  -0.0068 18  DC  A P     
351 O OP1   . DC  A 18 ? 0.2462 0.2528 0.2489 0.0122  0.0043  -0.0076 18  DC  A OP1   
352 O OP2   . DC  A 18 ? 0.2448 0.2530 0.2522 0.0111  0.0039  -0.0071 18  DC  A OP2   
353 O "O5'" . DC  A 18 ? 0.2523 0.2585 0.2550 0.0105  0.0030  -0.0057 18  DC  A "O5'" 
354 C "C5'" . DC  A 18 ? 0.2574 0.2623 0.2572 0.0104  0.0029  -0.0053 18  DC  A "C5'" 
355 C "C4'" . DC  A 18 ? 0.2611 0.2652 0.2606 0.0100  0.0012  -0.0043 18  DC  A "C4'" 
356 O "O4'" . DC  A 18 ? 0.2530 0.2577 0.2523 0.0093  0.0013  -0.0035 18  DC  A "O4'" 
357 C "C3'" . DC  A 18 ? 0.2706 0.2745 0.2720 0.0103  -0.0004 -0.0044 18  DC  A "C3'" 
358 O "O3'" . DC  A 18 ? 0.3024 0.3057 0.3033 0.0101  -0.0017 -0.0036 18  DC  A "O3'" 
359 C "C2'" . DC  A 18 ? 0.2631 0.2682 0.2659 0.0098  -0.0007 -0.0040 18  DC  A "C2'" 
360 C "C1'" . DC  A 18 ? 0.2520 0.2572 0.2529 0.0093  0.0000  -0.0032 18  DC  A "C1'" 
361 N N1    . DC  A 18 ? 0.2383 0.2446 0.2402 0.0091  0.0005  -0.0033 18  DC  A N1    
362 C C2    . DC  A 18 ? 0.2345 0.2412 0.2359 0.0089  -0.0003 -0.0026 18  DC  A C2    
363 O O2    . DC  A 18 ? 0.2343 0.2408 0.2344 0.0088  -0.0010 -0.0018 18  DC  A O2    
364 N N3    . DC  A 18 ? 0.2234 0.2308 0.2257 0.0088  -0.0002 -0.0032 18  DC  A N3    
365 C C4    . DC  A 18 ? 0.2260 0.2337 0.2302 0.0087  0.0006  -0.0039 18  DC  A C4    
366 N N4    . DC  A 18 ? 0.2168 0.2250 0.2224 0.0086  0.0005  -0.0043 18  DC  A N4    
367 C C5    . DC  A 18 ? 0.2307 0.2382 0.2355 0.0089  0.0018  -0.0043 18  DC  A C5    
368 C C6    . DC  A 18 ? 0.2309 0.2377 0.2343 0.0090  0.0016  -0.0042 18  DC  A C6    
369 P P     . DT  A 19 ? 0.3644 0.3467 0.4099 -0.0011 0.0177  -0.0183 19  DT  A P     
370 O OP1   . DT  A 19 ? 0.3631 0.3815 0.3985 -0.0062 0.0151  -0.0323 19  DT  A OP1   
371 O OP2   . DT  A 19 ? 0.3916 0.3376 0.4537 0.0178  0.0387  -0.0122 19  DT  A OP2   
372 O "O5'" . DT  A 19 ? 0.3694 0.3499 0.4140 -0.0199 0.0125  -0.0235 19  DT  A "O5'" 
373 C "C5'" . DT  A 19 ? 0.3722 0.4033 0.4092 -0.0318 0.0041  -0.0236 19  DT  A "C5'" 
374 C "C4'" . DT  A 19 ? 0.3743 0.4267 0.4158 -0.0394 0.0009  -0.0104 19  DT  A "C4'" 
375 O "O4'" . DT  A 19 ? 0.3642 0.3822 0.4076 -0.0207 0.0018  0.0112  19  DT  A "O4'" 
376 C "C3'" . DT  A 19 ? 0.4107 0.4503 0.4550 -0.0675 0.0077  -0.0336 19  DT  A "C3'" 
377 O "O3'" . DT  A 19 ? 0.4245 0.5474 0.4662 -0.0940 0.0020  -0.0315 19  DT  A "O3'" 
378 C "C2'" . DT  A 19 ? 0.4054 0.3947 0.4608 -0.0518 0.0099  -0.0146 19  DT  A "C2'" 
379 C "C1'" . DT  A 19 ? 0.3710 0.3774 0.4227 -0.0274 0.0025  0.0124  19  DT  A "C1'" 
380 N N1    . DT  A 19 ? 0.3682 0.3432 0.4213 -0.0142 0.0049  0.0231  19  DT  A N1    
381 C C2    . DT  A 19 ? 0.3702 0.3524 0.4270 -0.0116 0.0057  0.0367  19  DT  A C2    
382 O O2    . DT  A 19 ? 0.3743 0.3846 0.4356 -0.0159 0.0045  0.0446  19  DT  A O2    
383 N N3    . DT  A 19 ? 0.3714 0.3510 0.4260 -0.0068 0.0082  0.0431  19  DT  A N3    
384 C C4    . DT  A 19 ? 0.3719 0.3580 0.4215 -0.0071 0.0089  0.0419  19  DT  A C4    
385 O O4    . DT  A 19 ? 0.3793 0.3993 0.4254 -0.0111 0.0105  0.0500  19  DT  A O4    
386 C C5    . DT  A 19 ? 0.3663 0.3433 0.4145 -0.0060 0.0079  0.0324  19  DT  A C5    
387 C C7    . DT  A 19 ? 0.3562 0.3646 0.4007 -0.0056 0.0085  0.0376  19  DT  A C7    
388 C C6    . DT  A 19 ? 0.3659 0.3310 0.4153 -0.0084 0.0065  0.0214  19  DT  A C6    
404 O O     . HOH D .  ? 0.2960 0.3041 0.3067 0.0072  0.0008  -0.0048 202 HOH A O     
405 O O     . HOH D .  ? 0.2668 0.2785 0.2804 0.0116  0.0062  -0.0081 203 HOH A O     
406 O O     . HOH D .  ? 0.2358 0.2215 0.2178 0.0044  -0.0046 0.0035  204 HOH A O     
407 O O     . HOH D .  ? 0.7091 0.7101 0.6943 0.0066  0.0015  0.0022  205 HOH A O     
408 O O     . HOH D .  ? 0.4259 0.4282 0.4131 0.0071  0.0012  -0.0003 206 HOH A O     
409 O O     . HOH D .  ? 0.3028 0.2967 0.2884 0.0045  0.0006  0.0019  207 HOH A O     
410 O O     . HOH D .  ? 0.3138 0.3119 0.3021 0.0054  0.0011  0.0002  208 HOH A O     
411 O O     . HOH D .  ? 0.2706 0.2564 0.2623 0.0017  -0.0048 0.0051  209 HOH A O     
412 O O     . HOH D .  ? 0.3111 0.3129 0.3300 0.0033  -0.0022 -0.0013 210 HOH A O     
413 O O     . HOH D .  ? 0.3360 0.3213 0.3201 -0.0402 0.0380  0.0067  211 HOH A O     
414 O O     . HOH D .  ? 0.4762 0.4770 0.4669 0.0062  0.0010  -0.0013 212 HOH A O     
415 O O     . HOH D .  ? 0.2651 0.2832 0.2492 0.0177  -0.0043 -0.0081 213 HOH A O     
416 O O     . HOH D .  ? 0.4769 0.4826 0.4744 0.0085  -0.0015 -0.0053 214 HOH A O     
417 O O     . HOH D .  ? 0.2686 0.2595 0.2527 0.0034  0.0008  0.0038  215 HOH A O     
418 O O     . HOH D .  ? 0.7562 0.8210 0.8332 -0.0984 0.0050  0.0241  216 HOH A O     
419 O O     . HOH D .  ? 0.4547 0.4447 0.4305 0.0051  0.0026  0.0038  217 HOH A O     
420 O O     . HOH D .  ? 0.3404 0.3466 0.3546 0.0021  0.0079  0.0044  218 HOH A O     
421 O O     . HOH D .  ? 0.3590 0.3656 0.3746 0.0068  -0.0022 -0.0058 219 HOH A O     
422 O O     . HOH D .  ? 0.5899 0.5829 0.5702 0.0051  0.0019  0.0027  220 HOH A O     
423 O O     . HOH D .  ? 0.4329 0.4413 0.4375 0.0048  0.0119  0.0024  221 HOH A O     
424 O O     . HOH D .  ? 0.3695 0.3749 0.3677 0.0074  0.0006  -0.0036 222 HOH A O     
425 O O     . HOH D .  ? 0.4502 0.4577 0.4607 0.0122  0.0007  -0.0084 223 HOH A O     
426 O O     . HOH D .  ? 0.4333 0.4569 0.4886 -0.0034 0.0134  0.0640  224 HOH A O     
427 O O     . HOH D .  ? 0.3733 0.3609 0.3738 0.0008  -0.0055 0.0050  225 HOH A O     
428 O O     . HOH D .  ? 0.4814 0.4721 0.4795 0.0002  -0.0005 0.0077  226 HOH A O     
429 O O     . HOH D .  ? 0.4304 0.4402 0.4322 0.0066  0.0138  0.0012  227 HOH A O     
430 O O     . HOH D .  ? 0.3922 0.3964 0.3816 0.0082  0.0002  -0.0023 228 HOH A O     
431 O O     . HOH D .  ? 0.4681 0.4696 0.4798 0.0090  -0.0095 -0.0098 229 HOH A O     
432 O O     . HOH D .  ? 0.3710 0.3736 0.3882 0.0016  0.0025  0.0030  230 HOH A O     
433 O O     . HOH D .  ? 0.3765 0.5467 0.3990 -0.0459 0.0135  0.0594  231 HOH A O     
434 O O     . HOH D .  ? 0.4949 0.5056 0.5133 0.0065  0.0047  -0.0037 232 HOH A O     
435 O O     . HOH D .  ? 0.2431 0.2494 0.2456 0.0072  0.0011  -0.0038 233 HOH A O     
436 O O     . HOH D .  ? 0.5952 0.5972 0.6118 0.0106  -0.0131 -0.0129 234 HOH A O     
437 O O     . HOH D .  ? 0.3764 0.3596 0.3762 0.0011  -0.0094 0.0047  235 HOH A O     
439 O O     . HOH D .  ? 0.3991 0.3863 0.3744 0.0056  -0.0009 0.0034  237 HOH A O     
440 O O     . HOH D .  ? 0.1672 0.1732 0.1559 0.0105  -0.0014 -0.0031 238 HOH A O     
441 O O     . HOH D .  ? 0.4608 0.4658 0.4485 0.0078  0.0015  -0.0002 239 HOH A O     
442 O O     . HOH D .  ? 0.2794 0.2973 0.2633 0.0141  0.0007  -0.0009 240 HOH A O     
443 O O     . HOH D .  ? 0.3044 0.3272 0.2857 0.0174  -0.0001 -0.0025 241 HOH A O     
445 O O     . HOH D .  ? 0.5103 0.5065 0.4925 0.0059  0.0021  0.0020  243 HOH A O     
446 O O     . HOH D .  ? 0.3837 0.3794 0.3738 0.0044  0.0001  0.0008  244 HOH A O     
447 O O     . HOH D .  ? 0.5031 0.4972 0.4902 0.0033  0.0027  0.0035  245 HOH A O     
448 O O     . HOH D .  ? 0.4700 0.4685 0.4555 0.0060  0.0012  0.0009  246 HOH A O     
449 O O     . HOH D .  ? 0.6964 0.6939 0.6801 0.0061  0.0008  0.0029  247 HOH A O     
450 O O     . HOH D .  ? 0.4556 0.4327 0.4469 -0.0041 -0.0062 0.0219  248 HOH A O     
451 O O     . HOH D .  ? 0.4099 0.4179 0.3999 0.0101  -0.0008 -0.0040 249 HOH A O     
452 O O     . HOH D .  ? 0.5035 0.5126 0.5228 0.0057  0.0026  -0.0034 250 HOH A O     
453 O O     . HOH D .  ? 0.5118 0.5293 0.5266 0.0142  0.0131  -0.0092 251 HOH A O     
454 O O     . HOH D .  ? 0.3564 0.3735 0.3650 0.0176  0.0136  -0.0118 252 HOH A O     
455 O O     . HOH D .  ? 0.3997 0.4115 0.4048 0.0127  0.0106  -0.0075 253 HOH A O     
456 O O     . HOH D .  ? 0.4906 0.4937 0.4962 0.0101  -0.0059 -0.0023 254 HOH A O     
457 O O     . HOH D .  ? 0.5020 0.4807 0.5048 0.0006  -0.0139 0.0052  255 HOH A O     
458 O O     . HOH D .  ? 0.3162 0.3183 0.3116 0.0123  0.0019  -0.0068 256 HOH A O     
459 O O     . HOH D .  ? 0.5951 0.6002 0.5812 0.0076  0.0014  0.0027  257 HOH A O     
460 O O     . HOH D .  ? 0.3595 0.3711 0.3754 0.0085  0.0054  -0.0054 258 HOH A O     
461 O O     . HOH D .  ? 0.4200 0.4062 0.4207 -0.0022 -0.0028 0.0132  259 HOH A O     
462 O O     . HOH D .  ? 0.3571 0.3643 0.3580 0.0089  -0.0018 -0.0057 260 HOH A O     
463 O O     . HOH D .  ? 0.5679 0.5754 0.5742 0.0158  -0.0140 -0.0168 261 HOH A O     
464 O O     . HOH D .  ? 0.6248 0.5486 0.7216 -0.0249 0.0258  0.0444  262 HOH A O     
465 O O     . HOH D .  ? 0.6199 0.6359 0.6364 0.0110  0.0120  -0.0062 263 HOH A O     
466 O O     . HOH D .  ? 0.3296 0.3364 0.3391 0.0065  0.0008  -0.0041 264 HOH A O     
467 O O     . HOH D .  ? 0.5065 0.5239 0.5197 0.0104  0.0160  -0.0033 265 HOH A O     
468 O O     . HOH D .  ? 0.5882 0.5594 0.6622 0.0743  0.0773  -0.0028 266 HOH A O     
469 O O     . HOH D .  ? 0.2919 0.2789 0.2886 0.0033  -0.0079 0.0011  267 HOH A O     
470 O O     . HOH D .  ? 0.6097 0.5994 0.6151 0.0002  -0.0044 0.0058  268 HOH A O     
471 O O     . HOH D .  ? 0.4575 0.4645 0.4690 0.0122  -0.0109 -0.0128 269 HOH A O     
472 O O     . HOH D .  ? 0.6139 0.6209 0.6005 0.0086  0.0013  0.0007  270 HOH A O     
473 O O     . HOH D .  ? 0.4732 0.4799 0.4818 0.0099  -0.0062 -0.0092 271 HOH A O     
474 O O     . HOH D .  ? 0.6353 0.6366 0.6587 0.0066  -0.0099 -0.0077 272 HOH A O     
475 O O     . HOH D .  ? 0.3329 0.3478 0.3180 0.0131  -0.0005 -0.0022 273 HOH A O     
476 O O     . HOH D .  ? 0.6003 0.6196 0.5835 0.0142  -0.0005 0.0010  274 HOH A O     
477 O O     . HOH D .  ? 0.5417 0.4559 0.5952 -0.1137 -0.0038 -0.1016 275 HOH A O     
# 
